data_6ZBB
#
_entry.id   6ZBB
#
_cell.length_a   1.00
_cell.length_b   1.00
_cell.length_c   1.00
_cell.angle_alpha   90.00
_cell.angle_beta   90.00
_cell.angle_gamma   90.00
#
_symmetry.space_group_name_H-M   'P 1'
#
loop_
_entity.id
_entity.type
_entity.pdbx_description
1 polymer 'ATP synthase protein 8'
2 polymer 'ATP synthase F(0) complex subunit C1, mitochondrial'
3 polymer 'ATP synthase subunit a'
4 polymer 'ATP synthase F(0) complex subunit B1, mitochondrial'
5 polymer 'ATP synthase subunit d, mitochondrial'
6 polymer 'ATP synthase subunit e, mitochondrial'
7 polymer 'ATP synthase subunit f, mitochondrial'
8 polymer 'ATP synthase subunit g, mitochondrial'
9 polymer 'ATP synthase subunit ATP5MPL, mitochondrial'
10 polymer 'ATP synthase membrane subunit DAPIT, mitochondrial'
11 non-polymer CARDIOLIPIN
12 non-polymer 1,2-DIPALMITOYL-PHOSPHATIDYL-GLYCEROLE
#
loop_
_entity_poly.entity_id
_entity_poly.type
_entity_poly.pdbx_seq_one_letter_code
_entity_poly.pdbx_strand_id
1 'polypeptide(L)' MPQLDTSTWLTMILSMFLTLFIIFQLKVSKHNFYHNPELTPTKMLKQNTPWETKWTKIYLPLLLPL 8
2 'polypeptide(L)' DIDTAAKFIGAGAATVGVAGSGAGIGTVFGSLIIGYARNPSL(M3L)QQLFSYAILGFALSEAMGLFCLMVAFLILFAM K,L,M,N,O,P,Q,R
3 'polypeptide(L)'
;MNENLFTSFITPVILGLPLVTLIVLFPSLLFPTSNRLVSNRFVTLQQWMLQLVSKQMMSIHNSKGQTWTLMLMSLILFIG
STNLLGLLPHSFTPTTQLSMNLGMAIPLWAGAVITGFRNKTKASLAHFLPQGTPTPLIPMLVIIETISLFIQPMALAVRL
TANITAGHLLIHLIGGATLALMSISTTTALITFTILILLTILEFAVAMIQAYVFTLLVSLYLHDNT
;
a
4 'polypeptide(L)'
;PVPPLPEHGGKVRFGLIPEEFFQFLYPKTGVTGPYVLGTGLILYLLSKEIYVITPETFSAISTIGFLVYIVKKYGASVGE
FADKLNEQKIAQLEEVKQASIKQIQDAIDMEKSQQALVQKRHYLFDVQRNNIAMALEVTYRERLHRVYREVKNRLDYHIS
VQNMMRQKEQEHMINWVEKRVVQSISAQQEKETIAKCIADLKLLSKKAQAQPVM
;
b
5 'polypeptide(L)'
;AGRKLALKTIDWVAFGEIIPRNQKAVANSLKSWNETLTSRLATLPEKPPAIDWAYYKANVAKAGLVDDFEKKFNALKVPI
PEDKYTAQVDAEEKEDVKSCAEFLTQSKTRIQEYEKELEKMRNIIPFDQMTIEDLNEVFPETKLDKKKYPYWPHRPIETL
;
d
6 'polypeptide(L)' VPPVQVSPLIKLGRYSALFLGMAYGAKRYNYLKPRAEEERRLAAEEKKKRDEQKRIERELAEAQEDTILK e
7 'polypeptide(L)'
;ASVVPLKEKKLLEVKLGELPSWILMRDFTPSGIAGAFQRGYYRYYNKYVNVKKGSIAGLSMVLAAYVFLNYCRSYKELKH
ERLRKYH
;
f
8 'polypeptide(L)'
;AEFVRNLAEKAPALVNAAVTYSKPRLATFWYYAKVELVPPTPAEIPTAIQSLKKIINSAKTGSFKQLTVKEALLNGLVAT
EVWMWFYVGEIIGKRGIIGYDV
;
g
9 'polypeptide(L)' MLQSLIKKVWIPMKPYYTQAYQEIWVGTGLMAYIVYKIRSADKRSKALKASSAAPAHGHH j
10 'polypeptide(L)' AGPEADAQFHFTGIKKYFNSYTLTGRMNCVLATYGSIALIVLYFKLRSKKTPAVKAT k
#
loop_
_chem_comp.id
_chem_comp.type
_chem_comp.name
_chem_comp.formula
CDL non-polymer CARDIOLIPIN 'C81 H156 O17 P2 -2'
LHG non-polymer 1,2-DIPALMITOYL-PHOSPHATIDYL-GLYCEROLE 'C38 H75 O10 P'
#
# COMPACT_ATOMS: atom_id res chain seq x y z
N MET A 1 -6.04 10.10 -17.51
CA MET A 1 -5.40 9.85 -16.19
C MET A 1 -5.69 11.02 -15.25
N PRO A 2 -6.71 10.87 -14.40
CA PRO A 2 -7.15 12.02 -13.61
C PRO A 2 -6.06 12.65 -12.78
N GLN A 3 -5.16 11.86 -12.20
CA GLN A 3 -4.15 12.43 -11.32
C GLN A 3 -3.26 13.43 -12.04
N LEU A 4 -3.19 13.39 -13.37
CA LEU A 4 -2.32 14.25 -14.15
C LEU A 4 -3.04 15.46 -14.73
N ASP A 5 -4.30 15.68 -14.38
CA ASP A 5 -5.03 16.87 -14.83
C ASP A 5 -4.56 18.01 -13.95
N THR A 6 -3.51 18.70 -14.38
CA THR A 6 -2.85 19.67 -13.53
C THR A 6 -3.76 20.84 -13.14
N SER A 7 -4.87 21.04 -13.87
CA SER A 7 -5.71 22.19 -13.59
C SER A 7 -6.09 22.27 -12.12
N THR A 8 -6.39 21.13 -11.50
CA THR A 8 -6.86 21.11 -10.12
C THR A 8 -5.75 21.14 -9.10
N TRP A 9 -4.49 20.93 -9.52
CA TRP A 9 -3.45 20.67 -8.53
C TRP A 9 -3.46 21.71 -7.42
N LEU A 10 -3.57 22.98 -7.78
CA LEU A 10 -3.48 24.03 -6.76
C LEU A 10 -4.52 23.81 -5.66
N THR A 11 -5.78 23.60 -6.04
CA THR A 11 -6.80 23.49 -5.01
C THR A 11 -6.55 22.29 -4.10
N MET A 12 -5.81 21.29 -4.57
CA MET A 12 -5.48 20.18 -3.70
C MET A 12 -4.38 20.54 -2.72
N ILE A 13 -3.42 21.35 -3.14
CA ILE A 13 -2.34 21.73 -2.24
C ILE A 13 -2.88 22.55 -1.08
N LEU A 14 -3.65 23.60 -1.38
CA LEU A 14 -4.12 24.48 -0.33
C LEU A 14 -5.01 23.74 0.66
N SER A 15 -6.04 23.04 0.15
CA SER A 15 -6.89 22.29 1.04
C SER A 15 -6.09 21.33 1.91
N MET A 16 -4.88 20.98 1.50
CA MET A 16 -4.03 20.17 2.37
C MET A 16 -3.32 21.02 3.40
N PHE A 17 -2.64 22.09 2.98
CA PHE A 17 -1.95 22.94 3.93
C PHE A 17 -2.91 23.38 5.03
N LEU A 18 -4.05 23.94 4.63
CA LEU A 18 -5.00 24.42 5.61
C LEU A 18 -5.37 23.32 6.59
N THR A 19 -5.45 22.08 6.13
CA THR A 19 -5.82 20.99 7.01
C THR A 19 -4.66 20.45 7.81
N LEU A 20 -3.44 20.53 7.31
CA LEU A 20 -2.32 19.86 7.94
C LEU A 20 -1.31 20.79 8.58
N PHE A 21 -1.42 22.09 8.34
CA PHE A 21 -0.55 23.05 9.01
C PHE A 21 -1.31 24.05 9.85
N ILE A 22 -2.64 23.98 9.88
CA ILE A 22 -3.44 24.92 10.65
C ILE A 22 -4.40 24.18 11.56
N ILE A 23 -5.15 23.23 11.02
CA ILE A 23 -6.22 22.58 11.78
C ILE A 23 -5.66 21.47 12.64
N PHE A 24 -5.08 20.45 12.02
CA PHE A 24 -4.58 19.33 12.80
C PHE A 24 -3.50 19.77 13.78
N GLN A 25 -2.59 20.62 13.34
CA GLN A 25 -1.54 21.06 14.25
C GLN A 25 -2.12 21.84 15.42
N LEU A 26 -3.31 22.39 15.27
CA LEU A 26 -4.00 22.93 16.42
C LEU A 26 -4.53 21.80 17.30
N LYS A 27 -5.43 20.98 16.77
CA LYS A 27 -6.14 20.04 17.61
C LYS A 27 -5.21 19.08 18.32
N VAL A 28 -4.07 18.73 17.71
CA VAL A 28 -3.11 17.91 18.41
C VAL A 28 -2.49 18.69 19.55
N SER A 29 -2.25 19.98 19.35
CA SER A 29 -1.62 20.80 20.37
C SER A 29 -2.55 21.14 21.53
N LYS A 30 -3.77 20.63 21.53
CA LYS A 30 -4.69 20.86 22.63
C LYS A 30 -4.76 19.68 23.58
N HIS A 31 -3.90 18.68 23.40
CA HIS A 31 -3.71 17.63 24.38
C HIS A 31 -2.53 18.01 25.27
N ASN A 32 -2.67 17.75 26.57
CA ASN A 32 -1.69 18.24 27.53
C ASN A 32 -0.55 17.25 27.77
N PHE A 33 -0.87 16.03 28.20
CA PHE A 33 0.10 15.11 28.78
C PHE A 33 0.76 15.75 30.00
N TYR A 34 -0.07 16.05 30.99
CA TYR A 34 0.41 16.73 32.19
C TYR A 34 1.46 15.89 32.90
N HIS A 35 2.47 16.56 33.45
CA HIS A 35 3.46 15.87 34.26
C HIS A 35 2.75 15.12 35.38
N ASN A 36 2.77 13.80 35.35
CA ASN A 36 2.08 13.05 36.39
C ASN A 36 2.73 13.36 37.73
N PRO A 37 1.97 13.79 38.73
CA PRO A 37 2.58 14.22 39.98
C PRO A 37 3.26 13.05 40.69
N GLU A 38 4.28 13.39 41.47
CA GLU A 38 4.98 12.41 42.27
C GLU A 38 4.43 12.44 43.69
N LEU A 39 5.03 11.64 44.57
CA LEU A 39 4.54 11.49 45.93
C LEU A 39 5.37 12.24 46.97
N THR A 40 6.60 12.62 46.64
CA THR A 40 7.46 13.27 47.60
C THR A 40 6.95 14.67 47.93
N PRO A 41 7.35 15.22 49.09
CA PRO A 41 6.93 16.57 49.47
C PRO A 41 7.30 17.62 48.41
N ASP B 1 16.41 -1.71 -42.40
CA ASP B 1 16.21 -3.12 -42.80
C ASP B 1 15.79 -3.96 -41.61
N ILE B 2 14.97 -4.97 -41.86
CA ILE B 2 14.49 -5.84 -40.79
C ILE B 2 15.64 -6.60 -40.17
N ASP B 3 16.63 -6.99 -40.97
CA ASP B 3 17.76 -7.75 -40.43
C ASP B 3 18.52 -6.95 -39.39
N THR B 4 18.82 -5.68 -39.70
CA THR B 4 19.49 -4.84 -38.72
C THR B 4 18.62 -4.65 -37.49
N ALA B 5 17.32 -4.48 -37.69
CA ALA B 5 16.42 -4.32 -36.56
C ALA B 5 16.51 -5.53 -35.63
N ALA B 6 16.34 -6.73 -36.16
CA ALA B 6 16.38 -7.91 -35.31
C ALA B 6 17.75 -8.13 -34.71
N LYS B 7 18.81 -7.73 -35.42
CA LYS B 7 20.14 -7.78 -34.82
C LYS B 7 20.16 -6.94 -33.55
N PHE B 8 19.66 -5.71 -33.64
CA PHE B 8 19.64 -4.85 -32.46
C PHE B 8 18.78 -5.46 -31.35
N ILE B 9 17.62 -6.00 -31.73
CA ILE B 9 16.70 -6.53 -30.73
C ILE B 9 17.37 -7.67 -29.98
N GLY B 10 17.99 -8.58 -30.74
CA GLY B 10 18.65 -9.72 -30.13
C GLY B 10 19.82 -9.30 -29.25
N ALA B 11 20.56 -8.28 -29.68
CA ALA B 11 21.65 -7.79 -28.84
C ALA B 11 21.11 -7.27 -27.52
N GLY B 12 20.07 -6.44 -27.58
CA GLY B 12 19.49 -5.89 -26.36
C GLY B 12 18.94 -6.97 -25.45
N ALA B 13 18.36 -8.02 -26.03
CA ALA B 13 17.82 -9.10 -25.21
C ALA B 13 18.93 -9.94 -24.60
N ALA B 14 19.95 -10.28 -25.39
CA ALA B 14 21.02 -11.12 -24.88
C ALA B 14 21.79 -10.44 -23.76
N THR B 15 22.04 -9.13 -23.90
CA THR B 15 22.93 -8.49 -22.95
C THR B 15 22.39 -8.44 -21.53
N VAL B 16 21.11 -8.76 -21.31
CA VAL B 16 20.58 -8.73 -19.96
C VAL B 16 21.21 -9.83 -19.12
N GLY B 17 21.59 -10.94 -19.75
CA GLY B 17 22.15 -12.08 -19.05
C GLY B 17 23.20 -11.71 -18.04
N VAL B 18 23.81 -10.54 -18.21
CA VAL B 18 24.75 -10.03 -17.22
C VAL B 18 24.08 -9.84 -15.87
N ALA B 19 22.75 -9.83 -15.83
CA ALA B 19 22.06 -9.69 -14.55
C ALA B 19 22.34 -10.87 -13.64
N GLY B 20 22.34 -12.08 -14.18
CA GLY B 20 22.69 -13.24 -13.37
C GLY B 20 24.08 -13.14 -12.82
N SER B 21 25.03 -12.68 -13.63
CA SER B 21 26.40 -12.50 -13.14
C SER B 21 26.43 -11.45 -12.03
N GLY B 22 25.67 -10.37 -12.18
CA GLY B 22 25.64 -9.36 -11.15
C GLY B 22 25.14 -9.92 -9.83
N ALA B 23 24.03 -10.65 -9.88
CA ALA B 23 23.50 -11.25 -8.66
C ALA B 23 24.48 -12.25 -8.08
N GLY B 24 25.13 -13.04 -8.93
CA GLY B 24 26.07 -14.04 -8.44
C GLY B 24 27.25 -13.41 -7.74
N ILE B 25 27.82 -12.37 -8.35
CA ILE B 25 28.95 -11.69 -7.72
C ILE B 25 28.50 -11.06 -6.41
N GLY B 26 27.31 -10.47 -6.39
CA GLY B 26 26.82 -9.88 -5.16
C GLY B 26 26.72 -10.90 -4.04
N THR B 27 26.13 -12.06 -4.32
CA THR B 27 25.98 -13.06 -3.28
C THR B 27 27.33 -13.65 -2.88
N VAL B 28 28.25 -13.79 -3.83
CA VAL B 28 29.57 -14.31 -3.51
C VAL B 28 30.28 -13.38 -2.54
N PHE B 29 30.26 -12.08 -2.83
CA PHE B 29 30.92 -11.15 -1.92
C PHE B 29 30.16 -10.99 -0.60
N GLY B 30 28.84 -11.15 -0.60
CA GLY B 30 28.12 -11.16 0.65
C GLY B 30 28.56 -12.32 1.52
N SER B 31 28.69 -13.49 0.91
CA SER B 31 29.16 -14.64 1.67
C SER B 31 30.61 -14.45 2.11
N LEU B 32 31.40 -13.71 1.31
CA LEU B 32 32.75 -13.36 1.76
C LEU B 32 32.68 -12.54 3.04
N ILE B 33 31.80 -11.53 3.06
CA ILE B 33 31.61 -10.75 4.28
C ILE B 33 31.26 -11.66 5.44
N ILE B 34 30.30 -12.57 5.22
CA ILE B 34 29.85 -13.43 6.31
C ILE B 34 31.00 -14.29 6.83
N GLY B 35 31.71 -14.95 5.92
CA GLY B 35 32.77 -15.84 6.33
C GLY B 35 33.89 -15.11 7.03
N TYR B 36 34.25 -13.92 6.53
CA TYR B 36 35.28 -13.14 7.19
C TYR B 36 34.84 -12.72 8.59
N ALA B 37 33.59 -12.29 8.75
CA ALA B 37 33.12 -11.90 10.06
C ALA B 37 33.10 -13.08 11.02
N ARG B 38 32.65 -14.24 10.55
CA ARG B 38 32.57 -15.41 11.40
C ARG B 38 33.96 -15.83 11.89
N ASN B 39 34.89 -15.99 10.96
CA ASN B 39 36.21 -16.55 11.25
C ASN B 39 37.26 -15.71 10.55
N PRO B 40 37.54 -14.51 11.05
CA PRO B 40 38.53 -13.65 10.40
C PRO B 40 39.91 -14.27 10.30
N SER B 41 40.22 -15.27 11.13
CA SER B 41 41.58 -15.79 11.19
C SER B 41 42.08 -16.30 9.84
N LEU B 42 41.18 -16.69 8.95
CA LEU B 42 41.59 -17.21 7.65
C LEU B 42 41.93 -16.08 6.69
N M3L B 43 40.91 -15.41 6.19
CA M3L B 43 41.09 -14.28 5.32
CB M3L B 43 41.95 -13.19 5.99
CG M3L B 43 41.80 -11.88 5.24
CD M3L B 43 42.31 -10.70 6.05
CE M3L B 43 41.75 -9.44 5.40
NZ M3L B 43 42.46 -8.11 5.61
C M3L B 43 41.72 -14.53 3.96
O M3L B 43 41.19 -14.15 2.92
CM1 M3L B 43 43.88 -8.16 5.15
CM2 M3L B 43 42.41 -7.65 7.04
CM3 M3L B 43 41.74 -7.09 4.79
H M3L B 43 39.94 -15.60 6.35
HA M3L B 43 40.06 -13.84 5.11
HB2 M3L B 43 43.01 -13.52 5.96
HB3 M3L B 43 41.65 -13.06 7.06
HG2 M3L B 43 40.73 -11.71 4.96
HG3 M3L B 43 42.38 -11.95 4.28
HD2 M3L B 43 43.44 -10.71 6.03
HD3 M3L B 43 41.98 -10.81 7.11
HE2 M3L B 43 40.68 -9.29 5.74
HE3 M3L B 43 41.75 -9.60 4.28
HM11 M3L B 43 44.23 -7.14 4.90
HM12 M3L B 43 43.94 -8.82 4.23
HM13 M3L B 43 44.51 -8.60 5.97
HM21 M3L B 43 43.11 -6.77 7.16
HM22 M3L B 43 42.74 -8.49 7.71
HM23 M3L B 43 41.37 -7.34 7.30
HM31 M3L B 43 42.12 -6.07 5.05
HM32 M3L B 43 40.64 -7.16 5.00
HM33 M3L B 43 41.92 -7.30 3.70
N GLN B 44 42.88 -15.20 3.94
CA GLN B 44 43.63 -15.20 2.70
C GLN B 44 43.13 -16.35 1.85
N GLN B 45 42.47 -17.32 2.50
CA GLN B 45 41.73 -18.31 1.73
C GLN B 45 40.39 -17.76 1.31
N LEU B 46 39.84 -16.85 2.12
CA LEU B 46 38.64 -16.14 1.70
C LEU B 46 38.90 -15.37 0.42
N PHE B 47 40.06 -14.71 0.32
CA PHE B 47 40.48 -14.16 -0.97
C PHE B 47 40.62 -15.27 -2.00
N SER B 48 41.32 -16.35 -1.65
CA SER B 48 41.61 -17.38 -2.62
C SER B 48 40.35 -17.91 -3.29
N TYR B 49 39.22 -17.91 -2.57
CA TYR B 49 37.98 -18.43 -3.12
C TYR B 49 37.05 -17.34 -3.64
N ALA B 50 37.07 -16.16 -3.03
CA ALA B 50 36.26 -15.05 -3.54
C ALA B 50 36.74 -14.63 -4.92
N ILE B 51 38.05 -14.68 -5.15
CA ILE B 51 38.55 -14.36 -6.49
C ILE B 51 38.04 -15.39 -7.49
N LEU B 52 38.01 -16.66 -7.10
CA LEU B 52 37.48 -17.69 -7.98
C LEU B 52 36.02 -17.40 -8.33
N GLY B 53 35.22 -17.09 -7.31
CA GLY B 53 33.81 -16.81 -7.58
C GLY B 53 33.59 -15.58 -8.43
N PHE B 54 34.30 -14.49 -8.10
CA PHE B 54 34.26 -13.29 -8.93
C PHE B 54 34.61 -13.62 -10.36
N ALA B 55 35.67 -14.40 -10.56
CA ALA B 55 36.11 -14.75 -11.90
C ALA B 55 35.02 -15.50 -12.64
N LEU B 56 34.38 -16.48 -11.99
CA LEU B 56 33.37 -17.25 -12.68
C LEU B 56 32.16 -16.39 -13.04
N SER B 57 31.71 -15.55 -12.10
CA SER B 57 30.56 -14.69 -12.38
C SER B 57 30.86 -13.76 -13.55
N GLU B 58 32.01 -13.07 -13.50
CA GLU B 58 32.39 -12.21 -14.60
C GLU B 58 32.56 -12.99 -15.89
N ALA B 59 33.06 -14.23 -15.79
CA ALA B 59 33.24 -15.05 -16.98
C ALA B 59 31.92 -15.27 -17.68
N MET B 60 30.89 -15.66 -16.94
CA MET B 60 29.61 -15.91 -17.61
C MET B 60 28.92 -14.62 -18.03
N GLY B 61 29.13 -13.52 -17.30
CA GLY B 61 28.60 -12.25 -17.75
C GLY B 61 29.19 -11.84 -19.09
N LEU B 62 30.52 -11.77 -19.16
CA LEU B 62 31.19 -11.48 -20.42
C LEU B 62 30.87 -12.54 -21.47
N PHE B 63 30.47 -13.73 -21.05
CA PHE B 63 30.12 -14.77 -22.00
C PHE B 63 28.81 -14.43 -22.70
N CYS B 64 27.81 -14.04 -21.92
CA CYS B 64 26.58 -13.52 -22.52
C CYS B 64 26.87 -12.32 -23.40
N LEU B 65 27.80 -11.47 -22.97
CA LEU B 65 28.18 -10.32 -23.77
C LEU B 65 28.76 -10.75 -25.11
N MET B 66 29.61 -11.79 -25.08
CA MET B 66 30.18 -12.33 -26.31
C MET B 66 29.09 -12.82 -27.24
N VAL B 67 28.09 -13.52 -26.70
CA VAL B 67 26.97 -13.95 -27.53
C VAL B 67 26.28 -12.75 -28.14
N ALA B 68 26.02 -11.72 -27.33
CA ALA B 68 25.31 -10.55 -27.83
C ALA B 68 26.06 -9.90 -28.98
N PHE B 69 27.37 -9.69 -28.81
CA PHE B 69 28.14 -9.06 -29.88
C PHE B 69 28.23 -9.96 -31.10
N LEU B 70 28.42 -11.27 -30.89
CA LEU B 70 28.42 -12.21 -32.01
C LEU B 70 27.16 -12.02 -32.85
N ILE B 71 26.01 -11.94 -32.20
CA ILE B 71 24.79 -11.65 -32.95
C ILE B 71 24.90 -10.28 -33.62
N LEU B 72 25.38 -9.28 -32.89
CA LEU B 72 25.46 -7.93 -33.43
C LEU B 72 26.38 -7.87 -34.65
N PHE B 73 27.51 -8.57 -34.59
CA PHE B 73 28.47 -8.57 -35.69
C PHE B 73 28.67 -9.98 -36.21
N ALA B 74 27.58 -10.70 -36.43
CA ALA B 74 27.64 -12.05 -36.97
C ALA B 74 28.52 -12.12 -38.21
N ASP C 1 12.10 5.00 -38.91
CA ASP C 1 12.62 3.83 -39.68
C ASP C 1 12.68 2.60 -38.79
N ILE C 2 12.78 1.43 -39.41
CA ILE C 2 12.80 0.18 -38.65
C ILE C 2 13.98 0.19 -37.70
N ASP C 3 15.13 0.69 -38.13
CA ASP C 3 16.27 0.80 -37.23
C ASP C 3 16.00 1.81 -36.12
N THR C 4 15.31 2.91 -36.46
CA THR C 4 15.02 3.94 -35.47
C THR C 4 14.08 3.43 -34.38
N ALA C 5 13.42 2.30 -34.61
CA ALA C 5 12.62 1.63 -33.59
C ALA C 5 13.38 0.50 -32.91
N ALA C 6 14.13 -0.29 -33.68
CA ALA C 6 14.87 -1.39 -33.11
C ALA C 6 15.94 -0.90 -32.13
N LYS C 7 16.53 0.26 -32.39
CA LYS C 7 17.48 0.80 -31.43
C LYS C 7 16.81 1.06 -30.09
N PHE C 8 15.62 1.67 -30.11
CA PHE C 8 14.89 1.91 -28.87
C PHE C 8 14.56 0.59 -28.18
N ILE C 9 14.11 -0.39 -28.95
CA ILE C 9 13.77 -1.68 -28.36
C ILE C 9 14.99 -2.30 -27.69
N GLY C 10 16.12 -2.27 -28.39
CA GLY C 10 17.33 -2.87 -27.86
C GLY C 10 17.80 -2.18 -26.60
N ALA C 11 17.71 -0.85 -26.56
CA ALA C 11 18.05 -0.15 -25.32
C ALA C 11 17.12 -0.56 -24.19
N GLY C 12 15.82 -0.59 -24.47
CA GLY C 12 14.86 -0.93 -23.43
C GLY C 12 15.06 -2.32 -22.88
N ALA C 13 15.49 -3.25 -23.74
CA ALA C 13 15.76 -4.60 -23.26
C ALA C 13 17.12 -4.67 -22.55
N ALA C 14 18.14 -4.05 -23.12
CA ALA C 14 19.48 -4.16 -22.58
C ALA C 14 19.55 -3.60 -21.17
N THR C 15 18.87 -2.48 -20.92
CA THR C 15 18.95 -1.87 -19.60
C THR C 15 18.41 -2.80 -18.52
N VAL C 16 17.63 -3.81 -18.89
CA VAL C 16 17.09 -4.71 -17.89
C VAL C 16 18.21 -5.39 -17.10
N GLY C 17 19.37 -5.56 -17.72
CA GLY C 17 20.47 -6.26 -17.07
C GLY C 17 20.85 -5.70 -15.72
N VAL C 18 20.40 -4.49 -15.41
CA VAL C 18 20.80 -3.85 -14.15
C VAL C 18 20.07 -4.44 -12.95
N ALA C 19 18.96 -5.15 -13.16
CA ALA C 19 18.28 -5.76 -12.03
C ALA C 19 19.20 -6.73 -11.29
N GLY C 20 20.04 -7.44 -12.03
CA GLY C 20 20.99 -8.33 -11.39
C GLY C 20 21.91 -7.57 -10.45
N SER C 21 22.46 -6.45 -10.92
CA SER C 21 23.34 -5.66 -10.07
C SER C 21 22.58 -5.08 -8.89
N GLY C 22 21.30 -4.75 -9.07
CA GLY C 22 20.52 -4.27 -7.94
C GLY C 22 20.38 -5.33 -6.86
N ALA C 23 20.03 -6.55 -7.27
CA ALA C 23 19.94 -7.63 -6.30
C ALA C 23 21.30 -7.91 -5.65
N GLY C 24 22.37 -7.81 -6.43
CA GLY C 24 23.70 -8.04 -5.89
C GLY C 24 24.07 -7.02 -4.83
N ILE C 25 23.80 -5.74 -5.10
CA ILE C 25 24.03 -4.72 -4.09
C ILE C 25 23.21 -5.02 -2.85
N GLY C 26 21.94 -5.38 -3.03
CA GLY C 26 21.11 -5.68 -1.88
C GLY C 26 21.69 -6.80 -1.03
N THR C 27 22.09 -7.89 -1.67
CA THR C 27 22.55 -9.04 -0.90
C THR C 27 23.89 -8.74 -0.24
N VAL C 28 24.77 -7.98 -0.92
CA VAL C 28 26.06 -7.70 -0.32
C VAL C 28 25.89 -6.79 0.90
N PHE C 29 24.97 -5.84 0.84
CA PHE C 29 24.78 -5.01 2.02
C PHE C 29 24.04 -5.75 3.13
N GLY C 30 23.16 -6.68 2.77
CA GLY C 30 22.61 -7.55 3.80
C GLY C 30 23.70 -8.33 4.51
N SER C 31 24.64 -8.87 3.74
CA SER C 31 25.75 -9.59 4.34
C SER C 31 26.61 -8.66 5.19
N LEU C 32 26.80 -7.42 4.77
CA LEU C 32 27.55 -6.49 5.61
C LEU C 32 26.85 -6.28 6.93
N ILE C 33 25.54 -6.08 6.91
CA ILE C 33 24.81 -5.90 8.16
C ILE C 33 25.01 -7.11 9.06
N ILE C 34 24.89 -8.30 8.48
CA ILE C 34 25.03 -9.51 9.29
C ILE C 34 26.44 -9.59 9.88
N GLY C 35 27.46 -9.37 9.05
CA GLY C 35 28.82 -9.47 9.53
C GLY C 35 29.12 -8.48 10.63
N TYR C 36 28.63 -7.25 10.48
CA TYR C 36 28.80 -6.27 11.55
C TYR C 36 28.09 -6.72 12.81
N ALA C 37 26.88 -7.27 12.67
CA ALA C 37 26.14 -7.73 13.84
C ALA C 37 26.87 -8.85 14.55
N ARG C 38 27.68 -9.62 13.83
CA ARG C 38 28.42 -10.71 14.47
C ARG C 38 29.73 -10.22 15.08
N ASN C 39 30.60 -9.64 14.26
CA ASN C 39 31.97 -9.31 14.66
C ASN C 39 32.18 -7.81 14.59
N PRO C 40 31.37 -7.01 15.29
CA PRO C 40 31.45 -5.56 15.15
C PRO C 40 32.83 -5.00 15.42
N SER C 41 33.72 -5.77 16.07
CA SER C 41 35.06 -5.26 16.33
C SER C 41 35.74 -4.84 15.04
N LEU C 42 35.41 -5.49 13.93
CA LEU C 42 36.00 -5.14 12.65
C LEU C 42 35.32 -3.91 12.07
N M3L C 43 34.11 -4.10 11.55
CA M3L C 43 33.31 -3.02 11.04
CB M3L C 43 32.97 -2.03 12.16
CG M3L C 43 31.96 -0.99 11.70
CD M3L C 43 32.57 0.41 11.66
CE M3L C 43 31.60 1.43 12.23
NZ M3L C 43 32.18 2.54 13.10
C M3L C 43 33.93 -2.24 9.89
O M3L C 43 33.48 -2.26 8.75
CM1 M3L C 43 32.67 2.02 14.41
CM2 M3L C 43 31.17 3.61 13.35
CM3 M3L C 43 33.34 3.13 12.35
HA M3L C 43 32.34 -3.46 10.65
HB2 M3L C 43 33.93 -1.55 12.50
HB3 M3L C 43 32.55 -2.59 13.04
HG2 M3L C 43 31.08 -1.02 12.38
HG3 M3L C 43 31.60 -1.26 10.68
HD2 M3L C 43 32.81 0.65 10.58
HD3 M3L C 43 33.55 0.41 12.22
HE2 M3L C 43 30.83 0.93 12.87
HE3 M3L C 43 31.08 1.94 11.38
HM11 M3L C 43 33.22 2.83 14.96
HM12 M3L C 43 33.36 1.15 14.24
HM13 M3L C 43 31.78 1.69 15.02
HM21 M3L C 43 30.68 3.90 12.38
HM22 M3L C 43 31.68 4.51 13.79
HM23 M3L C 43 30.40 3.24 14.07
HM31 M3L C 43 33.55 4.16 12.74
HM32 M3L C 43 33.10 3.18 11.25
HM33 M3L C 43 34.25 2.49 12.51
N GLN C 44 34.99 -1.50 10.19
CA GLN C 44 35.62 -0.67 9.17
C GLN C 44 36.13 -1.57 8.05
N GLN C 45 36.67 -2.72 8.42
CA GLN C 45 37.11 -3.67 7.40
C GLN C 45 35.93 -4.22 6.62
N LEU C 46 34.81 -4.43 7.30
CA LEU C 46 33.61 -4.89 6.61
C LEU C 46 33.16 -3.87 5.57
N PHE C 47 33.33 -2.58 5.87
CA PHE C 47 33.04 -1.56 4.87
C PHE C 47 34.06 -1.57 3.74
N SER C 48 35.35 -1.67 4.07
CA SER C 48 36.35 -1.75 3.02
C SER C 48 36.08 -2.92 2.08
N TYR C 49 35.38 -3.94 2.58
CA TYR C 49 35.03 -5.08 1.73
C TYR C 49 33.72 -4.83 0.96
N ALA C 50 32.68 -4.40 1.69
CA ALA C 50 31.36 -4.28 1.10
C ALA C 50 31.29 -3.15 0.09
N ILE C 51 32.02 -2.06 0.31
CA ILE C 51 32.06 -1.01 -0.68
C ILE C 51 32.75 -1.49 -1.94
N LEU C 52 33.79 -2.32 -1.80
CA LEU C 52 34.43 -2.91 -2.99
C LEU C 52 33.44 -3.78 -3.75
N GLY C 53 32.71 -4.63 -3.03
CA GLY C 53 31.73 -5.48 -3.70
C GLY C 53 30.63 -4.69 -4.36
N PHE C 54 30.08 -3.70 -3.64
CA PHE C 54 29.07 -2.85 -4.21
C PHE C 54 29.59 -2.06 -5.39
N ALA C 55 30.89 -1.74 -5.38
CA ALA C 55 31.47 -1.01 -6.50
C ALA C 55 31.65 -1.90 -7.71
N LEU C 56 31.91 -3.19 -7.51
CA LEU C 56 31.96 -4.08 -8.66
C LEU C 56 30.58 -4.36 -9.22
N SER C 57 29.56 -4.44 -8.36
CA SER C 57 28.19 -4.46 -8.84
C SER C 57 27.85 -3.17 -9.56
N GLU C 58 28.34 -2.04 -9.04
CA GLU C 58 28.27 -0.77 -9.75
C GLU C 58 28.85 -0.92 -11.15
N ALA C 59 30.05 -1.49 -11.24
CA ALA C 59 30.72 -1.62 -12.52
C ALA C 59 29.86 -2.41 -13.49
N MET C 60 29.31 -3.54 -13.03
CA MET C 60 28.54 -4.37 -13.95
C MET C 60 27.24 -3.69 -14.36
N GLY C 61 26.51 -3.09 -13.42
CA GLY C 61 25.26 -2.43 -13.77
C GLY C 61 25.47 -1.23 -14.68
N LEU C 62 26.42 -0.37 -14.31
CA LEU C 62 26.76 0.74 -15.18
C LEU C 62 27.32 0.28 -16.52
N PHE C 63 27.92 -0.90 -16.58
CA PHE C 63 28.39 -1.41 -17.86
C PHE C 63 27.22 -1.84 -18.73
N CYS C 64 26.23 -2.50 -18.14
CA CYS C 64 25.02 -2.80 -18.89
C CYS C 64 24.41 -1.51 -19.43
N LEU C 65 24.35 -0.48 -18.58
CA LEU C 65 23.83 0.81 -19.04
C LEU C 65 24.69 1.38 -20.17
N MET C 66 26.01 1.28 -20.05
CA MET C 66 26.91 1.82 -21.05
C MET C 66 26.71 1.11 -22.39
N VAL C 67 26.57 -0.21 -22.36
CA VAL C 67 26.30 -0.95 -23.59
C VAL C 67 24.96 -0.55 -24.17
N ALA C 68 23.95 -0.37 -23.30
CA ALA C 68 22.65 0.06 -23.79
C ALA C 68 22.77 1.37 -24.56
N PHE C 69 23.49 2.33 -23.99
CA PHE C 69 23.64 3.62 -24.67
C PHE C 69 24.55 3.50 -25.89
N LEU C 70 25.54 2.62 -25.84
CA LEU C 70 26.43 2.42 -26.98
C LEU C 70 25.65 1.94 -28.19
N ILE C 71 24.78 0.95 -28.00
CA ILE C 71 24.00 0.43 -29.12
C ILE C 71 23.21 1.55 -29.78
N LEU C 72 22.63 2.45 -28.98
CA LEU C 72 21.86 3.55 -29.53
C LEU C 72 22.70 4.39 -30.48
N PHE C 73 23.73 5.04 -29.94
CA PHE C 73 24.49 6.04 -30.71
C PHE C 73 25.78 5.42 -31.26
N ALA C 74 25.59 4.46 -32.16
CA ALA C 74 26.71 3.82 -32.85
C ALA C 74 26.21 2.88 -33.93
N ASP D 1 3.98 6.86 -36.36
CA ASP D 1 5.30 6.36 -36.84
C ASP D 1 5.70 5.10 -36.08
N ILE D 2 6.62 4.33 -36.66
CA ILE D 2 7.07 3.10 -36.01
C ILE D 2 7.79 3.41 -34.71
N ASP D 3 8.67 4.41 -34.73
CA ASP D 3 9.42 4.75 -33.52
C ASP D 3 8.50 5.31 -32.45
N THR D 4 7.51 6.09 -32.85
CA THR D 4 6.54 6.63 -31.89
C THR D 4 5.71 5.54 -31.23
N ALA D 5 5.75 4.32 -31.76
CA ALA D 5 5.16 3.17 -31.09
C ALA D 5 6.22 2.24 -30.50
N ALA D 6 7.46 2.29 -30.98
CA ALA D 6 8.53 1.49 -30.41
C ALA D 6 9.04 2.05 -29.09
N LYS D 7 8.88 3.36 -28.86
CA LYS D 7 9.26 3.92 -27.58
C LYS D 7 8.49 3.27 -26.44
N PHE D 8 7.22 2.95 -26.67
CA PHE D 8 6.43 2.29 -25.64
C PHE D 8 7.02 0.92 -25.33
N ILE D 9 7.44 0.20 -26.36
CA ILE D 9 8.05 -1.12 -26.14
C ILE D 9 9.30 -0.96 -25.30
N GLY D 10 10.14 0.00 -25.69
CA GLY D 10 11.39 0.21 -24.99
C GLY D 10 11.18 0.55 -23.53
N ALA D 11 10.19 1.38 -23.22
CA ALA D 11 9.90 1.70 -21.84
C ALA D 11 9.37 0.48 -21.08
N GLY D 12 8.42 -0.23 -21.69
CA GLY D 12 7.87 -1.41 -21.04
C GLY D 12 8.92 -2.46 -20.74
N ALA D 13 9.99 -2.48 -21.54
CA ALA D 13 11.11 -3.37 -21.23
C ALA D 13 11.99 -2.77 -20.15
N ALA D 14 12.47 -1.54 -20.34
CA ALA D 14 13.45 -0.97 -19.44
C ALA D 14 12.94 -0.91 -18.01
N THR D 15 11.64 -0.71 -17.81
CA THR D 15 11.15 -0.56 -16.45
C THR D 15 11.42 -1.80 -15.61
N VAL D 16 11.29 -2.99 -16.18
CA VAL D 16 11.49 -4.21 -15.40
C VAL D 16 12.84 -4.19 -14.71
N GLY D 17 13.79 -3.43 -15.20
CA GLY D 17 15.12 -3.39 -14.61
C GLY D 17 15.14 -3.13 -13.11
N VAL D 18 14.01 -2.68 -12.55
CA VAL D 18 13.99 -2.31 -11.13
C VAL D 18 13.58 -3.46 -10.23
N ALA D 19 13.21 -4.61 -10.79
CA ALA D 19 12.97 -5.76 -9.94
C ALA D 19 14.22 -6.07 -9.11
N GLY D 20 15.40 -5.78 -9.67
CA GLY D 20 16.62 -5.96 -8.91
C GLY D 20 16.67 -5.11 -7.67
N SER D 21 16.32 -3.83 -7.82
CA SER D 21 16.28 -2.95 -6.65
C SER D 21 15.23 -3.41 -5.65
N GLY D 22 14.09 -3.91 -6.15
CA GLY D 22 13.09 -4.44 -5.23
C GLY D 22 13.63 -5.59 -4.41
N ALA D 23 14.26 -6.55 -5.08
CA ALA D 23 14.85 -7.68 -4.36
C ALA D 23 15.93 -7.21 -3.39
N GLY D 24 16.71 -6.22 -3.79
CA GLY D 24 17.78 -5.75 -2.92
C GLY D 24 17.24 -5.06 -1.68
N ILE D 25 16.21 -4.25 -1.82
CA ILE D 25 15.55 -3.68 -0.65
C ILE D 25 15.09 -4.79 0.27
N GLY D 26 14.41 -5.79 -0.31
CA GLY D 26 13.91 -6.87 0.53
C GLY D 26 15.02 -7.58 1.28
N THR D 27 16.10 -7.92 0.57
CA THR D 27 17.15 -8.70 1.23
C THR D 27 17.88 -7.87 2.27
N VAL D 28 18.09 -6.58 2.01
CA VAL D 28 18.78 -5.75 2.99
C VAL D 28 17.93 -5.61 4.24
N PHE D 29 16.61 -5.43 4.08
CA PHE D 29 15.74 -5.25 5.23
C PHE D 29 15.23 -6.56 5.78
N GLY D 30 15.74 -7.68 5.28
CA GLY D 30 15.65 -8.93 6.02
C GLY D 30 16.93 -9.20 6.77
N SER D 31 18.06 -8.86 6.14
CA SER D 31 19.34 -9.02 6.80
C SER D 31 19.46 -8.13 8.02
N LEU D 32 18.87 -6.94 7.97
CA LEU D 32 18.85 -6.11 9.16
C LEU D 32 18.04 -6.76 10.27
N ILE D 33 16.88 -7.33 9.94
CA ILE D 33 16.11 -8.04 10.95
C ILE D 33 16.97 -9.10 11.60
N ILE D 34 17.70 -9.85 10.79
CA ILE D 34 18.54 -10.92 11.35
C ILE D 34 19.61 -10.32 12.26
N GLY D 35 20.48 -9.49 11.69
CA GLY D 35 21.61 -8.94 12.43
C GLY D 35 21.22 -8.06 13.59
N TYR D 36 19.93 -7.73 13.71
CA TYR D 36 19.44 -7.05 14.90
C TYR D 36 18.94 -8.05 15.92
N ALA D 37 18.10 -9.00 15.50
CA ALA D 37 17.62 -10.02 16.42
C ALA D 37 18.77 -10.71 17.11
N ARG D 38 19.89 -10.90 16.41
CA ARG D 38 21.04 -11.53 17.05
C ARG D 38 21.68 -10.63 18.08
N ASN D 39 21.83 -9.35 17.77
CA ASN D 39 22.63 -8.42 18.57
C ASN D 39 21.86 -7.12 18.79
N PRO D 40 20.78 -7.16 19.57
CA PRO D 40 19.93 -5.96 19.71
C PRO D 40 20.65 -4.72 20.20
N SER D 41 21.91 -4.83 20.60
CA SER D 41 22.62 -3.70 21.20
C SER D 41 23.31 -2.83 20.15
N LEU D 42 22.82 -2.81 18.91
CA LEU D 42 23.43 -2.00 17.87
C LEU D 42 22.40 -1.43 16.90
N M3L D 43 21.13 -1.53 17.25
CA M3L D 43 20.05 -1.16 16.36
CB M3L D 43 18.72 -1.09 17.14
CG M3L D 43 18.02 0.25 17.17
CD M3L D 43 16.61 0.11 17.72
CE M3L D 43 16.64 0.11 19.25
NZ M3L D 43 15.32 -0.05 19.96
C M3L D 43 20.23 0.13 15.57
O M3L D 43 19.90 0.27 14.38
CM1 M3L D 43 14.84 -1.46 19.93
CM2 M3L D 43 14.27 0.84 19.39
CM3 M3L D 43 15.52 0.33 21.40
HA M3L D 43 19.96 -1.99 15.59
HB2 M3L D 43 18.96 -1.41 18.20
HB3 M3L D 43 18.02 -1.86 16.74
HG2 M3L D 43 17.93 0.68 16.14
HG3 M3L D 43 18.61 0.97 17.78
HD2 M3L D 43 16.16 -0.84 17.33
HD3 M3L D 43 16.00 0.96 17.33
HE2 M3L D 43 17.10 1.08 19.60
HE3 M3L D 43 17.30 -0.74 19.59
HM11 M3L D 43 13.79 -1.52 20.31
HM12 M3L D 43 15.51 -2.09 20.57
HM13 M3L D 43 14.87 -1.84 18.87
HM21 M3L D 43 13.34 0.78 20.02
HM22 M3L D 43 14.04 0.53 18.34
HM23 M3L D 43 14.64 1.90 19.38
HM31 M3L D 43 14.57 0.15 21.96
HM32 M3L D 43 15.79 1.42 21.46
HM33 M3L D 43 16.33 -0.28 21.85
N GLN D 44 20.78 1.13 16.25
CA GLN D 44 20.97 2.43 15.62
C GLN D 44 21.98 2.33 14.47
N GLN D 45 23.10 1.65 14.72
CA GLN D 45 24.06 1.44 13.64
C GLN D 45 23.46 0.59 12.53
N LEU D 46 22.55 -0.31 12.88
CA LEU D 46 21.88 -1.11 11.86
C LEU D 46 21.02 -0.26 10.95
N PHE D 47 20.26 0.71 11.49
CA PHE D 47 19.67 1.70 10.60
C PHE D 47 20.75 2.39 9.78
N SER D 48 21.82 2.84 10.45
CA SER D 48 22.80 3.66 9.76
C SER D 48 23.40 2.95 8.56
N TYR D 49 23.33 1.62 8.51
CA TYR D 49 23.80 0.90 7.34
C TYR D 49 22.69 0.47 6.40
N ALA D 50 21.53 0.06 6.93
CA ALA D 50 20.44 -0.39 6.07
C ALA D 50 19.86 0.76 5.27
N ILE D 51 19.83 1.97 5.83
CA ILE D 51 19.35 3.11 5.06
C ILE D 51 20.29 3.39 3.89
N LEU D 52 21.60 3.31 4.14
CA LEU D 52 22.55 3.46 3.05
C LEU D 52 22.30 2.44 1.96
N GLY D 53 22.08 1.19 2.35
CA GLY D 53 21.80 0.16 1.35
C GLY D 53 20.53 0.42 0.58
N PHE D 54 19.47 0.86 1.28
CA PHE D 54 18.22 1.19 0.62
C PHE D 54 18.42 2.28 -0.42
N ALA D 55 19.22 3.29 -0.09
CA ALA D 55 19.54 4.33 -1.05
C ALA D 55 20.27 3.74 -2.26
N LEU D 56 21.30 2.94 -2.00
CA LEU D 56 22.09 2.42 -3.11
C LEU D 56 21.32 1.41 -3.95
N SER D 57 20.19 0.91 -3.45
CA SER D 57 19.30 0.09 -4.26
C SER D 57 18.36 0.96 -5.11
N GLU D 58 17.77 1.98 -4.48
CA GLU D 58 17.10 3.02 -5.25
C GLU D 58 17.95 3.41 -6.45
N ALA D 59 19.26 3.41 -6.28
CA ALA D 59 20.16 3.88 -7.32
C ALA D 59 19.96 3.13 -8.64
N MET D 60 19.99 1.80 -8.61
CA MET D 60 19.78 1.05 -9.85
C MET D 60 18.32 1.03 -10.26
N GLY D 61 17.40 0.94 -9.29
CA GLY D 61 16.00 1.11 -9.64
C GLY D 61 15.83 2.31 -10.53
N LEU D 62 16.61 3.34 -10.29
CA LEU D 62 16.34 4.62 -10.90
C LEU D 62 17.24 4.95 -12.08
N PHE D 63 18.45 4.41 -12.20
CA PHE D 63 19.04 4.36 -13.53
C PHE D 63 18.06 3.70 -14.48
N CYS D 64 17.44 2.59 -14.05
CA CYS D 64 16.50 1.89 -14.93
C CYS D 64 15.30 2.78 -15.28
N LEU D 65 14.63 3.34 -14.27
CA LEU D 65 13.45 4.14 -14.56
C LEU D 65 13.80 5.41 -15.33
N MET D 66 14.95 6.01 -15.04
CA MET D 66 15.36 7.23 -15.72
C MET D 66 15.62 6.96 -17.20
N VAL D 67 16.32 5.88 -17.52
CA VAL D 67 16.53 5.58 -18.93
C VAL D 67 15.21 5.23 -19.60
N ALA D 68 14.32 4.55 -18.87
CA ALA D 68 13.00 4.27 -19.43
C ALA D 68 12.31 5.56 -19.84
N PHE D 69 12.30 6.54 -18.94
CA PHE D 69 11.67 7.82 -19.26
C PHE D 69 12.39 8.52 -20.40
N LEU D 70 13.72 8.52 -20.40
CA LEU D 70 14.47 9.22 -21.42
C LEU D 70 14.18 8.67 -22.81
N ILE D 71 14.15 7.35 -22.95
CA ILE D 71 13.77 6.76 -24.23
C ILE D 71 12.27 6.81 -24.45
N LEU D 72 11.49 7.15 -23.43
CA LEU D 72 10.05 7.25 -23.56
C LEU D 72 9.60 8.65 -23.95
N PHE D 73 10.14 9.68 -23.31
CA PHE D 73 9.75 11.06 -23.57
C PHE D 73 10.86 11.87 -24.20
N ALA D 74 12.01 11.97 -23.54
CA ALA D 74 13.06 12.86 -24.02
C ALA D 74 13.56 12.46 -25.39
N MET D 75 13.80 11.16 -25.59
CA MET D 75 14.37 10.69 -26.85
C MET D 75 14.04 9.22 -27.10
N ASP E 1 -4.04 0.60 -35.65
CA ASP E 1 -2.90 1.47 -35.29
C ASP E 1 -1.90 0.71 -34.43
N ILE E 2 -0.61 0.89 -34.72
CA ILE E 2 0.41 0.23 -33.94
C ILE E 2 0.56 0.85 -32.56
N ASP E 3 0.06 2.06 -32.35
CA ASP E 3 0.20 2.69 -31.05
C ASP E 3 -0.57 1.94 -29.98
N THR E 4 -1.77 1.44 -30.31
CA THR E 4 -2.54 0.69 -29.32
C THR E 4 -1.80 -0.57 -28.90
N ALA E 5 -1.29 -1.34 -29.86
CA ALA E 5 -0.51 -2.52 -29.54
C ALA E 5 0.73 -2.16 -28.74
N ALA E 6 1.37 -1.05 -29.11
CA ALA E 6 2.57 -0.63 -28.41
C ALA E 6 2.27 -0.29 -26.96
N LYS E 7 1.17 0.42 -26.71
CA LYS E 7 0.74 0.66 -25.34
C LYS E 7 0.55 -0.66 -24.61
N PHE E 8 -0.20 -1.57 -25.23
CA PHE E 8 -0.59 -2.79 -24.52
C PHE E 8 0.64 -3.59 -24.12
N ILE E 9 1.57 -3.79 -25.04
CA ILE E 9 2.75 -4.56 -24.65
C ILE E 9 3.77 -3.76 -23.85
N GLY E 10 3.84 -2.44 -24.02
CA GLY E 10 4.65 -1.68 -23.09
C GLY E 10 4.21 -1.90 -21.66
N ALA E 11 2.89 -1.84 -21.43
CA ALA E 11 2.36 -2.12 -20.10
C ALA E 11 2.62 -3.57 -19.68
N GLY E 12 2.37 -4.51 -20.59
CA GLY E 12 2.54 -5.91 -20.24
C GLY E 12 3.97 -6.24 -19.84
N ALA E 13 4.93 -5.61 -20.50
CA ALA E 13 6.33 -5.82 -20.15
C ALA E 13 6.69 -5.05 -18.89
N ALA E 14 6.13 -3.86 -18.71
CA ALA E 14 6.45 -3.08 -17.52
C ALA E 14 6.00 -3.79 -16.25
N THR E 15 4.82 -4.35 -16.27
CA THR E 15 4.30 -4.98 -15.05
C THR E 15 5.06 -6.22 -14.65
N VAL E 16 6.13 -6.66 -15.30
CA VAL E 16 6.90 -7.78 -14.79
C VAL E 16 7.98 -7.32 -13.81
N GLY E 17 8.26 -6.03 -13.74
CA GLY E 17 9.18 -5.54 -12.72
C GLY E 17 8.70 -5.74 -11.31
N VAL E 18 7.41 -6.00 -11.11
CA VAL E 18 6.86 -6.23 -9.79
C VAL E 18 7.41 -7.50 -9.16
N ALA E 19 8.02 -8.38 -9.95
CA ALA E 19 8.61 -9.57 -9.38
C ALA E 19 9.66 -9.21 -8.33
N GLY E 20 10.36 -8.09 -8.52
CA GLY E 20 11.35 -7.69 -7.54
C GLY E 20 10.74 -7.48 -6.16
N SER E 21 9.63 -6.75 -6.09
CA SER E 21 8.95 -6.58 -4.82
C SER E 21 8.37 -7.89 -4.34
N GLY E 22 7.88 -8.72 -5.26
CA GLY E 22 7.36 -10.01 -4.85
C GLY E 22 8.40 -10.82 -4.10
N ALA E 23 9.65 -10.77 -4.55
CA ALA E 23 10.73 -11.46 -3.86
C ALA E 23 11.17 -10.73 -2.60
N GLY E 24 11.23 -9.40 -2.67
CA GLY E 24 11.70 -8.63 -1.53
C GLY E 24 10.81 -8.78 -0.32
N ILE E 25 9.50 -8.75 -0.52
CA ILE E 25 8.57 -8.95 0.59
C ILE E 25 8.81 -10.30 1.22
N GLY E 26 8.98 -11.34 0.40
CA GLY E 26 9.18 -12.66 0.95
C GLY E 26 10.46 -12.78 1.74
N THR E 27 11.56 -12.22 1.23
CA THR E 27 12.79 -12.29 1.99
C THR E 27 12.67 -11.53 3.30
N VAL E 28 12.01 -10.37 3.31
CA VAL E 28 11.87 -9.63 4.55
C VAL E 28 11.02 -10.41 5.54
N PHE E 29 9.93 -11.00 5.07
CA PHE E 29 9.03 -11.71 5.98
C PHE E 29 9.50 -13.13 6.27
N GLY E 30 10.61 -13.55 5.69
CA GLY E 30 11.29 -14.74 6.14
C GLY E 30 12.35 -14.38 7.15
N SER E 31 12.99 -13.23 6.94
CA SER E 31 13.92 -12.73 7.94
C SER E 31 13.21 -12.44 9.25
N LEU E 32 11.97 -11.94 9.18
CA LEU E 32 11.18 -11.79 10.40
C LEU E 32 11.11 -13.10 11.15
N ILE E 33 10.71 -14.18 10.47
CA ILE E 33 10.56 -15.45 11.16
C ILE E 33 11.89 -15.88 11.75
N ILE E 34 12.96 -15.80 10.96
CA ILE E 34 14.27 -16.23 11.45
C ILE E 34 14.63 -15.46 12.70
N GLY E 35 14.74 -14.14 12.58
CA GLY E 35 15.18 -13.34 13.71
C GLY E 35 14.30 -13.51 14.94
N TYR E 36 12.98 -13.49 14.75
CA TYR E 36 12.07 -13.64 15.88
C TYR E 36 12.27 -14.99 16.56
N ALA E 37 12.27 -16.08 15.79
CA ALA E 37 12.52 -17.38 16.39
C ALA E 37 13.89 -17.44 17.06
N ARG E 38 14.82 -16.57 16.65
CA ARG E 38 16.14 -16.51 17.25
C ARG E 38 16.19 -15.58 18.46
N ASN E 39 15.13 -14.83 18.72
CA ASN E 39 15.12 -13.87 19.82
C ASN E 39 13.67 -13.58 20.20
N PRO E 40 12.88 -14.59 20.55
CA PRO E 40 11.43 -14.41 20.63
C PRO E 40 11.00 -13.28 21.54
N SER E 41 11.68 -13.08 22.66
CA SER E 41 11.28 -12.00 23.57
C SER E 41 11.26 -10.66 22.88
N LEU E 42 12.11 -10.46 21.87
CA LEU E 42 12.17 -9.20 21.17
C LEU E 42 11.33 -9.27 19.91
N M3L E 43 10.09 -8.79 20.01
CA M3L E 43 9.10 -8.98 18.97
CB M3L E 43 7.87 -9.71 19.55
CG M3L E 43 6.98 -10.23 18.44
CD M3L E 43 5.95 -11.18 19.02
CE M3L E 43 4.77 -10.38 19.55
NZ M3L E 43 3.67 -11.13 20.27
C M3L E 43 8.59 -7.73 18.28
O M3L E 43 8.53 -7.59 17.06
CM1 M3L E 43 3.22 -12.33 19.51
CM2 M3L E 43 2.50 -10.24 20.52
CM3 M3L E 43 4.20 -11.58 21.60
HA M3L E 43 9.55 -9.64 18.16
HB2 M3L E 43 7.31 -8.97 20.18
HB3 M3L E 43 8.20 -10.55 20.20
HG2 M3L E 43 7.59 -10.74 17.66
HG3 M3L E 43 6.46 -9.37 17.94
HD2 M3L E 43 6.42 -11.79 19.84
HD3 M3L E 43 5.62 -11.89 18.21
HE2 M3L E 43 4.28 -9.83 18.69
HE3 M3L E 43 5.16 -9.60 20.28
HM11 M3L E 43 2.36 -12.82 20.05
HM12 M3L E 43 4.07 -13.07 19.44
HM13 M3L E 43 2.90 -12.02 18.49
HM21 M3L E 43 1.76 -10.78 21.17
HM22 M3L E 43 2.02 -9.96 19.55
HM23 M3L E 43 2.84 -9.31 21.06
HM31 M3L E 43 3.37 -12.04 22.19
HM32 M3L E 43 4.60 -10.70 22.16
HM33 M3L E 43 5.01 -12.33 21.45
N GLN E 44 8.19 -6.77 19.11
CA GLN E 44 7.58 -5.54 18.62
C GLN E 44 8.50 -4.85 17.62
N GLN E 45 9.76 -4.69 18.01
CA GLN E 45 10.71 -4.04 17.12
C GLN E 45 10.88 -4.81 15.82
N LEU E 46 10.90 -6.14 15.91
CA LEU E 46 11.03 -6.95 14.70
C LEU E 46 9.86 -6.72 13.77
N PHE E 47 8.64 -6.69 14.29
CA PHE E 47 7.48 -6.46 13.44
C PHE E 47 7.54 -5.07 12.83
N SER E 48 7.96 -4.07 13.61
CA SER E 48 8.15 -2.74 13.05
C SER E 48 9.08 -2.79 11.85
N TYR E 49 10.22 -3.45 12.02
CA TYR E 49 11.22 -3.49 10.95
C TYR E 49 10.67 -4.22 9.72
N ALA E 50 9.99 -5.34 9.94
CA ALA E 50 9.45 -6.11 8.84
C ALA E 50 8.44 -5.30 8.05
N ILE E 51 7.56 -4.58 8.75
CA ILE E 51 6.56 -3.78 8.06
C ILE E 51 7.21 -2.67 7.27
N LEU E 52 8.22 -2.01 7.85
CA LEU E 52 8.90 -0.95 7.11
C LEU E 52 9.56 -1.50 5.84
N GLY E 53 10.28 -2.62 5.96
CA GLY E 53 10.91 -3.19 4.79
C GLY E 53 9.90 -3.62 3.74
N PHE E 54 8.80 -4.23 4.19
CA PHE E 54 7.69 -4.55 3.29
C PHE E 54 7.24 -3.33 2.51
N ALA E 55 7.01 -2.22 3.20
CA ALA E 55 6.58 -1.02 2.51
C ALA E 55 7.62 -0.56 1.50
N LEU E 56 8.90 -0.61 1.88
CA LEU E 56 9.92 -0.08 0.98
C LEU E 56 10.08 -0.95 -0.28
N SER E 57 9.90 -2.26 -0.16
CA SER E 57 9.97 -3.13 -1.34
C SER E 57 8.74 -2.93 -2.22
N GLU E 58 7.56 -2.88 -1.60
CA GLU E 58 6.39 -2.55 -2.38
C GLU E 58 6.53 -1.18 -3.03
N ALA E 59 7.45 -0.35 -2.52
CA ALA E 59 7.75 0.90 -3.21
C ALA E 59 8.08 0.65 -4.68
N MET E 60 9.13 -0.14 -4.95
CA MET E 60 9.49 -0.42 -6.34
C MET E 60 8.41 -1.23 -7.04
N GLY E 61 7.78 -2.18 -6.34
CA GLY E 61 6.70 -2.91 -6.99
C GLY E 61 5.65 -1.96 -7.58
N LEU E 62 5.24 -0.99 -6.79
CA LEU E 62 4.25 -0.02 -7.22
C LEU E 62 4.81 1.01 -8.18
N PHE E 63 6.09 1.34 -8.11
CA PHE E 63 6.68 2.14 -9.18
C PHE E 63 6.45 1.46 -10.52
N CYS E 64 6.74 0.17 -10.59
CA CYS E 64 6.53 -0.58 -11.81
C CYS E 64 5.09 -0.53 -12.26
N LEU E 65 4.16 -0.90 -11.38
CA LEU E 65 2.77 -0.95 -11.84
C LEU E 65 2.23 0.45 -12.16
N MET E 66 2.80 1.48 -11.52
CA MET E 66 2.39 2.84 -11.84
C MET E 66 2.80 3.22 -13.25
N VAL E 67 4.04 2.90 -13.64
CA VAL E 67 4.43 3.17 -15.02
C VAL E 67 3.60 2.31 -15.97
N ALA E 68 3.28 1.10 -15.56
CA ALA E 68 2.42 0.26 -16.40
C ALA E 68 1.11 0.96 -16.69
N PHE E 69 0.41 1.41 -15.65
CA PHE E 69 -0.88 2.08 -15.86
C PHE E 69 -0.71 3.39 -16.62
N LEU E 70 0.38 4.10 -16.34
CA LEU E 70 0.65 5.35 -17.06
C LEU E 70 0.72 5.12 -18.55
N ILE E 71 1.57 4.18 -18.98
CA ILE E 71 1.68 3.90 -20.41
C ILE E 71 0.36 3.37 -20.96
N LEU E 72 -0.28 2.46 -20.24
CA LEU E 72 -1.48 1.84 -20.76
C LEU E 72 -2.58 2.88 -21.01
N PHE E 73 -2.72 3.85 -20.11
CA PHE E 73 -3.75 4.87 -20.22
C PHE E 73 -3.18 6.24 -20.57
N ALA E 74 -2.28 6.75 -19.74
CA ALA E 74 -1.66 8.03 -20.06
C ALA E 74 -0.65 7.86 -21.19
N MET E 75 -0.09 8.99 -21.63
CA MET E 75 0.93 8.98 -22.67
C MET E 75 2.26 9.47 -22.09
N ASP F 1 -5.98 -8.85 -36.94
CA ASP F 1 -5.51 -7.48 -36.60
C ASP F 1 -4.49 -7.51 -35.48
N ILE F 2 -3.63 -6.51 -35.42
CA ILE F 2 -2.66 -6.42 -34.34
C ILE F 2 -3.32 -6.11 -33.00
N ASP F 3 -4.59 -5.75 -33.00
CA ASP F 3 -5.28 -5.39 -31.77
C ASP F 3 -5.29 -6.56 -30.80
N THR F 4 -6.01 -7.62 -31.15
CA THR F 4 -6.04 -8.81 -30.30
C THR F 4 -4.64 -9.40 -30.15
N ALA F 5 -3.81 -9.24 -31.17
CA ALA F 5 -2.44 -9.74 -31.09
C ALA F 5 -1.76 -9.14 -29.86
N ALA F 6 -1.54 -7.83 -29.89
CA ALA F 6 -0.83 -7.19 -28.80
C ALA F 6 -1.58 -7.34 -27.49
N LYS F 7 -2.90 -7.44 -27.53
CA LYS F 7 -3.64 -7.73 -26.30
C LYS F 7 -3.11 -9.01 -25.67
N PHE F 8 -3.07 -10.09 -26.45
CA PHE F 8 -2.57 -11.36 -25.93
C PHE F 8 -1.11 -11.24 -25.55
N ILE F 9 -0.33 -10.47 -26.31
CA ILE F 9 1.10 -10.39 -26.08
C ILE F 9 1.34 -9.78 -24.70
N GLY F 10 0.66 -8.67 -24.42
CA GLY F 10 0.79 -8.00 -23.13
C GLY F 10 0.24 -8.82 -21.99
N ALA F 11 -0.88 -9.52 -22.21
CA ALA F 11 -1.41 -10.37 -21.14
C ALA F 11 -0.41 -11.46 -20.79
N GLY F 12 0.15 -12.12 -21.79
CA GLY F 12 1.13 -13.16 -21.53
C GLY F 12 2.37 -12.62 -20.83
N ALA F 13 2.86 -11.46 -21.27
CA ALA F 13 4.00 -10.87 -20.60
C ALA F 13 3.67 -10.53 -19.15
N ALA F 14 2.50 -9.95 -18.91
CA ALA F 14 2.14 -9.51 -17.57
C ALA F 14 2.00 -10.68 -16.62
N THR F 15 1.50 -11.81 -17.12
CA THR F 15 1.33 -12.96 -16.23
C THR F 15 2.66 -13.42 -15.64
N VAL F 16 3.78 -13.00 -16.23
CA VAL F 16 5.09 -13.40 -15.71
C VAL F 16 5.34 -12.82 -14.33
N GLY F 17 4.64 -11.77 -13.94
CA GLY F 17 4.89 -11.10 -12.69
C GLY F 17 4.97 -12.01 -11.48
N VAL F 18 4.46 -13.24 -11.60
CA VAL F 18 4.46 -14.17 -10.48
C VAL F 18 5.82 -14.78 -10.20
N ALA F 19 6.86 -14.37 -10.93
CA ALA F 19 8.21 -14.77 -10.55
C ALA F 19 8.55 -14.25 -9.16
N GLY F 20 8.20 -12.99 -8.89
CA GLY F 20 8.37 -12.47 -7.55
C GLY F 20 7.58 -13.24 -6.52
N SER F 21 6.37 -13.65 -6.87
CA SER F 21 5.58 -14.47 -5.96
C SER F 21 6.31 -15.77 -5.64
N GLY F 22 6.88 -16.41 -6.65
CA GLY F 22 7.62 -17.64 -6.38
C GLY F 22 8.81 -17.41 -5.47
N ALA F 23 9.60 -16.38 -5.76
CA ALA F 23 10.75 -16.09 -4.92
C ALA F 23 10.31 -15.86 -3.48
N GLY F 24 9.32 -14.99 -3.28
CA GLY F 24 8.91 -14.63 -1.94
C GLY F 24 8.25 -15.75 -1.18
N ILE F 25 7.40 -16.52 -1.86
CA ILE F 25 6.73 -17.64 -1.22
C ILE F 25 7.74 -18.68 -0.77
N GLY F 26 8.69 -19.01 -1.65
CA GLY F 26 9.72 -19.96 -1.27
C GLY F 26 10.53 -19.46 -0.10
N THR F 27 10.93 -18.19 -0.13
CA THR F 27 11.73 -17.65 0.96
C THR F 27 10.95 -17.69 2.28
N VAL F 28 9.68 -17.34 2.24
CA VAL F 28 8.89 -17.29 3.47
C VAL F 28 8.78 -18.68 4.07
N PHE F 29 8.53 -19.70 3.25
CA PHE F 29 8.39 -21.02 3.85
C PHE F 29 9.74 -21.61 4.27
N GLY F 30 10.81 -21.31 3.53
CA GLY F 30 12.12 -21.67 4.01
C GLY F 30 12.41 -21.08 5.37
N SER F 31 12.07 -19.81 5.56
CA SER F 31 12.27 -19.19 6.87
C SER F 31 11.39 -19.83 7.92
N LEU F 32 10.14 -20.18 7.59
CA LEU F 32 9.32 -20.92 8.54
C LEU F 32 10.06 -22.14 9.04
N ILE F 33 10.55 -22.96 8.12
CA ILE F 33 11.11 -24.22 8.55
C ILE F 33 12.41 -24.00 9.31
N ILE F 34 13.21 -23.01 8.91
CA ILE F 34 14.45 -22.73 9.63
C ILE F 34 14.14 -22.26 11.05
N GLY F 35 13.26 -21.27 11.18
CA GLY F 35 12.94 -20.74 12.49
C GLY F 35 12.36 -21.80 13.41
N TYR F 36 11.45 -22.63 12.87
CA TYR F 36 10.92 -23.72 13.67
C TYR F 36 12.05 -24.67 14.08
N ALA F 37 12.97 -24.96 13.17
CA ALA F 37 14.09 -25.83 13.51
C ALA F 37 14.86 -25.29 14.70
N ARG F 38 15.07 -23.97 14.74
CA ARG F 38 15.75 -23.41 15.91
C ARG F 38 14.88 -23.49 17.15
N ASN F 39 13.60 -23.18 17.02
CA ASN F 39 12.70 -23.02 18.17
C ASN F 39 11.47 -23.90 17.96
N PRO F 40 11.65 -25.22 18.02
CA PRO F 40 10.58 -26.14 17.64
C PRO F 40 9.36 -26.11 18.56
N SER F 41 9.34 -25.25 19.58
CA SER F 41 8.19 -25.15 20.47
C SER F 41 7.26 -24.02 20.11
N LEU F 42 7.77 -22.98 19.43
CA LEU F 42 6.99 -21.79 19.16
C LEU F 42 6.34 -21.88 17.79
N M3L F 43 6.14 -23.10 17.31
CA M3L F 43 5.70 -23.35 15.96
CB M3L F 43 5.53 -24.86 15.73
CG M3L F 43 4.09 -25.32 15.62
CD M3L F 43 4.05 -26.84 15.53
CE M3L F 43 2.89 -27.24 14.60
NZ M3L F 43 2.14 -28.53 14.88
C M3L F 43 4.41 -22.65 15.53
O M3L F 43 4.20 -22.26 14.38
CM1 M3L F 43 3.00 -29.74 14.75
CM2 M3L F 43 0.98 -28.65 13.96
CM3 M3L F 43 1.62 -28.49 16.29
HA M3L F 43 6.51 -22.97 15.26
HB2 M3L F 43 6.03 -25.39 16.59
HB3 M3L F 43 6.08 -25.16 14.79
HG2 M3L F 43 3.60 -24.88 14.71
HG3 M3L F 43 3.52 -24.99 16.52
HD2 M3L F 43 3.93 -27.26 16.56
HD3 M3L F 43 5.03 -27.21 15.14
HE2 M3L F 43 3.29 -27.35 13.55
HE3 M3L F 43 2.12 -26.43 14.60
HM11 M3L F 43 2.59 -30.58 15.36
HM12 M3L F 43 4.05 -29.50 15.08
HM13 M3L F 43 3.02 -30.05 13.66
HM21 M3L F 43 0.44 -29.62 14.16
HM22 M3L F 43 1.33 -28.63 12.90
HM23 M3L F 43 0.27 -27.80 14.14
HM31 M3L F 43 0.72 -29.16 16.36
HM32 M3L F 43 1.34 -27.44 16.55
HM33 M3L F 43 2.41 -28.86 16.99
N GLN F 44 3.49 -22.50 16.48
CA GLN F 44 2.19 -21.92 16.18
C GLN F 44 2.34 -20.50 15.69
N GLN F 45 3.09 -19.71 16.45
CA GLN F 45 3.32 -18.33 16.06
C GLN F 45 4.06 -18.26 14.73
N LEU F 46 4.95 -19.23 14.49
CA LEU F 46 5.66 -19.26 13.21
C LEU F 46 4.70 -19.47 12.06
N PHE F 47 3.75 -20.40 12.20
CA PHE F 47 2.73 -20.55 11.16
C PHE F 47 1.93 -19.27 11.00
N SER F 48 1.56 -18.62 12.10
CA SER F 48 0.82 -17.38 11.98
C SER F 48 1.55 -16.38 11.09
N TYR F 49 2.82 -16.13 11.40
CA TYR F 49 3.56 -15.12 10.66
C TYR F 49 3.84 -15.55 9.22
N ALA F 50 4.15 -16.83 9.03
CA ALA F 50 4.40 -17.33 7.68
C ALA F 50 3.17 -17.22 6.82
N ILE F 51 2.00 -17.54 7.37
CA ILE F 51 0.77 -17.42 6.61
C ILE F 51 0.49 -15.96 6.30
N LEU F 52 0.74 -15.06 7.25
CA LEU F 52 0.59 -13.63 6.96
C LEU F 52 1.42 -13.24 5.75
N GLY F 53 2.73 -13.47 5.82
CA GLY F 53 3.60 -13.08 4.72
C GLY F 53 3.26 -13.78 3.41
N PHE F 54 2.89 -15.05 3.51
CA PHE F 54 2.46 -15.84 2.35
C PHE F 54 1.28 -15.20 1.65
N ALA F 55 0.24 -14.88 2.42
CA ALA F 55 -0.93 -14.27 1.83
C ALA F 55 -0.58 -12.91 1.23
N LEU F 56 0.33 -12.18 1.86
CA LEU F 56 0.72 -10.90 1.30
C LEU F 56 1.44 -11.07 -0.04
N SER F 57 2.32 -12.07 -0.13
CA SER F 57 3.00 -12.35 -1.39
C SER F 57 1.99 -12.72 -2.48
N GLU F 58 1.04 -13.57 -2.14
CA GLU F 58 -0.04 -13.85 -3.09
C GLU F 58 -0.82 -12.59 -3.42
N ALA F 59 -0.88 -11.65 -2.48
CA ALA F 59 -1.52 -10.37 -2.76
C ALA F 59 -0.79 -9.64 -3.88
N MET F 60 0.54 -9.67 -3.85
CA MET F 60 1.28 -9.09 -4.98
C MET F 60 1.09 -9.89 -6.26
N GLY F 61 1.00 -11.21 -6.14
CA GLY F 61 0.75 -12.03 -7.31
C GLY F 61 -0.53 -11.63 -8.02
N LEU F 62 -1.62 -11.48 -7.26
CA LEU F 62 -2.85 -10.96 -7.85
C LEU F 62 -2.71 -9.50 -8.24
N PHE F 63 -1.86 -8.75 -7.54
CA PHE F 63 -1.58 -7.37 -7.89
C PHE F 63 -1.13 -7.26 -9.35
N CYS F 64 -0.41 -8.27 -9.83
CA CYS F 64 -0.01 -8.30 -11.23
C CYS F 64 -1.06 -8.97 -12.11
N LEU F 65 -1.56 -10.12 -11.69
CA LEU F 65 -2.53 -10.85 -12.51
C LEU F 65 -3.73 -9.98 -12.83
N MET F 66 -4.06 -9.03 -11.95
CA MET F 66 -5.15 -8.10 -12.20
C MET F 66 -4.91 -7.29 -13.47
N VAL F 67 -3.76 -6.63 -13.56
CA VAL F 67 -3.50 -5.82 -14.75
C VAL F 67 -3.39 -6.72 -15.97
N ALA F 68 -2.89 -7.94 -15.78
CA ALA F 68 -2.87 -8.88 -16.89
C ALA F 68 -4.26 -9.07 -17.46
N PHE F 69 -5.23 -9.40 -16.61
CA PHE F 69 -6.59 -9.65 -17.10
C PHE F 69 -7.26 -8.36 -17.57
N LEU F 70 -6.93 -7.23 -16.95
CA LEU F 70 -7.44 -5.95 -17.41
C LEU F 70 -7.05 -5.69 -18.85
N ILE F 71 -5.77 -5.89 -19.17
CA ILE F 71 -5.34 -5.76 -20.55
C ILE F 71 -6.03 -6.78 -21.44
N LEU F 72 -6.11 -8.02 -20.96
CA LEU F 72 -6.61 -9.10 -21.83
C LEU F 72 -8.06 -8.87 -22.23
N PHE F 73 -8.90 -8.43 -21.29
CA PHE F 73 -10.32 -8.22 -21.57
C PHE F 73 -10.67 -6.74 -21.75
N ALA F 74 -10.36 -5.92 -20.76
CA ALA F 74 -10.64 -4.50 -20.83
C ALA F 74 -9.45 -3.79 -21.50
N MET F 75 -9.43 -2.46 -21.42
CA MET F 75 -8.32 -1.70 -21.97
C MET F 75 -8.22 -0.34 -21.30
N ASP G 1 -2.87 -16.69 -38.90
CA ASP G 1 -2.44 -15.32 -39.30
C ASP G 1 -1.70 -14.65 -38.15
N ILE G 2 -1.82 -13.32 -38.05
CA ILE G 2 -1.20 -12.60 -36.94
C ILE G 2 -1.74 -13.11 -35.61
N ASP G 3 -2.97 -13.64 -35.61
CA ASP G 3 -3.57 -14.09 -34.37
C ASP G 3 -2.80 -15.25 -33.76
N THR G 4 -2.57 -16.30 -34.56
CA THR G 4 -1.87 -17.48 -34.04
C THR G 4 -0.43 -17.14 -33.68
N ALA G 5 0.24 -16.34 -34.50
CA ALA G 5 1.60 -15.93 -34.18
C ALA G 5 1.67 -15.17 -32.88
N ALA G 6 0.74 -14.21 -32.71
CA ALA G 6 0.70 -13.43 -31.48
C ALA G 6 0.46 -14.32 -30.28
N LYS G 7 -0.47 -15.26 -30.38
CA LYS G 7 -0.73 -16.16 -29.26
C LYS G 7 0.50 -17.00 -28.94
N PHE G 8 1.18 -17.50 -29.96
CA PHE G 8 2.34 -18.35 -29.73
C PHE G 8 3.43 -17.58 -28.99
N ILE G 9 3.79 -16.41 -29.48
CA ILE G 9 4.80 -15.60 -28.79
C ILE G 9 4.32 -15.22 -27.39
N GLY G 10 3.05 -14.85 -27.25
CA GLY G 10 2.55 -14.45 -25.95
C GLY G 10 2.70 -15.55 -24.92
N ALA G 11 2.38 -16.79 -25.30
CA ALA G 11 2.52 -17.88 -24.35
C ALA G 11 3.98 -18.24 -24.12
N GLY G 12 4.80 -18.20 -25.17
CA GLY G 12 6.22 -18.42 -24.98
C GLY G 12 6.82 -17.42 -24.02
N ALA G 13 6.21 -16.25 -23.89
CA ALA G 13 6.65 -15.27 -22.90
C ALA G 13 6.04 -15.58 -21.53
N ALA G 14 4.74 -15.84 -21.48
CA ALA G 14 4.06 -16.03 -20.20
C ALA G 14 4.63 -17.21 -19.44
N THR G 15 5.06 -18.26 -20.16
CA THR G 15 5.60 -19.42 -19.48
C THR G 15 6.80 -19.08 -18.61
N VAL G 16 7.46 -17.95 -18.88
CA VAL G 16 8.64 -17.54 -18.12
C VAL G 16 8.33 -17.43 -16.63
N GLY G 17 7.06 -17.32 -16.26
CA GLY G 17 6.71 -17.08 -14.87
C GLY G 17 7.20 -18.15 -13.92
N VAL G 18 7.48 -19.36 -14.43
CA VAL G 18 7.88 -20.46 -13.56
C VAL G 18 9.31 -20.33 -13.06
N ALA G 19 10.04 -19.30 -13.50
CA ALA G 19 11.39 -19.10 -12.96
C ALA G 19 11.34 -18.81 -11.48
N GLY G 20 10.43 -17.94 -11.05
CA GLY G 20 10.27 -17.68 -9.64
C GLY G 20 9.87 -18.93 -8.88
N SER G 21 9.06 -19.78 -9.50
CA SER G 21 8.70 -21.04 -8.88
C SER G 21 9.92 -21.91 -8.66
N GLY G 22 10.79 -22.01 -9.68
CA GLY G 22 12.01 -22.78 -9.51
C GLY G 22 12.88 -22.23 -8.39
N ALA G 23 13.00 -20.91 -8.33
CA ALA G 23 13.80 -20.30 -7.27
C ALA G 23 13.22 -20.61 -5.90
N GLY G 24 11.90 -20.53 -5.78
CA GLY G 24 11.27 -20.84 -4.50
C GLY G 24 11.48 -22.30 -4.12
N ILE G 25 11.38 -23.20 -5.07
CA ILE G 25 11.66 -24.61 -4.80
C ILE G 25 13.07 -24.76 -4.25
N GLY G 26 14.03 -24.15 -4.93
CA GLY G 26 15.41 -24.29 -4.50
C GLY G 26 15.63 -23.75 -3.09
N THR G 27 15.12 -22.55 -2.82
CA THR G 27 15.35 -21.96 -1.51
C THR G 27 14.66 -22.76 -0.42
N VAL G 28 13.43 -23.22 -0.67
CA VAL G 28 12.73 -24.00 0.34
C VAL G 28 13.49 -25.27 0.65
N PHE G 29 14.01 -25.94 -0.37
CA PHE G 29 14.68 -27.21 -0.10
C PHE G 29 16.03 -26.98 0.58
N GLY G 30 16.72 -25.91 0.23
CA GLY G 30 17.91 -25.56 0.99
C GLY G 30 17.59 -25.30 2.45
N SER G 31 16.49 -24.60 2.70
CA SER G 31 16.10 -24.34 4.08
C SER G 31 15.78 -25.63 4.80
N LEU G 32 15.16 -26.60 4.13
CA LEU G 32 14.95 -27.90 4.75
C LEU G 32 16.27 -28.56 5.09
N ILE G 33 17.22 -28.52 4.17
CA ILE G 33 18.52 -29.11 4.45
C ILE G 33 19.09 -28.51 5.73
N ILE G 34 19.07 -27.18 5.82
CA ILE G 34 19.68 -26.52 6.98
C ILE G 34 18.92 -26.88 8.25
N GLY G 35 17.59 -26.76 8.21
CA GLY G 35 16.80 -27.04 9.40
C GLY G 35 17.03 -28.45 9.91
N TYR G 36 17.01 -29.43 9.01
CA TYR G 36 17.30 -30.79 9.42
C TYR G 36 18.71 -30.89 10.00
N ALA G 37 19.68 -30.24 9.37
CA ALA G 37 21.03 -30.26 9.89
C ALA G 37 21.12 -29.67 11.29
N ARG G 38 20.15 -28.84 11.68
CA ARG G 38 20.14 -28.27 13.02
C ARG G 38 19.27 -29.03 14.00
N ASN G 39 18.42 -29.94 13.54
CA ASN G 39 17.54 -30.67 14.45
C ASN G 39 17.15 -32.02 13.86
N PRO G 40 18.10 -32.94 13.71
CA PRO G 40 17.78 -34.25 13.12
C PRO G 40 16.58 -34.92 13.78
N SER G 41 16.25 -34.51 15.01
CA SER G 41 15.07 -35.06 15.67
C SER G 41 13.80 -34.73 14.89
N LEU G 42 13.65 -33.48 14.47
CA LEU G 42 12.40 -33.01 13.89
C LEU G 42 12.21 -33.45 12.44
N M3L G 43 13.21 -34.17 11.92
CA M3L G 43 13.22 -34.64 10.56
CB M3L G 43 13.95 -35.98 10.47
CG M3L G 43 14.37 -36.31 9.05
CD M3L G 43 15.16 -37.60 9.05
CE M3L G 43 14.21 -38.79 8.96
NZ M3L G 43 14.79 -40.07 8.41
C M3L G 43 11.87 -34.84 9.87
O M3L G 43 11.60 -34.36 8.78
CM1 M3L G 43 16.14 -40.34 8.99
CM2 M3L G 43 14.89 -40.00 6.92
CM3 M3L G 43 13.87 -41.18 8.78
H M3L G 43 14.04 -34.45 12.40
HA M3L G 43 13.79 -33.89 9.93
HB2 M3L G 43 13.26 -36.78 10.86
HB3 M3L G 43 14.85 -35.96 11.13
HG2 M3L G 43 14.98 -35.48 8.64
HG3 M3L G 43 13.45 -36.40 8.41
HD2 M3L G 43 15.76 -37.66 9.99
HD3 M3L G 43 15.87 -37.60 8.19
HE2 M3L G 43 13.32 -38.52 8.31
HE3 M3L G 43 13.83 -39.02 10.00
HM11 M3L G 43 16.41 -41.42 8.81
HM12 M3L G 43 16.11 -40.15 10.09
HM13 M3L G 43 16.90 -39.68 8.50
HM21 M3L G 43 15.23 -40.99 6.54
HM22 M3L G 43 15.61 -39.20 6.62
HM23 M3L G 43 13.88 -39.77 6.48
HM31 M3L G 43 14.20 -42.13 8.27
HM32 M3L G 43 12.82 -40.93 8.45
HM33 M3L G 43 13.89 -41.33 9.90
N GLN G 44 11.00 -35.58 10.55
CA GLN G 44 9.68 -35.87 10.00
C GLN G 44 8.88 -34.58 9.86
N GLN G 45 8.92 -33.76 10.91
CA GLN G 45 8.16 -32.53 10.90
C GLN G 45 8.68 -31.58 9.82
N LEU G 46 9.99 -31.50 9.67
CA LEU G 46 10.57 -30.69 8.61
C LEU G 46 10.17 -31.23 7.24
N PHE G 47 10.18 -32.54 7.07
CA PHE G 47 9.66 -33.13 5.83
C PHE G 47 8.25 -32.62 5.56
N SER G 48 7.40 -32.65 6.57
CA SER G 48 6.02 -32.22 6.38
C SER G 48 5.97 -30.78 5.92
N TYR G 49 6.68 -29.88 6.62
CA TYR G 49 6.61 -28.47 6.29
C TYR G 49 7.15 -28.21 4.88
N ALA G 50 8.28 -28.83 4.54
CA ALA G 50 8.88 -28.59 3.24
C ALA G 50 8.04 -29.19 2.12
N ILE G 51 7.43 -30.35 2.36
CA ILE G 51 6.53 -30.92 1.37
C ILE G 51 5.37 -29.97 1.12
N LEU G 52 4.81 -29.41 2.19
CA LEU G 52 3.72 -28.45 2.01
C LEU G 52 4.19 -27.24 1.21
N GLY G 53 5.36 -26.71 1.56
CA GLY G 53 5.86 -25.53 0.86
C GLY G 53 6.06 -25.79 -0.62
N PHE G 54 6.74 -26.90 -0.95
CA PHE G 54 6.90 -27.27 -2.34
C PHE G 54 5.57 -27.47 -3.04
N ALA G 55 4.68 -28.26 -2.46
CA ALA G 55 3.42 -28.51 -3.13
C ALA G 55 2.77 -27.19 -3.50
N LEU G 56 2.74 -26.25 -2.56
CA LEU G 56 2.01 -25.04 -2.81
C LEU G 56 2.72 -24.16 -3.83
N SER G 57 4.05 -24.08 -3.76
CA SER G 57 4.79 -23.27 -4.73
C SER G 57 4.70 -23.85 -6.13
N GLU G 58 4.81 -25.17 -6.25
CA GLU G 58 4.58 -25.85 -7.51
C GLU G 58 3.23 -25.47 -8.08
N ALA G 59 2.18 -25.52 -7.24
CA ALA G 59 0.86 -25.13 -7.71
C ALA G 59 0.84 -23.68 -8.16
N MET G 60 1.55 -22.81 -7.44
CA MET G 60 1.58 -21.40 -7.82
C MET G 60 2.14 -21.22 -9.21
N GLY G 61 3.31 -21.81 -9.46
CA GLY G 61 3.87 -21.73 -10.80
C GLY G 61 2.98 -22.38 -11.84
N LEU G 62 2.30 -23.45 -11.44
CA LEU G 62 1.51 -24.21 -12.39
C LEU G 62 0.24 -23.47 -12.82
N PHE G 63 -0.35 -22.60 -11.98
CA PHE G 63 -1.56 -21.97 -12.51
C PHE G 63 -1.19 -20.95 -13.57
N CYS G 64 -0.06 -20.26 -13.41
CA CYS G 64 0.45 -19.41 -14.49
C CYS G 64 0.77 -20.25 -15.73
N LEU G 65 1.36 -21.42 -15.52
CA LEU G 65 1.62 -22.33 -16.63
C LEU G 65 0.33 -22.68 -17.38
N MET G 66 -0.74 -22.97 -16.64
CA MET G 66 -2.00 -23.33 -17.26
C MET G 66 -2.65 -22.13 -17.92
N VAL G 67 -2.46 -20.93 -17.37
CA VAL G 67 -2.91 -19.73 -18.06
C VAL G 67 -2.22 -19.64 -19.41
N ALA G 68 -0.92 -19.94 -19.44
CA ALA G 68 -0.19 -19.93 -20.71
C ALA G 68 -0.79 -20.93 -21.70
N PHE G 69 -0.96 -22.19 -21.27
CA PHE G 69 -1.52 -23.17 -22.20
C PHE G 69 -2.94 -22.80 -22.64
N LEU G 70 -3.80 -22.34 -21.74
CA LEU G 70 -5.13 -21.98 -22.20
C LEU G 70 -5.08 -20.80 -23.14
N ILE G 71 -4.08 -19.93 -22.99
CA ILE G 71 -3.90 -18.84 -23.96
C ILE G 71 -3.50 -19.40 -25.32
N LEU G 72 -2.70 -20.48 -25.34
CA LEU G 72 -2.43 -21.13 -26.62
C LEU G 72 -3.72 -21.43 -27.36
N PHE G 73 -4.68 -22.04 -26.65
CA PHE G 73 -5.93 -22.51 -27.26
C PHE G 73 -7.12 -21.67 -26.88
N ALA G 74 -6.90 -20.40 -26.54
CA ALA G 74 -8.00 -19.49 -26.24
C ALA G 74 -7.48 -18.06 -26.08
N ASP H 1 3.55 -16.13 -43.33
CA ASP H 1 4.80 -16.80 -42.88
C ASP H 1 5.28 -16.21 -41.55
N ILE H 2 4.57 -15.21 -41.04
CA ILE H 2 4.91 -14.66 -39.74
C ILE H 2 4.88 -15.74 -38.68
N ASP H 3 4.02 -16.73 -38.84
CA ASP H 3 3.84 -17.74 -37.80
C ASP H 3 5.15 -18.46 -37.49
N THR H 4 6.01 -18.65 -38.49
CA THR H 4 7.28 -19.31 -38.25
C THR H 4 8.17 -18.46 -37.33
N ALA H 5 8.33 -17.17 -37.67
CA ALA H 5 9.06 -16.29 -36.78
C ALA H 5 8.43 -16.24 -35.40
N ALA H 6 7.11 -16.37 -35.34
CA ALA H 6 6.43 -16.37 -34.05
C ALA H 6 6.83 -17.60 -33.23
N LYS H 7 6.85 -18.77 -33.86
CA LYS H 7 7.38 -19.95 -33.19
C LYS H 7 8.76 -19.65 -32.66
N PHE H 8 9.60 -19.07 -33.51
CA PHE H 8 11.00 -18.91 -33.17
C PHE H 8 11.16 -18.04 -31.94
N ILE H 9 10.54 -16.86 -31.96
CA ILE H 9 10.68 -15.94 -30.83
C ILE H 9 9.94 -16.43 -29.61
N GLY H 10 8.78 -17.07 -29.78
CA GLY H 10 8.10 -17.62 -28.63
C GLY H 10 8.96 -18.62 -27.88
N ALA H 11 9.61 -19.52 -28.62
CA ALA H 11 10.52 -20.45 -27.98
C ALA H 11 11.71 -19.73 -27.37
N GLY H 12 12.26 -18.75 -28.08
CA GLY H 12 13.40 -18.02 -27.55
C GLY H 12 13.09 -17.35 -26.23
N ALA H 13 11.87 -16.83 -26.10
CA ALA H 13 11.44 -16.26 -24.83
C ALA H 13 11.24 -17.36 -23.79
N ALA H 14 10.55 -18.43 -24.16
CA ALA H 14 10.21 -19.46 -23.19
C ALA H 14 11.46 -20.10 -22.59
N THR H 15 12.57 -20.10 -23.32
CA THR H 15 13.77 -20.74 -22.78
C THR H 15 14.19 -20.13 -21.46
N VAL H 16 13.96 -18.83 -21.26
CA VAL H 16 14.51 -18.16 -20.09
C VAL H 16 13.95 -18.71 -18.79
N GLY H 17 12.77 -19.34 -18.82
CA GLY H 17 12.25 -19.93 -17.60
C GLY H 17 13.28 -20.79 -16.90
N VAL H 18 14.24 -21.32 -17.65
CA VAL H 18 15.29 -22.16 -17.10
C VAL H 18 16.12 -21.43 -16.05
N ALA H 19 16.13 -20.10 -16.07
CA ALA H 19 16.95 -19.37 -15.11
C ALA H 19 16.52 -19.65 -13.69
N GLY H 20 15.22 -19.71 -13.45
CA GLY H 20 14.75 -19.99 -12.10
C GLY H 20 15.21 -21.33 -11.59
N SER H 21 15.13 -22.36 -12.43
CA SER H 21 15.62 -23.67 -12.04
C SER H 21 17.13 -23.63 -11.78
N GLY H 22 17.87 -22.89 -12.61
CA GLY H 22 19.30 -22.77 -12.36
C GLY H 22 19.59 -22.18 -11.00
N ALA H 23 18.92 -21.08 -10.67
CA ALA H 23 19.13 -20.44 -9.38
C ALA H 23 18.72 -21.36 -8.24
N GLY H 24 17.63 -22.11 -8.43
CA GLY H 24 17.20 -23.03 -7.40
C GLY H 24 18.22 -24.13 -7.15
N ILE H 25 18.79 -24.68 -8.21
CA ILE H 25 19.84 -25.67 -8.03
C ILE H 25 21.01 -25.06 -7.29
N GLY H 26 21.39 -23.84 -7.68
CA GLY H 26 22.51 -23.20 -7.00
C GLY H 26 22.26 -23.07 -5.51
N THR H 27 21.07 -22.59 -5.14
CA THR H 27 20.82 -22.34 -3.73
C THR H 27 20.67 -23.64 -2.96
N VAL H 28 20.08 -24.67 -3.56
CA VAL H 28 19.93 -25.93 -2.83
C VAL H 28 21.29 -26.56 -2.60
N PHE H 29 22.18 -26.50 -3.58
CA PHE H 29 23.51 -27.04 -3.34
C PHE H 29 24.28 -26.20 -2.33
N GLY H 30 24.06 -24.88 -2.33
CA GLY H 30 24.69 -24.07 -1.31
C GLY H 30 24.23 -24.43 0.09
N SER H 31 22.93 -24.65 0.24
CA SER H 31 22.41 -25.09 1.53
C SER H 31 22.97 -26.46 1.90
N LEU H 32 23.13 -27.33 0.92
CA LEU H 32 23.77 -28.62 1.18
C LEU H 32 25.16 -28.41 1.76
N ILE H 33 25.95 -27.55 1.12
CA ILE H 33 27.29 -27.29 1.63
C ILE H 33 27.23 -26.81 3.07
N ILE H 34 26.36 -25.84 3.34
CA ILE H 34 26.30 -25.26 4.68
C ILE H 34 25.91 -26.34 5.70
N GLY H 35 24.83 -27.06 5.42
CA GLY H 35 24.34 -28.04 6.37
C GLY H 35 25.37 -29.13 6.63
N TYR H 36 25.96 -29.66 5.56
CA TYR H 36 26.99 -30.68 5.75
C TYR H 36 28.14 -30.14 6.58
N ALA H 37 28.59 -28.91 6.28
CA ALA H 37 29.68 -28.35 7.06
C ALA H 37 29.32 -28.24 8.53
N ARG H 38 28.05 -27.99 8.84
CA ARG H 38 27.64 -27.86 10.22
C ARG H 38 27.42 -29.20 10.91
N ASN H 39 27.31 -30.28 10.15
CA ASN H 39 26.95 -31.56 10.73
C ASN H 39 27.49 -32.68 9.85
N PRO H 40 28.81 -32.74 9.65
CA PRO H 40 29.35 -33.66 8.63
C PRO H 40 28.95 -35.10 8.81
N SER H 41 28.42 -35.47 9.97
CA SER H 41 28.02 -36.85 10.19
C SER H 41 26.90 -37.27 9.23
N LEU H 42 25.94 -36.39 9.02
CA LEU H 42 24.71 -36.76 8.30
C LEU H 42 24.87 -36.67 6.78
N M3L H 43 26.12 -36.56 6.32
CA M3L H 43 26.42 -36.41 4.92
CB M3L H 43 27.85 -36.90 4.62
CG M3L H 43 28.35 -36.40 3.27
CD M3L H 43 29.14 -37.50 2.57
CE M3L H 43 30.33 -37.87 3.46
NZ M3L H 43 31.57 -38.45 2.82
C M3L H 43 25.50 -37.15 3.95
O M3L H 43 24.95 -36.60 2.99
CM1 M3L H 43 32.64 -38.65 3.84
CM2 M3L H 43 32.09 -37.58 1.73
CM3 M3L H 43 31.22 -39.79 2.24
HA M3L H 43 26.36 -35.31 4.66
HB2 M3L H 43 27.83 -38.02 4.63
HB3 M3L H 43 28.54 -36.57 5.43
HG2 M3L H 43 29.00 -35.50 3.43
HG3 M3L H 43 27.48 -36.08 2.63
HD2 M3L H 43 29.46 -37.12 1.57
HD3 M3L H 43 28.46 -38.37 2.40
HE2 M3L H 43 29.98 -38.62 4.23
HE3 M3L H 43 30.66 -36.94 4.01
HM11 M3L H 43 33.42 -39.36 3.43
HM12 M3L H 43 32.19 -39.07 4.78
HM13 M3L H 43 33.13 -37.67 4.05
HM21 M3L H 43 33.15 -37.87 1.50
HM22 M3L H 43 32.05 -36.51 2.06
HM23 M3L H 43 31.47 -37.71 0.81
HM31 M3L H 43 32.11 -40.21 1.72
HM32 M3L H 43 30.38 -39.67 1.51
HM33 M3L H 43 30.90 -40.48 3.07
N GLN H 44 25.32 -38.43 4.21
CA GLN H 44 24.54 -39.27 3.32
C GLN H 44 23.10 -38.80 3.25
N GLN H 45 22.51 -38.53 4.41
CA GLN H 45 21.13 -38.08 4.46
C GLN H 45 20.98 -36.73 3.75
N LEU H 46 21.92 -35.82 4.00
CA LEU H 46 21.87 -34.51 3.35
C LEU H 46 21.94 -34.65 1.84
N PHE H 47 22.84 -35.50 1.34
CA PHE H 47 22.94 -35.69 -0.11
C PHE H 47 21.68 -36.33 -0.66
N SER H 48 21.07 -37.24 0.10
CA SER H 48 19.79 -37.76 -0.33
C SER H 48 18.82 -36.61 -0.60
N TYR H 49 18.67 -35.73 0.40
CA TYR H 49 17.74 -34.61 0.23
C TYR H 49 18.16 -33.69 -0.92
N ALA H 50 19.45 -33.42 -1.02
CA ALA H 50 19.92 -32.44 -1.99
C ALA H 50 19.75 -32.94 -3.41
N ILE H 51 20.10 -34.20 -3.67
CA ILE H 51 19.89 -34.76 -4.99
C ILE H 51 18.41 -34.84 -5.30
N LEU H 52 17.60 -35.23 -4.31
CA LEU H 52 16.17 -35.28 -4.55
C LEU H 52 15.66 -33.91 -4.99
N GLY H 53 16.02 -32.87 -4.25
CA GLY H 53 15.58 -31.52 -4.60
C GLY H 53 16.14 -31.05 -5.93
N PHE H 54 17.40 -31.39 -6.22
CA PHE H 54 17.98 -31.05 -7.51
C PHE H 54 17.14 -31.58 -8.65
N ALA H 55 16.88 -32.89 -8.64
CA ALA H 55 16.06 -33.46 -9.69
C ALA H 55 14.66 -32.88 -9.65
N LEU H 56 14.19 -32.53 -8.46
CA LEU H 56 12.81 -32.13 -8.25
C LEU H 56 12.55 -30.68 -8.65
N SER H 57 13.60 -29.89 -8.88
CA SER H 57 13.47 -28.60 -9.56
C SER H 57 13.93 -28.66 -11.02
N GLU H 58 14.87 -29.54 -11.34
CA GLU H 58 15.13 -29.85 -12.73
C GLU H 58 13.85 -30.27 -13.42
N ALA H 59 12.94 -30.87 -12.67
CA ALA H 59 11.58 -31.08 -13.16
C ALA H 59 11.07 -29.82 -13.85
N MET H 60 10.97 -28.72 -13.10
CA MET H 60 10.44 -27.48 -13.68
C MET H 60 11.32 -26.99 -14.82
N GLY H 61 12.63 -27.06 -14.65
CA GLY H 61 13.52 -26.57 -15.70
C GLY H 61 13.34 -27.26 -17.04
N LEU H 62 13.61 -28.57 -17.05
CA LEU H 62 13.39 -29.34 -18.26
C LEU H 62 11.94 -29.30 -18.70
N PHE H 63 11.00 -29.00 -17.80
CA PHE H 63 9.62 -28.87 -18.22
C PHE H 63 9.43 -27.62 -19.07
N CYS H 64 10.05 -26.51 -18.67
CA CYS H 64 10.03 -25.31 -19.50
C CYS H 64 10.67 -25.60 -20.86
N LEU H 65 11.79 -26.32 -20.85
CA LEU H 65 12.42 -26.68 -22.12
C LEU H 65 11.46 -27.50 -22.97
N MET H 66 10.74 -28.44 -22.35
CA MET H 66 9.77 -29.25 -23.08
C MET H 66 8.68 -28.39 -23.70
N VAL H 67 8.19 -27.41 -22.94
CA VAL H 67 7.15 -26.52 -23.48
C VAL H 67 7.68 -25.74 -24.66
N ALA H 68 8.93 -25.28 -24.58
CA ALA H 68 9.52 -24.57 -25.71
C ALA H 68 9.56 -25.47 -26.95
N PHE H 69 10.02 -26.71 -26.78
CA PHE H 69 10.11 -27.60 -27.91
C PHE H 69 8.73 -27.95 -28.47
N LEU H 70 7.74 -28.12 -27.59
CA LEU H 70 6.38 -28.36 -28.06
C LEU H 70 5.88 -27.18 -28.88
N ILE H 71 6.14 -25.96 -28.42
CA ILE H 71 5.76 -24.79 -29.20
C ILE H 71 6.40 -24.85 -30.58
N LEU H 72 7.70 -25.08 -30.63
CA LEU H 72 8.41 -25.07 -31.90
C LEU H 72 7.93 -26.17 -32.84
N PHE H 73 8.18 -27.43 -32.47
CA PHE H 73 8.05 -28.55 -33.38
C PHE H 73 6.77 -29.34 -33.18
N ALA H 74 5.83 -28.82 -32.39
CA ALA H 74 4.53 -29.47 -32.23
C ALA H 74 3.40 -28.45 -32.17
N MET H 75 3.56 -27.33 -32.88
CA MET H 75 2.54 -26.29 -32.90
C MET H 75 2.29 -25.78 -31.49
N ASP I 1 14.14 -10.88 -44.75
CA ASP I 1 12.93 -11.68 -44.38
C ASP I 1 12.84 -11.83 -42.87
N ILE I 2 11.61 -11.90 -42.37
CA ILE I 2 11.41 -12.04 -40.93
C ILE I 2 12.13 -13.26 -40.41
N ASP I 3 11.94 -14.41 -41.06
CA ASP I 3 12.62 -15.62 -40.61
C ASP I 3 14.13 -15.49 -40.75
N THR I 4 14.59 -14.62 -41.63
CA THR I 4 15.99 -14.25 -41.68
C THR I 4 16.35 -13.21 -40.63
N ALA I 5 15.36 -12.72 -39.89
CA ALA I 5 15.56 -11.76 -38.82
C ALA I 5 15.12 -12.29 -37.47
N ALA I 6 14.01 -13.02 -37.42
CA ALA I 6 13.51 -13.53 -36.14
C ALA I 6 14.54 -14.42 -35.45
N LYS I 7 15.47 -14.99 -36.20
CA LYS I 7 16.52 -15.79 -35.58
C LYS I 7 17.23 -14.98 -34.51
N PHE I 8 17.61 -13.75 -34.84
CA PHE I 8 18.46 -12.96 -33.96
C PHE I 8 17.71 -12.58 -32.69
N ILE I 9 16.47 -12.11 -32.86
CA ILE I 9 15.64 -11.77 -31.71
C ILE I 9 15.42 -12.99 -30.83
N GLY I 10 15.12 -14.15 -31.43
CA GLY I 10 14.91 -15.35 -30.64
C GLY I 10 16.15 -15.73 -29.85
N ALA I 11 17.31 -15.70 -30.49
CA ALA I 11 18.55 -16.05 -29.80
C ALA I 11 18.82 -15.06 -28.67
N GLY I 12 18.59 -13.77 -28.91
CA GLY I 12 18.82 -12.80 -27.87
C GLY I 12 17.93 -13.00 -26.67
N ALA I 13 16.64 -13.26 -26.92
CA ALA I 13 15.70 -13.47 -25.83
C ALA I 13 15.84 -14.83 -25.19
N ALA I 14 16.59 -15.74 -25.80
CA ALA I 14 16.88 -17.02 -25.16
C ALA I 14 18.16 -16.99 -24.34
N THR I 15 19.14 -16.19 -24.75
CA THR I 15 20.42 -16.17 -24.03
C THR I 15 20.29 -15.63 -22.61
N VAL I 16 19.18 -14.96 -22.29
CA VAL I 16 19.00 -14.44 -20.94
C VAL I 16 18.98 -15.56 -19.91
N GLY I 17 18.43 -16.72 -20.25
CA GLY I 17 18.30 -17.80 -19.29
C GLY I 17 19.59 -18.14 -18.58
N VAL I 18 20.71 -17.67 -19.14
CA VAL I 18 22.01 -17.86 -18.49
C VAL I 18 22.06 -17.15 -17.15
N ALA I 19 21.20 -16.14 -16.93
CA ALA I 19 21.28 -15.36 -15.71
C ALA I 19 21.00 -16.23 -14.49
N GLY I 20 20.05 -17.14 -14.60
CA GLY I 20 19.75 -18.02 -13.48
C GLY I 20 20.94 -18.86 -13.09
N SER I 21 21.64 -19.43 -14.07
CA SER I 21 22.82 -20.21 -13.76
C SER I 21 23.91 -19.32 -13.17
N GLY I 22 24.01 -18.07 -13.61
CA GLY I 22 24.95 -17.16 -12.99
C GLY I 22 24.67 -16.99 -11.52
N ALA I 23 23.41 -16.74 -11.18
CA ALA I 23 23.04 -16.60 -9.78
C ALA I 23 23.28 -17.89 -9.02
N GLY I 24 23.04 -19.03 -9.65
CA GLY I 24 23.23 -20.30 -8.98
C GLY I 24 24.69 -20.55 -8.63
N ILE I 25 25.59 -20.32 -9.58
CA ILE I 25 27.01 -20.48 -9.28
C ILE I 25 27.42 -19.48 -8.21
N GLY I 26 26.92 -18.26 -8.28
CA GLY I 26 27.26 -17.29 -7.25
C GLY I 26 26.87 -17.77 -5.87
N THR I 27 25.65 -18.27 -5.73
CA THR I 27 25.18 -18.67 -4.41
C THR I 27 25.88 -19.92 -3.92
N VAL I 28 26.18 -20.87 -4.81
CA VAL I 28 26.85 -22.07 -4.35
C VAL I 28 28.26 -21.75 -3.90
N PHE I 29 28.95 -20.85 -4.62
CA PHE I 29 30.27 -20.44 -4.16
C PHE I 29 30.18 -19.68 -2.84
N GLY I 30 29.15 -18.85 -2.67
CA GLY I 30 28.96 -18.19 -1.40
C GLY I 30 28.79 -19.18 -0.27
N SER I 31 27.97 -20.21 -0.49
CA SER I 31 27.79 -21.22 0.54
C SER I 31 29.08 -21.93 0.86
N LEU I 32 29.85 -22.31 -0.16
CA LEU I 32 31.15 -22.90 0.10
C LEU I 32 31.98 -22.01 0.98
N ILE I 33 32.10 -20.73 0.63
CA ILE I 33 33.02 -19.91 1.38
C ILE I 33 32.55 -19.75 2.81
N ILE I 34 31.24 -19.68 3.03
CA ILE I 34 30.73 -19.61 4.41
C ILE I 34 31.10 -20.89 5.17
N GLY I 35 30.78 -22.03 4.57
CA GLY I 35 30.99 -23.30 5.28
C GLY I 35 32.45 -23.55 5.57
N TYR I 36 33.30 -23.31 4.58
CA TYR I 36 34.73 -23.45 4.82
C TYR I 36 35.21 -22.46 5.85
N ALA I 37 34.65 -21.24 5.85
CA ALA I 37 35.07 -20.25 6.83
C ALA I 37 34.79 -20.73 8.25
N ARG I 38 33.65 -21.38 8.45
CA ARG I 38 33.30 -21.79 9.81
C ARG I 38 34.23 -22.87 10.33
N ASN I 39 34.30 -24.02 9.65
CA ASN I 39 35.24 -25.09 10.02
C ASN I 39 36.20 -25.38 8.88
N PRO I 40 37.33 -24.69 8.81
CA PRO I 40 38.19 -24.82 7.62
C PRO I 40 38.82 -26.19 7.45
N SER I 41 38.69 -27.08 8.43
CA SER I 41 39.37 -28.38 8.41
C SER I 41 38.57 -29.44 7.68
N LEU I 42 37.73 -29.05 6.73
CA LEU I 42 36.97 -30.01 5.93
C LEU I 42 36.93 -29.53 4.48
N M3L I 43 37.79 -28.56 4.18
CA M3L I 43 37.73 -27.83 2.94
CB M3L I 43 38.91 -26.86 2.81
CG M3L I 43 40.16 -27.54 2.27
CD M3L I 43 41.38 -26.67 2.49
CE M3L I 43 41.68 -25.94 1.18
NZ M3L I 43 42.89 -25.04 1.17
C M3L I 43 37.70 -28.64 1.64
O M3L I 43 37.09 -28.26 0.65
CM1 M3L I 43 44.15 -25.83 1.17
CM2 M3L I 43 42.88 -24.12 2.33
CM3 M3L I 43 42.84 -24.23 -0.10
HA M3L I 43 36.77 -27.22 2.95
HB2 M3L I 43 39.11 -26.45 3.85
HB3 M3L I 43 38.63 -26.00 2.16
HG2 M3L I 43 40.04 -27.74 1.18
HG3 M3L I 43 40.30 -28.52 2.79
HD2 M3L I 43 42.24 -27.31 2.79
HD3 M3L I 43 41.18 -25.94 3.33
HE2 M3L I 43 40.79 -25.29 0.91
HE3 M3L I 43 41.83 -26.70 0.36
HM11 M3L I 43 45.03 -25.15 0.95
HM12 M3L I 43 44.10 -26.64 0.39
HM13 M3L I 43 44.30 -26.29 2.18
HM21 M3L I 43 43.61 -23.28 2.15
HM22 M3L I 43 43.18 -24.67 3.26
HM23 M3L I 43 41.85 -23.69 2.47
HM31 M3L I 43 43.73 -23.55 -0.14
HM32 M3L I 43 41.89 -23.63 -0.12
HM33 M3L I 43 42.86 -24.92 -0.98
N GLN I 44 38.39 -29.77 1.63
CA GLN I 44 38.51 -30.55 0.41
C GLN I 44 37.14 -31.08 0.02
N GLN I 45 36.42 -31.63 0.99
CA GLN I 45 35.10 -32.16 0.69
C GLN I 45 34.16 -31.07 0.21
N LEU I 46 34.22 -29.90 0.86
CA LEU I 46 33.38 -28.79 0.44
C LEU I 46 33.70 -28.36 -0.98
N PHE I 47 34.99 -28.29 -1.32
CA PHE I 47 35.37 -27.91 -2.68
C PHE I 47 34.89 -28.93 -3.68
N SER I 48 34.96 -30.22 -3.33
CA SER I 48 34.38 -31.24 -4.20
C SER I 48 32.92 -30.95 -4.47
N TYR I 49 32.15 -30.69 -3.41
CA TYR I 49 30.72 -30.46 -3.59
C TYR I 49 30.45 -29.17 -4.37
N ALA I 50 31.28 -28.14 -4.17
CA ALA I 50 31.07 -26.90 -4.90
C ALA I 50 31.36 -27.07 -6.38
N ILE I 51 32.40 -27.84 -6.72
CA ILE I 51 32.64 -28.13 -8.13
C ILE I 51 31.47 -28.91 -8.70
N LEU I 52 30.99 -29.92 -7.95
CA LEU I 52 29.77 -30.61 -8.35
C LEU I 52 28.67 -29.61 -8.71
N GLY I 53 28.27 -28.80 -7.74
CA GLY I 53 27.13 -27.91 -7.96
C GLY I 53 27.37 -26.89 -9.05
N PHE I 54 28.58 -26.32 -9.09
CA PHE I 54 28.89 -25.30 -10.08
C PHE I 54 28.81 -25.88 -11.49
N ALA I 55 29.48 -27.00 -11.72
CA ALA I 55 29.35 -27.63 -13.02
C ALA I 55 27.90 -27.99 -13.31
N LEU I 56 27.17 -28.41 -12.28
CA LEU I 56 25.83 -28.93 -12.50
C LEU I 56 24.83 -27.82 -12.85
N SER I 57 25.05 -26.60 -12.35
CA SER I 57 24.18 -25.48 -12.71
C SER I 57 24.65 -24.81 -13.99
N GLU I 58 25.97 -24.65 -14.15
CA GLU I 58 26.49 -24.19 -15.43
C GLU I 58 26.04 -25.12 -16.55
N ALA I 59 25.77 -26.38 -16.22
CA ALA I 59 25.22 -27.30 -17.22
C ALA I 59 23.87 -26.80 -17.73
N MET I 60 23.01 -26.36 -16.81
CA MET I 60 21.75 -25.77 -17.24
C MET I 60 21.97 -24.49 -18.03
N GLY I 61 22.92 -23.68 -17.58
CA GLY I 61 23.22 -22.46 -18.32
C GLY I 61 23.61 -22.76 -19.76
N LEU I 62 24.47 -23.77 -19.95
CA LEU I 62 24.86 -24.15 -21.30
C LEU I 62 23.73 -24.83 -22.04
N PHE I 63 22.80 -25.49 -21.34
CA PHE I 63 21.61 -26.01 -22.02
C PHE I 63 20.84 -24.86 -22.66
N CYS I 64 20.62 -23.80 -21.89
CA CYS I 64 19.95 -22.64 -22.48
C CYS I 64 20.75 -22.06 -23.62
N LEU I 65 22.07 -21.94 -23.46
CA LEU I 65 22.91 -21.41 -24.53
C LEU I 65 22.76 -22.22 -25.80
N MET I 66 22.83 -23.55 -25.68
CA MET I 66 22.79 -24.39 -26.87
C MET I 66 21.42 -24.37 -27.51
N VAL I 67 20.36 -24.20 -26.72
CA VAL I 67 19.06 -23.96 -27.33
C VAL I 67 19.07 -22.66 -28.13
N ALA I 68 19.70 -21.62 -27.58
CA ALA I 68 19.80 -20.37 -28.31
C ALA I 68 20.53 -20.56 -29.63
N PHE I 69 21.65 -21.29 -29.59
CA PHE I 69 22.40 -21.55 -30.82
C PHE I 69 21.58 -22.37 -31.81
N LEU I 70 20.90 -23.40 -31.31
CA LEU I 70 20.00 -24.17 -32.16
C LEU I 70 19.05 -23.27 -32.91
N ILE I 71 18.40 -22.37 -32.18
CA ILE I 71 17.43 -21.48 -32.82
C ILE I 71 18.13 -20.53 -33.79
N LEU I 72 19.34 -20.10 -33.44
CA LEU I 72 20.00 -19.05 -34.22
C LEU I 72 20.14 -19.46 -35.68
N PHE I 73 20.87 -20.54 -35.93
CA PHE I 73 21.06 -21.02 -37.30
C PHE I 73 20.80 -22.51 -37.45
N ALA I 74 21.14 -23.31 -36.46
CA ALA I 74 21.07 -24.76 -36.58
C ALA I 74 19.66 -25.30 -36.35
N MET I 75 18.64 -24.47 -36.45
CA MET I 75 17.26 -24.90 -36.26
C MET I 75 16.96 -26.17 -37.04
N GLU J 3 -11.56 4.58 -18.99
CA GLU J 3 -11.76 5.59 -17.97
C GLU J 3 -12.90 5.22 -17.04
N ASN J 4 -13.78 4.34 -17.51
CA ASN J 4 -14.93 3.94 -16.70
C ASN J 4 -14.53 3.40 -15.33
N LEU J 5 -13.24 3.17 -15.09
CA LEU J 5 -12.74 2.74 -13.79
C LEU J 5 -11.95 3.81 -13.04
N PHE J 6 -11.37 4.77 -13.74
CA PHE J 6 -10.63 5.84 -13.09
C PHE J 6 -11.52 6.94 -12.54
N THR J 7 -12.81 6.89 -12.83
CA THR J 7 -13.68 8.04 -12.56
C THR J 7 -13.57 8.50 -11.11
N SER J 8 -13.45 7.55 -10.18
CA SER J 8 -13.49 7.89 -8.76
C SER J 8 -12.19 8.52 -8.27
N PHE J 9 -11.29 8.93 -9.16
CA PHE J 9 -10.13 9.69 -8.76
C PHE J 9 -10.17 11.14 -9.23
N ILE J 10 -11.17 11.51 -10.03
CA ILE J 10 -11.28 12.88 -10.49
C ILE J 10 -11.67 13.78 -9.32
N THR J 11 -10.96 14.87 -9.15
CA THR J 11 -11.19 15.75 -8.02
C THR J 11 -12.66 16.17 -7.98
N PRO J 12 -13.33 16.11 -6.83
CA PRO J 12 -14.74 16.50 -6.79
C PRO J 12 -14.91 18.00 -6.94
N VAL J 13 -15.83 18.40 -7.80
CA VAL J 13 -16.29 19.78 -7.85
C VAL J 13 -17.76 19.76 -8.21
N ILE J 14 -18.62 20.06 -7.23
CA ILE J 14 -20.06 19.97 -7.46
C ILE J 14 -20.51 21.05 -8.42
N LEU J 15 -20.06 22.29 -8.21
CA LEU J 15 -20.16 23.35 -9.20
C LEU J 15 -18.76 23.90 -9.41
N GLY J 16 -18.63 24.99 -10.14
CA GLY J 16 -17.30 25.48 -10.43
C GLY J 16 -16.62 26.05 -9.21
N LEU J 17 -16.47 25.25 -8.16
CA LEU J 17 -15.84 25.71 -6.93
C LEU J 17 -15.30 24.49 -6.18
N PRO J 18 -14.31 24.68 -5.32
CA PRO J 18 -13.61 23.53 -4.73
C PRO J 18 -14.36 22.87 -3.59
N LEU J 19 -15.26 21.93 -3.92
CA LEU J 19 -15.84 21.10 -2.88
C LEU J 19 -14.79 20.28 -2.17
N VAL J 20 -13.68 19.99 -2.84
CA VAL J 20 -12.72 19.03 -2.30
C VAL J 20 -12.22 19.47 -0.95
N THR J 21 -12.22 20.79 -0.68
CA THR J 21 -11.67 21.26 0.58
C THR J 21 -12.48 20.81 1.79
N LEU J 22 -13.67 20.27 1.58
CA LEU J 22 -14.35 19.61 2.68
C LEU J 22 -13.88 18.17 2.82
N ILE J 23 -13.78 17.45 1.71
CA ILE J 23 -13.28 16.08 1.76
C ILE J 23 -11.90 16.05 2.39
N VAL J 24 -11.03 16.95 1.94
CA VAL J 24 -9.66 17.02 2.45
C VAL J 24 -9.61 17.46 3.89
N LEU J 25 -10.73 17.91 4.46
CA LEU J 25 -10.74 18.53 5.76
C LEU J 25 -11.70 17.85 6.74
N PHE J 26 -12.64 17.06 6.25
CA PHE J 26 -13.53 16.34 7.15
C PHE J 26 -12.80 15.48 8.17
N PRO J 27 -11.75 14.72 7.80
CA PRO J 27 -11.03 13.93 8.81
C PRO J 27 -10.86 14.68 10.12
N SER J 28 -10.62 15.97 10.03
CA SER J 28 -10.35 16.76 11.22
C SER J 28 -11.45 16.58 12.26
N LEU J 29 -12.68 16.80 11.88
CA LEU J 29 -13.66 16.78 12.95
C LEU J 29 -13.92 15.42 13.47
N LEU J 30 -13.18 14.39 13.08
CA LEU J 30 -13.24 13.10 13.74
C LEU J 30 -12.26 13.01 14.91
N PHE J 31 -11.51 14.06 15.18
CA PHE J 31 -10.51 14.08 16.25
C PHE J 31 -10.91 15.11 17.29
N PRO J 32 -12.01 14.88 17.99
CA PRO J 32 -12.47 15.86 18.97
C PRO J 32 -11.38 16.13 19.99
N THR J 33 -11.50 17.29 20.63
CA THR J 33 -10.56 17.70 21.68
C THR J 33 -11.36 18.15 22.89
N SER J 34 -10.73 18.08 24.05
CA SER J 34 -11.38 18.47 25.29
C SER J 34 -10.33 18.89 26.30
N ASN J 35 -10.77 19.65 27.29
CA ASN J 35 -9.90 20.12 28.37
C ASN J 35 -10.37 19.60 29.73
N ARG J 36 -11.15 18.52 29.74
CA ARG J 36 -11.49 17.89 31.01
C ARG J 36 -10.37 16.94 31.41
N LEU J 37 -10.52 16.32 32.57
CA LEU J 37 -9.52 15.39 33.09
C LEU J 37 -9.97 13.96 33.06
N VAL J 38 -11.27 13.71 32.95
CA VAL J 38 -11.79 12.37 32.71
C VAL J 38 -12.75 12.51 31.53
N SER J 39 -12.23 12.35 30.32
CA SER J 39 -12.98 12.60 29.11
C SER J 39 -13.78 11.37 28.71
N ASN J 40 -14.58 11.54 27.67
CA ASN J 40 -15.23 10.39 27.07
C ASN J 40 -14.17 9.42 26.56
N ARG J 41 -14.61 8.22 26.21
CA ARG J 41 -13.69 7.24 25.65
C ARG J 41 -13.05 7.77 24.39
N PHE J 42 -13.83 8.47 23.58
CA PHE J 42 -13.39 8.89 22.25
C PHE J 42 -12.15 9.77 22.28
N VAL J 43 -11.88 10.44 23.39
CA VAL J 43 -10.70 11.28 23.51
C VAL J 43 -9.63 10.66 24.40
N THR J 44 -10.01 9.83 25.37
CA THR J 44 -9.00 9.09 26.11
C THR J 44 -8.22 8.19 25.18
N LEU J 45 -8.91 7.51 24.26
CA LEU J 45 -8.22 6.62 23.35
C LEU J 45 -7.25 7.39 22.46
N GLN J 46 -7.65 8.54 21.96
CA GLN J 46 -6.75 9.29 21.09
C GLN J 46 -5.60 9.91 21.87
N GLN J 47 -5.83 10.31 23.12
CA GLN J 47 -4.74 10.78 23.95
C GLN J 47 -3.72 9.66 24.15
N TRP J 48 -4.21 8.45 24.45
CA TRP J 48 -3.31 7.32 24.61
C TRP J 48 -2.56 7.02 23.32
N MET J 49 -3.26 7.10 22.18
CA MET J 49 -2.64 6.80 20.90
C MET J 49 -1.55 7.80 20.56
N LEU J 50 -1.81 9.09 20.78
CA LEU J 50 -0.76 10.09 20.56
C LEU J 50 0.42 9.84 21.49
N GLN J 51 0.15 9.57 22.77
CA GLN J 51 1.24 9.28 23.68
C GLN J 51 2.09 8.14 23.15
N LEU J 52 1.44 7.03 22.81
CA LEU J 52 2.15 5.84 22.36
C LEU J 52 2.97 6.14 21.11
N VAL J 53 2.34 6.70 20.09
CA VAL J 53 3.04 6.89 18.83
C VAL J 53 4.19 7.88 18.99
N SER J 54 3.98 8.97 19.72
CA SER J 54 5.04 9.94 19.89
C SER J 54 6.23 9.33 20.61
N LYS J 55 5.99 8.63 21.72
CA LYS J 55 7.11 8.00 22.42
C LYS J 55 7.75 6.91 21.57
N GLN J 56 6.99 6.27 20.68
CA GLN J 56 7.56 5.22 19.86
C GLN J 56 8.45 5.78 18.76
N MET J 57 8.04 6.90 18.15
CA MET J 57 8.77 7.43 17.00
C MET J 57 9.78 8.49 17.39
N MET J 58 9.34 9.57 18.00
CA MET J 58 10.22 10.72 18.15
C MET J 58 11.30 10.50 19.20
N SER J 59 11.40 9.32 19.79
CA SER J 59 12.37 9.11 20.85
C SER J 59 13.80 9.33 20.36
N ILE J 60 14.11 8.84 19.16
CA ILE J 60 15.50 8.84 18.70
C ILE J 60 16.03 10.26 18.56
N HIS J 61 15.18 11.18 18.13
CA HIS J 61 15.65 12.53 17.83
C HIS J 61 16.04 13.27 19.10
N ASN J 62 16.96 14.21 18.96
CA ASN J 62 17.32 15.11 20.04
C ASN J 62 16.35 16.29 20.06
N SER J 63 16.58 17.23 20.97
CA SER J 63 15.65 18.34 21.15
C SER J 63 15.43 19.10 19.84
N LYS J 64 16.52 19.49 19.19
CA LYS J 64 16.40 20.28 17.98
C LYS J 64 15.66 19.54 16.89
N GLY J 65 15.55 18.22 17.00
CA GLY J 65 14.72 17.46 16.09
C GLY J 65 13.35 17.21 16.71
N GLN J 66 13.31 17.08 18.04
CA GLN J 66 12.04 16.88 18.70
C GLN J 66 11.09 18.04 18.49
N THR J 67 11.62 19.20 18.12
CA THR J 67 10.73 20.34 17.88
C THR J 67 9.67 20.01 16.85
N TRP J 68 9.98 19.11 15.91
CA TRP J 68 9.03 18.73 14.86
C TRP J 68 8.03 17.69 15.33
N THR J 69 7.90 17.46 16.64
CA THR J 69 7.00 16.41 17.11
C THR J 69 5.58 16.68 16.65
N LEU J 70 5.12 17.91 16.81
CA LEU J 70 3.76 18.23 16.42
C LEU J 70 3.60 18.08 14.92
N MET J 71 4.58 18.53 14.15
CA MET J 71 4.52 18.36 12.71
C MET J 71 4.27 16.90 12.37
N LEU J 72 5.10 16.02 12.92
CA LEU J 72 5.04 14.62 12.52
C LEU J 72 3.77 13.95 13.03
N MET J 73 3.33 14.28 14.24
CA MET J 73 2.11 13.66 14.74
C MET J 73 0.90 14.10 13.93
N SER J 74 0.80 15.39 13.62
CA SER J 74 -0.28 15.83 12.75
C SER J 74 -0.18 15.15 11.40
N LEU J 75 1.04 14.93 10.91
CA LEU J 75 1.21 14.30 9.61
C LEU J 75 0.67 12.88 9.62
N ILE J 76 1.10 12.08 10.59
CA ILE J 76 0.65 10.70 10.65
C ILE J 76 -0.85 10.64 10.84
N LEU J 77 -1.40 11.47 11.72
CA LEU J 77 -2.85 11.43 11.91
C LEU J 77 -3.58 11.82 10.64
N PHE J 78 -3.11 12.84 9.94
CA PHE J 78 -3.77 13.28 8.73
C PHE J 78 -3.79 12.16 7.70
N ILE J 79 -2.65 11.53 7.47
CA ILE J 79 -2.60 10.51 6.42
C ILE J 79 -3.38 9.28 6.83
N GLY J 80 -3.19 8.81 8.06
CA GLY J 80 -3.89 7.63 8.52
C GLY J 80 -5.38 7.83 8.67
N SER J 81 -5.85 9.08 8.70
CA SER J 81 -7.28 9.33 8.70
C SER J 81 -7.81 9.49 7.29
N THR J 82 -7.12 10.24 6.43
CA THR J 82 -7.58 10.38 5.06
C THR J 82 -7.69 9.02 4.40
N ASN J 83 -6.67 8.17 4.56
CA ASN J 83 -6.73 6.86 3.92
C ASN J 83 -7.89 6.04 4.46
N LEU J 84 -7.99 5.93 5.78
CA LEU J 84 -9.02 5.09 6.37
C LEU J 84 -10.40 5.54 5.96
N LEU J 85 -10.65 6.85 5.98
CA LEU J 85 -11.95 7.33 5.49
C LEU J 85 -12.12 7.01 4.02
N GLY J 86 -11.09 7.26 3.22
CA GLY J 86 -11.21 7.03 1.79
C GLY J 86 -11.57 5.60 1.47
N LEU J 87 -11.22 4.66 2.34
CA LEU J 87 -11.59 3.28 2.05
C LEU J 87 -13.09 3.05 2.02
N LEU J 88 -13.89 3.92 2.64
CA LEU J 88 -15.33 3.73 2.70
C LEU J 88 -15.91 3.62 1.29
N PRO J 89 -17.18 3.24 1.16
CA PRO J 89 -17.68 2.81 -0.15
C PRO J 89 -17.41 3.74 -1.31
N HIS J 90 -17.93 4.97 -1.29
CA HIS J 90 -17.78 5.86 -2.43
C HIS J 90 -16.84 7.03 -2.15
N SER J 91 -16.19 7.03 -0.99
CA SER J 91 -15.35 8.15 -0.60
C SER J 91 -14.35 8.51 -1.69
N PHE J 92 -13.78 9.71 -1.60
CA PHE J 92 -12.75 10.17 -2.51
C PHE J 92 -11.48 10.36 -1.68
N THR J 93 -10.60 9.36 -1.72
CA THR J 93 -9.40 9.39 -0.89
C THR J 93 -8.44 10.42 -1.43
N PRO J 94 -8.31 11.59 -0.79
CA PRO J 94 -7.52 12.66 -1.39
C PRO J 94 -6.06 12.32 -1.52
N THR J 95 -5.53 11.35 -0.78
CA THR J 95 -4.12 11.01 -0.93
C THR J 95 -3.84 10.22 -2.20
N THR J 96 -4.86 9.78 -2.93
CA THR J 96 -4.63 9.20 -4.25
C THR J 96 -4.19 10.24 -5.26
N GLN J 97 -4.26 11.53 -4.92
CA GLN J 97 -3.86 12.58 -5.83
C GLN J 97 -2.37 12.82 -5.70
N LEU J 98 -1.63 12.70 -6.79
CA LEU J 98 -0.20 12.96 -6.74
C LEU J 98 0.06 14.39 -6.29
N SER J 99 -0.90 15.29 -6.52
CA SER J 99 -0.70 16.68 -6.15
C SER J 99 -0.50 16.83 -4.65
N MET J 100 -1.42 16.28 -3.86
CA MET J 100 -1.32 16.47 -2.42
C MET J 100 -0.12 15.72 -1.85
N ASN J 101 0.14 14.51 -2.33
CA ASN J 101 1.31 13.79 -1.84
C ASN J 101 2.58 14.57 -2.13
N LEU J 102 2.67 15.16 -3.32
CA LEU J 102 3.83 15.98 -3.63
C LEU J 102 3.93 17.17 -2.70
N GLY J 103 2.80 17.83 -2.44
CA GLY J 103 2.78 18.97 -1.55
C GLY J 103 3.12 18.61 -0.12
N MET J 104 2.87 17.36 0.28
CA MET J 104 3.23 16.92 1.62
C MET J 104 4.68 16.47 1.69
N ALA J 105 5.22 15.97 0.58
CA ALA J 105 6.56 15.40 0.59
C ALA J 105 7.63 16.46 0.41
N ILE J 106 7.49 17.30 -0.61
CA ILE J 106 8.55 18.26 -0.92
C ILE J 106 8.81 19.21 0.23
N PRO J 107 7.81 19.81 0.87
CA PRO J 107 8.12 20.73 1.98
C PRO J 107 8.87 20.07 3.11
N LEU J 108 8.43 18.88 3.55
CA LEU J 108 9.04 18.27 4.73
C LEU J 108 10.47 17.84 4.45
N TRP J 109 10.69 17.16 3.33
CA TRP J 109 12.05 16.76 2.99
C TRP J 109 12.93 17.98 2.78
N ALA J 110 12.40 19.00 2.11
CA ALA J 110 13.18 20.22 1.91
C ALA J 110 13.55 20.84 3.24
N GLY J 111 12.62 20.87 4.18
CA GLY J 111 12.92 21.41 5.49
C GLY J 111 14.00 20.62 6.20
N ALA J 112 13.93 19.29 6.10
CA ALA J 112 14.96 18.47 6.74
C ALA J 112 16.33 18.74 6.13
N VAL J 113 16.40 18.75 4.81
CA VAL J 113 17.68 18.97 4.14
C VAL J 113 18.24 20.35 4.49
N ILE J 114 17.38 21.36 4.46
CA ILE J 114 17.85 22.71 4.74
C ILE J 114 18.26 22.84 6.21
N THR J 115 17.57 22.14 7.11
CA THR J 115 18.01 22.14 8.50
C THR J 115 19.38 21.53 8.63
N GLY J 116 19.65 20.46 7.90
CA GLY J 116 20.99 19.91 7.88
C GLY J 116 21.99 20.92 7.36
N PHE J 117 21.59 21.74 6.38
CA PHE J 117 22.50 22.68 5.77
C PHE J 117 22.79 23.87 6.68
N ARG J 118 21.74 24.48 7.24
CA ARG J 118 21.91 25.69 8.04
C ARG J 118 22.72 25.44 9.29
N ASN J 119 22.44 24.34 10.00
CA ASN J 119 23.02 24.12 11.32
C ASN J 119 24.39 23.47 11.24
N LYS J 120 24.50 22.34 10.56
CA LYS J 120 25.71 21.51 10.62
C LYS J 120 26.23 21.25 9.22
N THR J 121 26.40 22.31 8.42
CA THR J 121 26.74 22.13 7.01
C THR J 121 28.00 21.31 6.81
N LYS J 122 28.90 21.28 7.80
CA LYS J 122 30.09 20.45 7.68
C LYS J 122 29.69 19.01 7.40
N ALA J 123 29.07 18.36 8.39
CA ALA J 123 28.67 16.96 8.21
C ALA J 123 27.58 16.83 7.18
N SER J 124 26.76 17.86 7.01
CA SER J 124 25.70 17.80 6.02
C SER J 124 26.26 17.62 4.62
N LEU J 125 27.35 18.33 4.30
CA LEU J 125 28.03 18.11 3.04
C LEU J 125 28.85 16.82 3.05
N ALA J 126 29.41 16.45 4.20
CA ALA J 126 30.23 15.26 4.24
C ALA J 126 29.43 13.99 4.00
N HIS J 127 28.16 13.97 4.38
CA HIS J 127 27.37 12.75 4.28
C HIS J 127 27.32 12.20 2.86
N PHE J 128 27.50 13.04 1.85
CA PHE J 128 27.48 12.55 0.47
C PHE J 128 28.65 11.64 0.15
N LEU J 129 29.64 11.56 1.03
CA LEU J 129 30.78 10.65 0.83
C LEU J 129 30.79 9.67 1.99
N PRO J 130 30.31 8.43 1.81
CA PRO J 130 30.26 7.51 2.94
C PRO J 130 31.63 7.28 3.56
N GLN J 131 31.63 7.14 4.88
CA GLN J 131 32.89 6.94 5.60
C GLN J 131 33.61 5.71 5.08
N GLY J 132 34.91 5.84 4.90
CA GLY J 132 35.75 4.70 4.61
C GLY J 132 35.75 4.24 3.17
N THR J 133 35.12 4.99 2.26
CA THR J 133 35.10 4.56 0.87
C THR J 133 36.52 4.52 0.32
N PRO J 134 36.89 3.49 -0.44
CA PRO J 134 38.20 3.49 -1.10
C PRO J 134 38.31 4.65 -2.08
N THR J 135 39.52 5.19 -2.18
CA THR J 135 39.72 6.42 -2.95
C THR J 135 39.28 6.30 -4.40
N PRO J 136 39.66 5.28 -5.17
CA PRO J 136 39.39 5.32 -6.61
C PRO J 136 37.92 5.39 -6.96
N LEU J 137 37.02 5.31 -5.98
CA LEU J 137 35.59 5.31 -6.23
C LEU J 137 34.90 6.59 -5.76
N ILE J 138 35.61 7.50 -5.11
CA ILE J 138 34.98 8.66 -4.47
C ILE J 138 33.97 9.30 -5.42
N PRO J 139 34.38 9.76 -6.60
CA PRO J 139 33.40 10.41 -7.48
C PRO J 139 32.30 9.47 -7.91
N MET J 140 32.68 8.33 -8.48
CA MET J 140 31.72 7.36 -8.98
C MET J 140 30.74 6.90 -7.91
N LEU J 141 30.99 7.21 -6.66
CA LEU J 141 30.05 6.95 -5.58
C LEU J 141 29.29 8.20 -5.14
N VAL J 142 29.98 9.34 -5.02
CA VAL J 142 29.30 10.57 -4.63
C VAL J 142 28.21 10.90 -5.63
N ILE J 143 28.50 10.77 -6.92
CA ILE J 143 27.51 11.07 -7.94
C ILE J 143 26.25 10.25 -7.74
N ILE J 144 26.33 9.15 -7.00
CA ILE J 144 25.13 8.40 -6.64
C ILE J 144 24.39 9.11 -5.52
N GLU J 145 25.07 9.36 -4.40
CA GLU J 145 24.40 9.91 -3.24
C GLU J 145 23.60 11.14 -3.61
N THR J 146 24.22 12.08 -4.33
CA THR J 146 23.51 13.30 -4.68
C THR J 146 22.19 12.97 -5.36
N ILE J 147 22.23 12.15 -6.40
CA ILE J 147 20.98 11.81 -7.05
C ILE J 147 20.10 11.03 -6.10
N SER J 148 20.68 10.09 -5.35
CA SER J 148 19.89 9.37 -4.36
C SER J 148 19.31 10.31 -3.32
N LEU J 149 19.88 11.50 -3.17
CA LEU J 149 19.26 12.49 -2.30
C LEU J 149 18.10 13.17 -3.01
N PHE J 150 18.30 13.62 -4.24
CA PHE J 150 17.29 14.46 -4.87
C PHE J 150 16.04 13.70 -5.25
N ILE J 151 16.00 12.38 -5.13
CA ILE J 151 14.73 11.68 -5.30
C ILE J 151 13.91 11.60 -4.03
N GLN J 152 14.53 11.46 -2.87
CA GLN J 152 13.79 11.12 -1.65
C GLN J 152 12.41 11.77 -1.63
N PRO J 153 12.24 13.04 -1.99
CA PRO J 153 10.88 13.57 -2.16
C PRO J 153 10.05 12.86 -3.23
N MET J 154 10.59 12.72 -4.45
CA MET J 154 9.77 12.17 -5.53
C MET J 154 9.37 10.74 -5.23
N ALA J 155 10.32 9.91 -4.82
CA ALA J 155 9.99 8.54 -4.46
C ALA J 155 9.04 8.51 -3.28
N LEU J 156 9.25 9.41 -2.32
CA LEU J 156 8.41 9.41 -1.13
C LEU J 156 6.95 9.70 -1.47
N ALA J 157 6.71 10.64 -2.38
CA ALA J 157 5.35 10.95 -2.78
C ALA J 157 4.76 9.83 -3.64
N VAL J 158 5.51 9.39 -4.65
CA VAL J 158 4.96 8.40 -5.57
C VAL J 158 4.68 7.10 -4.85
N ARG J 159 5.48 6.75 -3.84
CA ARG J 159 5.24 5.51 -3.10
C ARG J 159 3.85 5.52 -2.49
N LEU J 160 3.51 6.58 -1.76
CA LEU J 160 2.20 6.67 -1.14
C LEU J 160 1.11 6.71 -2.18
N THR J 161 1.29 7.52 -3.22
CA THR J 161 0.26 7.66 -4.24
C THR J 161 -0.06 6.32 -4.88
N ALA J 162 0.98 5.58 -5.27
CA ALA J 162 0.76 4.31 -5.93
C ALA J 162 0.19 3.29 -4.96
N ASN J 163 0.79 3.15 -3.77
CA ASN J 163 0.31 2.16 -2.82
C ASN J 163 -1.16 2.35 -2.52
N ILE J 164 -1.66 3.58 -2.60
CA ILE J 164 -3.07 3.81 -2.30
C ILE J 164 -3.94 3.62 -3.53
N THR J 165 -3.60 4.28 -4.64
CA THR J 165 -4.47 4.21 -5.81
C THR J 165 -4.52 2.80 -6.39
N ALA J 166 -3.39 2.10 -6.42
CA ALA J 166 -3.41 0.74 -6.96
C ALA J 166 -4.35 -0.14 -6.17
N GLY J 167 -4.34 -0.02 -4.85
CA GLY J 167 -5.26 -0.80 -4.06
C GLY J 167 -6.70 -0.40 -4.29
N HIS J 168 -6.96 0.90 -4.32
CA HIS J 168 -8.33 1.36 -4.56
C HIS J 168 -8.82 0.93 -5.92
N LEU J 169 -7.92 0.60 -6.83
CA LEU J 169 -8.32 0.15 -8.15
C LEU J 169 -8.46 -1.36 -8.23
N LEU J 170 -7.63 -2.09 -7.49
CA LEU J 170 -7.84 -3.53 -7.37
C LEU J 170 -9.20 -3.83 -6.78
N ILE J 171 -9.58 -3.12 -5.71
CA ILE J 171 -10.87 -3.41 -5.11
C ILE J 171 -11.97 -3.18 -6.13
N HIS J 172 -11.88 -2.08 -6.88
CA HIS J 172 -12.91 -1.78 -7.86
C HIS J 172 -12.97 -2.85 -8.95
N LEU J 173 -11.82 -3.31 -9.42
CA LEU J 173 -11.82 -4.28 -10.51
C LEU J 173 -12.32 -5.65 -10.05
N ILE J 174 -11.95 -6.06 -8.84
CA ILE J 174 -12.49 -7.29 -8.30
C ILE J 174 -13.99 -7.17 -8.13
N GLY J 175 -14.47 -6.00 -7.71
CA GLY J 175 -15.90 -5.78 -7.66
C GLY J 175 -16.55 -5.97 -9.01
N GLY J 176 -15.93 -5.41 -10.05
CA GLY J 176 -16.47 -5.59 -11.39
C GLY J 176 -16.52 -7.04 -11.79
N ALA J 177 -15.45 -7.79 -11.46
CA ALA J 177 -15.41 -9.20 -11.80
C ALA J 177 -16.55 -9.95 -11.12
N THR J 178 -16.73 -9.73 -9.82
CA THR J 178 -17.80 -10.46 -9.13
C THR J 178 -19.16 -10.06 -9.66
N LEU J 179 -19.36 -8.78 -9.94
CA LEU J 179 -20.65 -8.34 -10.48
C LEU J 179 -20.93 -9.03 -11.81
N ALA J 180 -19.97 -9.03 -12.72
CA ALA J 180 -20.18 -9.69 -13.99
C ALA J 180 -20.45 -11.17 -13.80
N LEU J 181 -19.67 -11.81 -12.93
CA LEU J 181 -19.82 -13.25 -12.75
C LEU J 181 -21.17 -13.61 -12.14
N MET J 182 -21.78 -12.69 -11.40
CA MET J 182 -23.08 -12.99 -10.80
C MET J 182 -24.05 -13.56 -11.85
N SER J 183 -23.84 -13.24 -13.12
CA SER J 183 -24.65 -13.80 -14.20
C SER J 183 -24.17 -15.18 -14.65
N ILE J 184 -22.98 -15.59 -14.22
CA ILE J 184 -22.42 -16.88 -14.60
C ILE J 184 -22.26 -17.72 -13.33
N SER J 185 -21.71 -18.92 -13.45
CA SER J 185 -21.58 -19.83 -12.32
C SER J 185 -21.19 -19.10 -11.05
N THR J 186 -22.03 -19.24 -10.02
CA THR J 186 -21.91 -18.38 -8.85
C THR J 186 -20.75 -18.76 -7.95
N THR J 187 -20.23 -19.99 -8.03
CA THR J 187 -19.10 -20.34 -7.20
C THR J 187 -17.90 -19.47 -7.51
N THR J 188 -17.68 -19.19 -8.79
CA THR J 188 -16.62 -18.25 -9.16
C THR J 188 -16.87 -16.90 -8.53
N ALA J 189 -18.12 -16.44 -8.56
CA ALA J 189 -18.44 -15.15 -7.95
C ALA J 189 -18.12 -15.16 -6.46
N LEU J 190 -18.46 -16.24 -5.77
CA LEU J 190 -18.23 -16.29 -4.33
C LEU J 190 -16.74 -16.33 -4.02
N ILE J 191 -15.95 -17.08 -4.78
CA ILE J 191 -14.51 -17.09 -4.50
C ILE J 191 -13.91 -15.72 -4.78
N THR J 192 -14.36 -15.05 -5.84
CA THR J 192 -13.88 -13.70 -6.09
C THR J 192 -14.29 -12.76 -4.98
N PHE J 193 -15.50 -12.94 -4.44
CA PHE J 193 -15.94 -12.11 -3.33
C PHE J 193 -15.09 -12.35 -2.09
N THR J 194 -14.68 -13.60 -1.87
CA THR J 194 -13.79 -13.88 -0.74
C THR J 194 -12.43 -13.22 -0.95
N ILE J 195 -11.91 -13.29 -2.17
CA ILE J 195 -10.68 -12.56 -2.46
C ILE J 195 -10.88 -11.07 -2.21
N LEU J 196 -12.09 -10.58 -2.49
CA LEU J 196 -12.39 -9.17 -2.23
C LEU J 196 -12.34 -8.86 -0.75
N ILE J 197 -12.88 -9.75 0.09
CA ILE J 197 -12.82 -9.55 1.53
C ILE J 197 -11.38 -9.50 2.00
N LEU J 198 -10.56 -10.44 1.51
CA LEU J 198 -9.15 -10.44 1.89
C LEU J 198 -8.48 -9.17 1.43
N LEU J 199 -8.81 -8.70 0.23
CA LEU J 199 -8.25 -7.45 -0.26
C LEU J 199 -8.63 -6.29 0.65
N THR J 200 -9.88 -6.24 1.09
CA THR J 200 -10.30 -5.12 1.94
C THR J 200 -9.53 -5.14 3.25
N ILE J 201 -9.31 -6.32 3.81
CA ILE J 201 -8.50 -6.41 5.02
C ILE J 201 -7.10 -5.89 4.75
N LEU J 202 -6.49 -6.36 3.67
CA LEU J 202 -5.15 -5.91 3.33
C LEU J 202 -5.13 -4.41 3.09
N GLU J 203 -6.26 -3.83 2.69
CA GLU J 203 -6.29 -2.42 2.37
C GLU J 203 -6.38 -1.56 3.62
N PHE J 204 -7.24 -1.94 4.58
CA PHE J 204 -7.12 -1.32 5.89
C PHE J 204 -5.74 -1.52 6.48
N ALA J 205 -5.03 -2.56 6.08
CA ALA J 205 -3.67 -2.73 6.56
C ALA J 205 -2.74 -1.70 5.93
N VAL J 206 -2.67 -1.69 4.59
CA VAL J 206 -1.73 -0.82 3.91
C VAL J 206 -2.05 0.65 4.12
N ALA J 207 -3.30 1.02 4.41
CA ALA J 207 -3.58 2.42 4.68
C ALA J 207 -2.78 2.91 5.88
N MET J 208 -2.93 2.22 7.01
CA MET J 208 -2.18 2.61 8.21
C MET J 208 -0.68 2.40 8.00
N ILE J 209 -0.30 1.30 7.36
CA ILE J 209 1.12 1.06 7.14
C ILE J 209 1.73 2.18 6.33
N GLN J 210 1.01 2.69 5.33
CA GLN J 210 1.53 3.74 4.49
C GLN J 210 1.61 5.05 5.24
N ALA J 211 0.57 5.39 6.01
CA ALA J 211 0.69 6.58 6.85
C ALA J 211 1.94 6.51 7.69
N TYR J 212 2.12 5.39 8.39
CA TYR J 212 3.23 5.24 9.31
C TYR J 212 4.56 5.29 8.58
N VAL J 213 4.66 4.64 7.43
CA VAL J 213 5.93 4.59 6.71
C VAL J 213 6.28 5.97 6.19
N PHE J 214 5.30 6.68 5.63
CA PHE J 214 5.57 8.04 5.16
C PHE J 214 6.14 8.88 6.29
N THR J 215 5.44 8.93 7.42
CA THR J 215 5.89 9.77 8.51
C THR J 215 7.23 9.30 9.06
N LEU J 216 7.44 7.99 9.15
CA LEU J 216 8.70 7.47 9.67
C LEU J 216 9.86 7.82 8.77
N LEU J 217 9.68 7.71 7.46
CA LEU J 217 10.75 8.09 6.55
C LEU J 217 11.08 9.56 6.70
N VAL J 218 10.05 10.41 6.79
CA VAL J 218 10.34 11.82 7.01
C VAL J 218 11.09 12.01 8.31
N SER J 219 10.70 11.27 9.34
CA SER J 219 11.32 11.44 10.66
C SER J 219 12.78 11.09 10.62
N LEU J 220 13.13 9.98 9.97
CA LEU J 220 14.55 9.60 9.97
C LEU J 220 15.35 10.46 9.01
N TYR J 221 14.73 10.94 7.93
CA TYR J 221 15.38 11.99 7.15
C TYR J 221 15.76 13.15 8.05
N LEU J 222 14.82 13.60 8.86
CA LEU J 222 15.10 14.69 9.79
C LEU J 222 16.24 14.31 10.72
N HIS J 223 16.19 13.10 11.27
CA HIS J 223 17.21 12.69 12.22
C HIS J 223 18.60 12.73 11.59
N ASP J 224 18.70 12.37 10.32
CA ASP J 224 19.99 12.47 9.65
C ASP J 224 20.47 13.91 9.57
N ASN J 225 19.54 14.86 9.59
CA ASN J 225 19.87 16.28 9.53
C ASN J 225 19.50 17.01 10.82
N THR J 226 19.54 16.31 11.94
CA THR J 226 19.18 16.90 13.23
C THR J 226 19.98 18.17 13.47
N PRO K 1 -14.42 22.59 37.70
CA PRO K 1 -15.56 23.51 37.58
C PRO K 1 -16.65 22.98 36.67
N VAL K 2 -16.26 22.44 35.52
CA VAL K 2 -17.20 22.01 34.49
C VAL K 2 -18.07 20.88 35.03
N PRO K 3 -19.29 20.69 34.53
CA PRO K 3 -20.20 19.69 35.08
C PRO K 3 -19.75 18.28 34.74
N PRO K 4 -20.55 17.26 35.04
CA PRO K 4 -20.19 15.89 34.66
C PRO K 4 -20.65 15.51 33.26
N LEU K 5 -19.93 14.56 32.69
CA LEU K 5 -20.37 13.95 31.44
C LEU K 5 -21.66 13.17 31.70
N PRO K 6 -22.63 13.25 30.83
CA PRO K 6 -23.80 12.37 30.97
C PRO K 6 -23.37 10.93 31.11
N GLU K 7 -24.22 10.10 31.69
CA GLU K 7 -23.81 8.73 32.00
C GLU K 7 -23.81 7.86 30.75
N HIS K 8 -24.82 8.02 29.89
CA HIS K 8 -24.85 7.41 28.56
C HIS K 8 -25.29 8.44 27.55
N GLY K 9 -24.90 8.22 26.30
CA GLY K 9 -25.49 8.91 25.18
C GLY K 9 -26.77 8.25 24.74
N GLY K 10 -27.49 8.94 23.87
CA GLY K 10 -28.77 8.42 23.40
C GLY K 10 -28.65 7.03 22.83
N LYS K 11 -29.58 6.14 23.20
CA LYS K 11 -29.57 4.78 22.66
C LYS K 11 -29.86 4.82 21.16
N VAL K 12 -29.33 3.82 20.46
CA VAL K 12 -29.36 3.80 19.00
C VAL K 12 -29.60 2.36 18.54
N ARG K 13 -30.71 2.12 17.88
CA ARG K 13 -30.94 0.81 17.28
C ARG K 13 -30.04 0.64 16.07
N PHE K 14 -29.44 -0.54 15.96
CA PHE K 14 -28.50 -0.87 14.89
C PHE K 14 -27.26 0.00 14.93
N GLY K 15 -27.04 0.76 15.99
CA GLY K 15 -25.92 1.67 16.00
C GLY K 15 -25.97 2.67 14.87
N LEU K 16 -27.11 2.85 14.26
CA LEU K 16 -27.27 3.75 13.13
C LEU K 16 -28.44 4.72 13.28
N ILE K 17 -29.55 4.27 13.88
CA ILE K 17 -30.78 5.04 13.94
C ILE K 17 -31.10 5.29 15.41
N PRO K 18 -31.24 6.54 15.86
CA PRO K 18 -31.47 6.78 17.28
C PRO K 18 -32.83 6.25 17.74
N GLU K 19 -32.88 5.85 19.00
CA GLU K 19 -34.13 5.38 19.59
C GLU K 19 -35.22 6.43 19.50
N GLU K 20 -34.87 7.70 19.71
CA GLU K 20 -35.90 8.72 19.76
C GLU K 20 -36.74 8.72 18.49
N PHE K 21 -36.14 8.36 17.36
CA PHE K 21 -36.92 8.26 16.13
C PHE K 21 -37.97 7.16 16.25
N PHE K 22 -37.60 6.02 16.81
CA PHE K 22 -38.56 4.93 16.98
C PHE K 22 -39.69 5.35 17.91
N GLN K 23 -39.37 5.99 19.03
CA GLN K 23 -40.41 6.51 19.91
C GLN K 23 -41.27 7.53 19.17
N PHE K 24 -40.64 8.36 18.35
CA PHE K 24 -41.35 9.40 17.61
C PHE K 24 -42.39 8.81 16.68
N LEU K 25 -42.04 7.74 15.99
CA LEU K 25 -42.97 7.13 15.06
C LEU K 25 -43.88 6.10 15.73
N TYR K 26 -43.64 5.80 17.00
CA TYR K 26 -44.47 4.80 17.68
C TYR K 26 -45.95 5.17 17.70
N PRO K 27 -46.34 6.38 18.06
CA PRO K 27 -47.78 6.66 18.23
C PRO K 27 -48.61 6.32 17.01
N LYS K 28 -48.09 6.59 15.81
CA LYS K 28 -48.90 6.49 14.60
C LYS K 28 -48.93 5.06 14.06
N THR K 29 -47.77 4.51 13.73
CA THR K 29 -47.71 3.21 13.07
C THR K 29 -47.38 2.07 14.02
N GLY K 30 -46.92 2.35 15.22
CA GLY K 30 -46.67 1.32 16.21
C GLY K 30 -45.20 0.92 16.23
N VAL K 31 -44.94 -0.38 16.16
CA VAL K 31 -43.59 -0.91 16.26
C VAL K 31 -43.00 -1.23 14.89
N THR K 32 -43.81 -1.77 13.98
CA THR K 32 -43.33 -2.09 12.65
C THR K 32 -43.23 -0.87 11.75
N GLY K 33 -43.70 0.28 12.20
CA GLY K 33 -43.64 1.49 11.42
C GLY K 33 -42.26 1.75 10.87
N PRO K 34 -41.30 2.03 11.74
CA PRO K 34 -39.96 2.36 11.25
C PRO K 34 -39.32 1.28 10.41
N TYR K 35 -39.51 0.01 10.78
CA TYR K 35 -38.93 -1.07 9.98
C TYR K 35 -39.56 -1.11 8.60
N VAL K 36 -40.87 -0.95 8.52
CA VAL K 36 -41.53 -0.88 7.22
C VAL K 36 -40.99 0.30 6.43
N LEU K 37 -40.78 1.44 7.09
CA LEU K 37 -40.24 2.59 6.38
C LEU K 37 -38.89 2.26 5.77
N GLY K 38 -37.97 1.72 6.57
CA GLY K 38 -36.65 1.42 6.06
C GLY K 38 -36.68 0.41 4.93
N THR K 39 -37.43 -0.67 5.10
CA THR K 39 -37.44 -1.72 4.09
C THR K 39 -38.10 -1.22 2.82
N GLY K 40 -39.26 -0.57 2.93
CA GLY K 40 -39.88 0.00 1.74
C GLY K 40 -39.01 1.03 1.08
N LEU K 41 -38.18 1.73 1.86
CA LEU K 41 -37.31 2.74 1.29
C LEU K 41 -36.21 2.10 0.45
N ILE K 42 -35.59 1.03 0.96
CA ILE K 42 -34.58 0.37 0.14
C ILE K 42 -35.23 -0.28 -1.08
N LEU K 43 -36.44 -0.85 -0.89
CA LEU K 43 -37.14 -1.42 -2.04
C LEU K 43 -37.42 -0.36 -3.10
N TYR K 44 -37.80 0.84 -2.69
CA TYR K 44 -38.08 1.88 -3.68
C TYR K 44 -36.80 2.42 -4.29
N LEU K 45 -35.73 2.50 -3.51
CA LEU K 45 -34.46 2.98 -4.06
C LEU K 45 -33.95 2.03 -5.13
N LEU K 46 -34.04 0.73 -4.88
CA LEU K 46 -33.64 -0.22 -5.90
C LEU K 46 -34.62 -0.25 -7.05
N SER K 47 -35.93 -0.20 -6.77
CA SER K 47 -36.94 -0.30 -7.80
C SER K 47 -36.83 0.83 -8.81
N LYS K 48 -37.12 2.05 -8.37
CA LYS K 48 -36.85 3.18 -9.24
C LYS K 48 -35.36 3.33 -9.45
N GLU K 49 -34.56 2.53 -8.75
CA GLU K 49 -33.20 2.21 -9.15
C GLU K 49 -32.35 3.48 -9.15
N ILE K 50 -32.36 4.13 -7.99
CA ILE K 50 -31.48 5.26 -7.72
C ILE K 50 -30.15 4.78 -7.18
N TYR K 51 -30.16 3.73 -6.35
CA TYR K 51 -28.92 3.15 -5.86
C TYR K 51 -28.45 2.10 -6.85
N VAL K 52 -27.79 2.58 -7.91
CA VAL K 52 -27.34 1.69 -8.97
C VAL K 52 -26.29 0.73 -8.42
N ILE K 53 -26.50 -0.55 -8.67
CA ILE K 53 -25.57 -1.57 -8.19
C ILE K 53 -24.32 -1.54 -9.06
N THR K 54 -23.17 -1.34 -8.44
CA THR K 54 -21.92 -1.23 -9.17
C THR K 54 -20.84 -2.01 -8.42
N PRO K 55 -19.64 -2.13 -8.97
CA PRO K 55 -18.58 -2.84 -8.25
C PRO K 55 -18.34 -2.31 -6.85
N GLU K 56 -18.35 -0.99 -6.69
CA GLU K 56 -18.12 -0.44 -5.37
C GLU K 56 -19.29 -0.70 -4.44
N THR K 57 -20.43 -1.18 -4.95
CA THR K 57 -21.42 -1.75 -4.04
C THR K 57 -20.89 -2.99 -3.35
N PHE K 58 -20.21 -3.87 -4.09
CA PHE K 58 -19.64 -5.05 -3.45
C PHE K 58 -18.47 -4.65 -2.54
N SER K 59 -17.71 -3.64 -2.95
CA SER K 59 -16.69 -3.12 -2.04
C SER K 59 -17.32 -2.62 -0.75
N ALA K 60 -18.45 -1.93 -0.86
CA ALA K 60 -19.14 -1.43 0.32
C ALA K 60 -19.64 -2.56 1.20
N ILE K 61 -20.21 -3.59 0.60
CA ILE K 61 -20.66 -4.74 1.39
C ILE K 61 -19.48 -5.31 2.17
N SER K 62 -18.35 -5.52 1.49
CA SER K 62 -17.20 -6.11 2.16
C SER K 62 -16.70 -5.20 3.28
N THR K 63 -16.56 -3.91 3.02
CA THR K 63 -16.01 -3.01 4.03
C THR K 63 -16.94 -2.89 5.23
N ILE K 64 -18.23 -2.70 5.00
CA ILE K 64 -19.16 -2.58 6.10
C ILE K 64 -19.22 -3.88 6.89
N GLY K 65 -19.20 -5.01 6.20
CA GLY K 65 -19.15 -6.27 6.92
C GLY K 65 -17.92 -6.36 7.79
N PHE K 66 -16.77 -5.98 7.24
CA PHE K 66 -15.55 -6.06 8.02
C PHE K 66 -15.61 -5.17 9.25
N LEU K 67 -16.13 -3.95 9.09
CA LEU K 67 -16.15 -3.03 10.21
C LEU K 67 -17.16 -3.46 11.27
N VAL K 68 -18.33 -3.94 10.86
CA VAL K 68 -19.28 -4.43 11.86
C VAL K 68 -18.70 -5.64 12.56
N TYR K 69 -17.91 -6.45 11.85
CA TYR K 69 -17.28 -7.59 12.50
C TYR K 69 -16.26 -7.13 13.54
N ILE K 70 -15.38 -6.22 13.16
CA ILE K 70 -14.39 -5.71 14.11
C ILE K 70 -15.07 -5.11 15.32
N VAL K 71 -16.15 -4.35 15.12
CA VAL K 71 -16.90 -3.82 16.25
C VAL K 71 -17.42 -4.97 17.10
N LYS K 72 -18.30 -5.79 16.54
CA LYS K 72 -18.90 -6.88 17.30
C LYS K 72 -17.87 -7.72 18.03
N LYS K 73 -16.61 -7.73 17.56
CA LYS K 73 -15.60 -8.56 18.20
C LYS K 73 -14.85 -7.81 19.30
N TYR K 74 -14.19 -6.71 18.96
CA TYR K 74 -13.29 -6.03 19.89
C TYR K 74 -13.87 -4.77 20.51
N GLY K 75 -15.15 -4.45 20.28
CA GLY K 75 -15.69 -3.22 20.84
C GLY K 75 -15.74 -3.25 22.34
N ALA K 76 -16.21 -4.36 22.90
CA ALA K 76 -16.25 -4.49 24.36
C ALA K 76 -14.86 -4.33 24.94
N SER K 77 -13.87 -5.01 24.34
CA SER K 77 -12.52 -4.94 24.86
C SER K 77 -11.96 -3.53 24.81
N VAL K 78 -12.15 -2.83 23.69
CA VAL K 78 -11.58 -1.50 23.57
C VAL K 78 -12.28 -0.53 24.51
N GLY K 79 -13.60 -0.66 24.67
CA GLY K 79 -14.29 0.19 25.61
C GLY K 79 -13.83 -0.04 27.04
N GLU K 80 -13.69 -1.30 27.43
CA GLU K 80 -13.20 -1.61 28.76
C GLU K 80 -11.79 -1.08 28.94
N PHE K 81 -10.96 -1.14 27.90
CA PHE K 81 -9.62 -0.61 27.98
C PHE K 81 -9.63 0.90 28.20
N ALA K 82 -10.50 1.61 27.48
CA ALA K 82 -10.57 3.05 27.67
C ALA K 82 -10.98 3.38 29.10
N ASP K 83 -12.01 2.69 29.60
CA ASP K 83 -12.38 2.89 30.99
C ASP K 83 -11.23 2.56 31.93
N LYS K 84 -10.44 1.55 31.57
CA LYS K 84 -9.28 1.21 32.38
C LYS K 84 -8.32 2.38 32.47
N LEU K 85 -8.04 3.02 31.34
CA LEU K 85 -7.13 4.15 31.33
C LEU K 85 -7.68 5.27 32.21
N ASN K 86 -8.97 5.57 32.06
CA ASN K 86 -9.57 6.63 32.86
C ASN K 86 -9.43 6.33 34.34
N GLU K 87 -9.82 5.12 34.74
CA GLU K 87 -9.77 4.74 36.15
C GLU K 87 -8.34 4.76 36.66
N GLN K 88 -7.40 4.30 35.84
CA GLN K 88 -6.02 4.26 36.26
C GLN K 88 -5.50 5.64 36.59
N LYS K 89 -5.76 6.62 35.71
CA LYS K 89 -5.24 7.95 36.02
C LYS K 89 -6.00 8.59 37.17
N ILE K 90 -7.31 8.33 37.29
CA ILE K 90 -8.05 8.85 38.44
C ILE K 90 -7.46 8.31 39.74
N ALA K 91 -7.17 7.01 39.77
CA ALA K 91 -6.58 6.41 40.96
C ALA K 91 -5.19 6.98 41.22
N GLN K 92 -4.37 7.10 40.17
CA GLN K 92 -3.03 7.63 40.36
C GLN K 92 -3.06 9.06 40.86
N LEU K 93 -4.15 9.78 40.63
CA LEU K 93 -4.26 11.13 41.18
C LEU K 93 -4.78 11.13 42.61
N GLU K 94 -5.88 10.43 42.87
CA GLU K 94 -6.41 10.43 44.22
C GLU K 94 -5.40 9.83 45.19
N GLU K 95 -4.56 8.90 44.72
CA GLU K 95 -3.55 8.31 45.59
C GLU K 95 -2.55 9.35 46.05
N VAL K 96 -2.07 10.18 45.13
CA VAL K 96 -1.15 11.23 45.55
C VAL K 96 -1.88 12.25 46.41
N LYS K 97 -3.17 12.46 46.18
CA LYS K 97 -3.91 13.33 47.10
C LYS K 97 -3.88 12.76 48.51
N GLN K 98 -4.17 11.47 48.64
CA GLN K 98 -4.12 10.81 49.94
C GLN K 98 -2.75 10.97 50.57
N ALA K 99 -1.71 10.71 49.78
CA ALA K 99 -0.35 10.81 50.32
C ALA K 99 -0.06 12.21 50.80
N SER K 100 -0.47 13.22 50.03
CA SER K 100 -0.22 14.60 50.42
C SER K 100 -0.93 14.93 51.72
N ILE K 101 -2.21 14.58 51.82
CA ILE K 101 -2.95 14.91 53.04
C ILE K 101 -2.38 14.17 54.23
N LYS K 102 -2.02 12.90 54.04
CA LYS K 102 -1.45 12.12 55.15
C LYS K 102 -0.12 12.72 55.60
N GLN K 103 0.73 13.09 54.66
CA GLN K 103 2.00 13.71 55.02
C GLN K 103 1.76 15.02 55.75
N ILE K 104 0.79 15.80 55.27
CA ILE K 104 0.48 17.07 55.92
C ILE K 104 0.05 16.85 57.36
N GLN K 105 -0.84 15.87 57.56
CA GLN K 105 -1.30 15.58 58.91
C GLN K 105 -0.16 15.12 59.79
N ASP K 106 0.73 14.30 59.23
CA ASP K 106 1.87 13.84 60.02
C ASP K 106 2.77 15.00 60.40
N ALA K 107 2.96 15.95 59.48
CA ALA K 107 3.74 17.14 59.81
C ALA K 107 3.06 17.93 60.91
N ILE K 108 1.73 18.07 60.84
CA ILE K 108 1.01 18.72 61.91
C ILE K 108 1.32 18.04 63.23
N ASP K 109 1.22 16.71 63.24
CA ASP K 109 1.51 15.95 64.44
C ASP K 109 2.90 16.25 64.95
N MET K 110 3.88 16.29 64.05
CA MET K 110 5.23 16.68 64.44
C MET K 110 5.23 18.02 65.13
N GLU K 111 4.47 18.98 64.60
CA GLU K 111 4.36 20.27 65.26
C GLU K 111 3.65 20.14 66.61
N LYS K 112 2.88 19.07 66.81
CA LYS K 112 2.29 18.80 68.11
C LYS K 112 3.24 17.96 68.96
N THR L 109 4.34 29.67 65.15
CA THR L 109 4.77 28.38 64.62
C THR L 109 3.95 28.00 63.40
N ARG L 110 4.27 26.84 62.81
CA ARG L 110 3.58 26.34 61.64
C ARG L 110 2.20 25.79 61.94
N ILE L 111 1.69 26.02 63.16
CA ILE L 111 0.48 25.37 63.67
C ILE L 111 -0.61 25.36 62.60
N GLN L 112 -0.70 26.43 61.81
CA GLN L 112 -1.62 26.46 60.69
C GLN L 112 -0.95 26.60 59.34
N GLU L 113 0.35 26.95 59.32
CA GLU L 113 1.01 27.26 58.07
C GLU L 113 0.88 26.11 57.10
N TYR L 114 1.14 24.89 57.56
CA TYR L 114 0.83 23.73 56.74
C TYR L 114 -0.66 23.47 56.70
N GLU L 115 -1.38 23.83 57.77
CA GLU L 115 -2.79 23.46 57.85
C GLU L 115 -3.62 24.15 56.78
N LYS L 116 -3.38 25.45 56.55
CA LYS L 116 -4.10 26.15 55.51
C LYS L 116 -4.22 25.31 54.25
N GLU L 117 -3.12 24.67 53.84
CA GLU L 117 -3.19 23.77 52.70
C GLU L 117 -4.14 22.62 52.97
N LEU L 118 -4.09 22.06 54.18
CA LEU L 118 -4.97 20.94 54.47
C LEU L 118 -6.44 21.32 54.36
N GLU L 119 -6.76 22.60 54.48
CA GLU L 119 -8.12 23.02 54.15
C GLU L 119 -8.46 22.64 52.71
N LYS L 120 -7.76 23.23 51.76
CA LYS L 120 -8.09 22.99 50.35
C LYS L 120 -7.98 21.52 50.01
N MET L 121 -6.90 20.87 50.45
CA MET L 121 -6.71 19.47 50.10
C MET L 121 -7.82 18.59 50.62
N ARG L 122 -8.59 19.06 51.61
CA ARG L 122 -9.66 18.25 52.18
C ARG L 122 -10.94 18.29 51.37
N ASN L 123 -11.05 19.22 50.42
CA ASN L 123 -12.33 19.44 49.75
C ASN L 123 -12.20 19.69 48.26
N ILE L 124 -11.03 19.51 47.66
CA ILE L 124 -10.89 19.78 46.24
C ILE L 124 -11.90 18.96 45.45
N ILE L 125 -12.20 19.45 44.25
CA ILE L 125 -13.32 18.97 43.45
C ILE L 125 -13.06 17.51 43.09
N PRO L 126 -14.10 16.67 42.99
CA PRO L 126 -13.88 15.33 42.44
C PRO L 126 -13.29 15.42 41.05
N PHE L 127 -12.38 14.49 40.75
CA PHE L 127 -11.53 14.68 39.57
C PHE L 127 -12.34 14.67 38.28
N ASP L 128 -13.38 13.84 38.21
CA ASP L 128 -14.24 13.87 37.03
C ASP L 128 -14.88 15.23 36.83
N GLN L 129 -14.95 16.04 37.89
CA GLN L 129 -15.55 17.36 37.87
C GLN L 129 -14.52 18.44 37.58
N MET L 130 -13.33 18.06 37.11
CA MET L 130 -12.18 18.95 37.16
C MET L 130 -11.50 19.01 35.80
N THR L 131 -10.82 20.12 35.54
CA THR L 131 -10.15 20.35 34.27
C THR L 131 -8.65 20.57 34.50
N ILE L 132 -7.90 20.44 33.41
CA ILE L 132 -6.44 20.49 33.50
C ILE L 132 -5.99 21.82 34.10
N GLU L 133 -6.71 22.89 33.78
CA GLU L 133 -6.38 24.19 34.35
C GLU L 133 -6.51 24.17 35.86
N ASP L 134 -7.23 23.18 36.40
CA ASP L 134 -7.27 23.00 37.84
C ASP L 134 -6.01 22.30 38.34
N LEU L 135 -5.70 21.12 37.79
CA LEU L 135 -4.48 20.45 38.21
C LEU L 135 -3.28 21.37 38.14
N ASN L 136 -3.31 22.32 37.20
CA ASN L 136 -2.23 23.29 37.14
C ASN L 136 -2.21 24.21 38.35
N GLU L 137 -3.25 24.18 39.18
CA GLU L 137 -3.33 24.96 40.40
C GLU L 137 -3.25 24.11 41.65
N VAL L 138 -4.07 23.08 41.75
CA VAL L 138 -4.09 22.23 42.94
C VAL L 138 -2.75 21.52 43.10
N PHE L 139 -2.24 20.94 42.01
CA PHE L 139 -0.97 20.24 42.04
C PHE L 139 0.05 20.99 41.18
N PRO L 140 0.58 22.11 41.66
CA PRO L 140 1.53 22.87 40.83
C PRO L 140 2.71 22.06 40.35
N GLU L 141 2.88 20.82 40.81
CA GLU L 141 3.93 19.95 40.32
C GLU L 141 3.60 19.35 38.96
N THR L 142 2.37 19.51 38.48
CA THR L 142 1.95 19.00 37.18
C THR L 142 1.71 20.14 36.19
N LYS L 143 2.58 21.14 36.23
CA LYS L 143 2.51 22.27 35.31
C LYS L 143 3.43 22.00 34.14
N LEU L 144 2.88 22.05 32.93
CA LEU L 144 3.65 21.67 31.75
C LEU L 144 4.88 22.54 31.57
N ASP L 145 4.85 23.78 32.06
CA ASP L 145 6.00 24.67 31.97
C ASP L 145 6.40 24.90 30.52
N LYS L 146 5.50 25.54 29.77
CA LYS L 146 5.76 25.79 28.37
C LYS L 146 7.01 26.64 28.16
N LYS L 147 7.20 27.64 29.01
CA LYS L 147 8.24 28.63 28.75
C LYS L 147 9.62 28.00 28.61
N LYS L 148 9.84 26.83 29.23
CA LYS L 148 11.11 26.14 29.08
C LYS L 148 11.08 25.12 27.95
N TYR L 149 9.91 24.63 27.57
CA TYR L 149 9.74 23.69 26.47
C TYR L 149 8.67 24.25 25.54
N PRO L 150 9.00 25.28 24.78
CA PRO L 150 7.94 26.01 24.07
C PRO L 150 7.12 25.15 23.13
N TYR L 151 7.74 24.18 22.46
CA TYR L 151 7.04 23.42 21.45
C TYR L 151 6.40 22.18 22.05
N TRP L 152 5.43 21.63 21.31
CA TRP L 152 4.70 20.47 21.78
C TRP L 152 5.65 19.29 21.92
N PRO L 153 5.40 18.38 22.86
CA PRO L 153 4.38 18.34 23.92
C PRO L 153 4.80 19.08 25.17
N HIS L 154 5.87 19.86 25.07
CA HIS L 154 6.38 20.70 26.15
C HIS L 154 7.10 19.92 27.23
N ARG L 155 7.33 18.63 27.04
CA ARG L 155 8.12 17.83 27.97
C ARG L 155 9.02 16.91 27.16
N PRO L 156 10.15 16.51 27.69
CA PRO L 156 10.99 15.58 26.95
C PRO L 156 10.26 14.26 26.77
N ILE L 157 9.91 13.94 25.53
CA ILE L 157 9.07 12.77 25.29
C ILE L 157 9.68 11.53 25.91
N GLU L 158 11.01 11.43 25.94
CA GLU L 158 11.64 10.29 26.59
C GLU L 158 11.25 10.17 28.05
N THR L 159 10.52 11.14 28.60
CA THR L 159 9.90 10.98 29.91
C THR L 159 8.46 10.53 29.74
N PRO M 2 -45.47 -3.82 23.18
CA PRO M 2 -46.66 -3.00 23.37
C PRO M 2 -47.32 -2.64 22.03
N PRO M 3 -48.04 -3.59 21.43
CA PRO M 3 -48.59 -3.36 20.10
C PRO M 3 -49.59 -2.22 20.09
N VAL M 4 -49.74 -1.60 18.92
CA VAL M 4 -50.58 -0.43 18.75
C VAL M 4 -51.58 -0.69 17.63
N GLN M 5 -52.81 -0.22 17.83
CA GLN M 5 -53.84 -0.28 16.80
C GLN M 5 -53.70 0.96 15.91
N VAL M 6 -53.22 0.76 14.69
CA VAL M 6 -52.97 1.88 13.80
C VAL M 6 -54.29 2.50 13.34
N SER M 7 -54.24 3.77 12.99
CA SER M 7 -55.43 4.45 12.51
C SER M 7 -55.97 3.74 11.28
N PRO M 8 -57.25 3.37 11.25
CA PRO M 8 -57.76 2.62 10.10
C PRO M 8 -57.60 3.37 8.79
N LEU M 9 -57.60 4.70 8.81
CA LEU M 9 -57.41 5.46 7.58
C LEU M 9 -56.03 5.20 6.98
N ILE M 10 -54.99 5.27 7.82
CA ILE M 10 -53.63 5.01 7.34
C ILE M 10 -53.56 3.62 6.73
N LYS M 11 -54.20 2.66 7.37
CA LYS M 11 -54.10 1.27 6.97
C LYS M 11 -54.84 1.02 5.66
N LEU M 12 -56.04 1.60 5.51
CA LEU M 12 -56.75 1.52 4.25
C LEU M 12 -55.96 2.18 3.13
N GLY M 13 -55.39 3.35 3.39
CA GLY M 13 -54.55 3.98 2.38
C GLY M 13 -53.39 3.09 1.98
N ARG M 14 -52.75 2.46 2.96
CA ARG M 14 -51.69 1.50 2.67
C ARG M 14 -52.17 0.46 1.66
N TYR M 15 -53.22 -0.27 2.00
CA TYR M 15 -53.61 -1.41 1.17
C TYR M 15 -54.14 -0.96 -0.20
N SER M 16 -54.88 0.15 -0.23
CA SER M 16 -55.27 0.71 -1.53
C SER M 16 -54.06 1.00 -2.37
N ALA M 17 -53.00 1.53 -1.77
CA ALA M 17 -51.76 1.78 -2.50
C ALA M 17 -51.16 0.48 -2.99
N LEU M 18 -51.21 -0.58 -2.18
CA LEU M 18 -50.72 -1.87 -2.64
C LEU M 18 -51.38 -2.26 -3.95
N PHE M 19 -52.70 -2.24 -3.98
CA PHE M 19 -53.41 -2.73 -5.15
C PHE M 19 -53.26 -1.78 -6.34
N LEU M 20 -53.20 -0.47 -6.07
CA LEU M 20 -52.93 0.47 -7.15
C LEU M 20 -51.56 0.19 -7.76
N GLY M 21 -50.56 -0.10 -6.92
CA GLY M 21 -49.26 -0.45 -7.45
C GLY M 21 -49.28 -1.75 -8.22
N MET M 22 -50.06 -2.73 -7.75
CA MET M 22 -50.22 -3.97 -8.50
C MET M 22 -50.66 -3.66 -9.92
N ALA M 23 -51.75 -2.88 -10.03
CA ALA M 23 -52.30 -2.57 -11.34
C ALA M 23 -51.32 -1.77 -12.18
N TYR M 24 -50.67 -0.78 -11.57
CA TYR M 24 -49.75 0.07 -12.32
C TYR M 24 -48.60 -0.75 -12.87
N GLY M 25 -48.02 -1.63 -12.05
CA GLY M 25 -46.91 -2.43 -12.52
C GLY M 25 -47.34 -3.34 -13.65
N ALA M 26 -48.47 -4.03 -13.49
CA ALA M 26 -48.92 -4.90 -14.57
C ALA M 26 -49.12 -4.12 -15.86
N LYS M 27 -49.84 -3.00 -15.77
CA LYS M 27 -50.13 -2.21 -16.96
C LYS M 27 -48.86 -1.74 -17.63
N ARG M 28 -47.92 -1.22 -16.84
CA ARG M 28 -46.72 -0.66 -17.45
C ARG M 28 -45.85 -1.75 -18.06
N TYR M 29 -45.76 -2.90 -17.40
CA TYR M 29 -44.97 -3.99 -17.98
C TYR M 29 -45.57 -4.41 -19.32
N ASN M 30 -46.89 -4.57 -19.38
CA ASN M 30 -47.53 -4.90 -20.64
C ASN M 30 -47.24 -3.83 -21.68
N TYR M 31 -47.41 -2.57 -21.31
CA TYR M 31 -47.21 -1.48 -22.24
C TYR M 31 -45.77 -1.40 -22.73
N LEU M 32 -44.82 -1.86 -21.92
CA LEU M 32 -43.42 -1.60 -22.20
C LEU M 32 -42.72 -2.73 -22.92
N LYS M 33 -43.05 -3.98 -22.60
CA LYS M 33 -42.38 -5.10 -23.25
C LYS M 33 -42.36 -4.97 -24.77
N PRO M 34 -43.46 -4.63 -25.45
CA PRO M 34 -43.40 -4.46 -26.90
C PRO M 34 -42.33 -3.48 -27.30
N ARG M 35 -42.47 -2.22 -26.86
CA ARG M 35 -41.52 -1.21 -27.29
C ARG M 35 -40.09 -1.68 -27.04
N ALA M 36 -39.86 -2.32 -25.90
CA ALA M 36 -38.55 -2.91 -25.65
C ALA M 36 -38.13 -3.79 -26.82
N GLU M 37 -39.00 -4.71 -27.24
CA GLU M 37 -38.58 -5.67 -28.26
C GLU M 37 -38.39 -5.01 -29.62
N GLU M 38 -39.30 -4.13 -30.03
CA GLU M 38 -39.12 -3.48 -31.34
C GLU M 38 -37.86 -2.63 -31.36
N GLU M 39 -37.62 -1.83 -30.32
CA GLU M 39 -36.42 -1.00 -30.33
C GLU M 39 -35.15 -1.85 -30.24
N ARG M 40 -35.19 -2.95 -29.49
CA ARG M 40 -34.04 -3.85 -29.48
C ARG M 40 -33.76 -4.40 -30.86
N ARG M 41 -34.81 -4.82 -31.57
CA ARG M 41 -34.62 -5.35 -32.92
C ARG M 41 -34.08 -4.28 -33.87
N LEU M 42 -34.62 -3.06 -33.78
CA LEU M 42 -34.14 -1.98 -34.64
C LEU M 42 -32.68 -1.69 -34.39
N ALA M 43 -32.29 -1.60 -33.11
CA ALA M 43 -30.89 -1.37 -32.78
C ALA M 43 -30.02 -2.53 -33.26
N ALA M 44 -30.53 -3.75 -33.14
CA ALA M 44 -29.75 -4.92 -33.56
C ALA M 44 -29.47 -4.89 -35.05
N GLU M 45 -30.52 -4.68 -35.86
CA GLU M 45 -30.32 -4.65 -37.31
C GLU M 45 -29.43 -3.49 -37.71
N GLU M 46 -29.62 -2.33 -37.07
CA GLU M 46 -28.77 -1.19 -37.39
C GLU M 46 -27.31 -1.50 -37.06
N LYS M 47 -27.06 -2.13 -35.91
CA LYS M 47 -25.70 -2.47 -35.53
C LYS M 47 -25.10 -3.48 -36.49
N LYS M 48 -25.89 -4.46 -36.92
CA LYS M 48 -25.39 -5.43 -37.89
C LYS M 48 -24.95 -4.74 -39.17
N LYS M 49 -25.82 -3.88 -39.70
CA LYS M 49 -25.48 -3.18 -40.94
C LYS M 49 -24.24 -2.31 -40.75
N ARG M 50 -24.14 -1.61 -39.61
CA ARG M 50 -23.01 -0.73 -39.40
C ARG M 50 -21.71 -1.51 -39.22
N ASP M 51 -21.77 -2.64 -38.52
CA ASP M 51 -20.58 -3.47 -38.40
C ASP M 51 -20.13 -3.99 -39.75
N GLU M 52 -21.09 -4.37 -40.61
CA GLU M 52 -20.74 -4.75 -41.96
C GLU M 52 -20.07 -3.60 -42.70
N GLN M 53 -20.59 -2.38 -42.52
CA GLN M 53 -19.97 -1.22 -43.14
C GLN M 53 -18.53 -1.06 -42.68
N LYS M 54 -18.29 -1.12 -41.37
CA LYS M 54 -16.94 -0.97 -40.86
C LYS M 54 -16.02 -2.06 -41.40
N ARG M 55 -16.51 -3.30 -41.45
CA ARG M 55 -15.68 -4.40 -41.93
C ARG M 55 -15.30 -4.18 -43.39
N ILE M 56 -16.28 -3.92 -44.25
CA ILE M 56 -15.98 -3.74 -45.67
C ILE M 56 -15.07 -2.54 -45.88
N GLU M 57 -15.01 -1.63 -44.91
CA GLU M 57 -14.13 -0.46 -44.99
C GLU M 57 -12.76 -0.71 -44.39
N ARG M 58 -12.46 -1.93 -43.96
CA ARG M 58 -11.17 -2.24 -43.35
C ARG M 58 -10.05 -2.12 -44.38
N PRO N 5 -45.14 31.54 25.55
CA PRO N 5 -45.06 32.93 25.99
C PRO N 5 -43.90 33.69 25.34
N LEU N 6 -43.00 32.97 24.67
CA LEU N 6 -41.85 33.54 24.01
C LEU N 6 -41.98 33.41 22.50
N LYS N 7 -41.22 34.24 21.79
CA LYS N 7 -41.27 34.24 20.33
C LYS N 7 -40.30 33.25 19.70
N GLU N 8 -39.14 33.02 20.34
CA GLU N 8 -38.17 32.04 19.85
C GLU N 8 -38.32 30.76 20.66
N LYS N 9 -38.81 29.71 20.00
CA LYS N 9 -39.02 28.41 20.62
C LYS N 9 -38.28 27.34 19.80
N LYS N 10 -38.43 26.09 20.23
CA LYS N 10 -37.87 24.98 19.47
C LYS N 10 -38.64 24.84 18.18
N LEU N 11 -37.91 24.75 17.06
CA LEU N 11 -38.57 24.71 15.75
C LEU N 11 -39.60 23.60 15.71
N LEU N 12 -39.33 22.48 16.38
CA LEU N 12 -40.31 21.41 16.46
C LEU N 12 -41.55 21.83 17.24
N GLU N 13 -41.49 22.93 17.99
CA GLU N 13 -42.65 23.43 18.73
C GLU N 13 -43.37 24.56 18.00
N VAL N 14 -42.74 25.20 17.02
CA VAL N 14 -43.37 26.32 16.35
C VAL N 14 -44.68 25.89 15.69
N LYS N 15 -45.67 26.76 15.77
CA LYS N 15 -46.94 26.52 15.10
C LYS N 15 -46.77 26.68 13.58
N LEU N 16 -47.53 25.89 12.83
CA LEU N 16 -47.46 25.96 11.38
C LEU N 16 -47.71 27.38 10.89
N GLY N 17 -48.81 28.00 11.35
CA GLY N 17 -49.13 29.34 10.91
C GLY N 17 -48.03 30.33 11.22
N GLU N 18 -47.48 30.25 12.43
CA GLU N 18 -46.45 31.18 12.85
C GLU N 18 -45.15 30.97 12.08
N LEU N 19 -45.00 29.84 11.40
CA LEU N 19 -43.68 29.42 10.93
C LEU N 19 -42.99 30.47 10.08
N PRO N 20 -43.63 31.08 9.08
CA PRO N 20 -42.91 32.10 8.30
C PRO N 20 -42.38 33.24 9.16
N SER N 21 -43.17 33.65 10.15
CA SER N 21 -42.68 34.64 11.10
C SER N 21 -41.45 34.13 11.82
N TRP N 22 -41.49 32.87 12.27
CA TRP N 22 -40.32 32.28 12.92
C TRP N 22 -39.09 32.39 12.02
N ILE N 23 -39.21 31.97 10.77
CA ILE N 23 -38.03 31.91 9.92
C ILE N 23 -37.51 33.31 9.64
N LEU N 24 -38.40 34.28 9.43
CA LEU N 24 -37.92 35.62 9.13
C LEU N 24 -37.32 36.29 10.36
N MET N 25 -37.79 35.94 11.56
CA MET N 25 -37.19 36.51 12.76
C MET N 25 -35.78 35.99 12.99
N ARG N 26 -35.59 34.67 12.89
CA ARG N 26 -34.32 34.08 13.27
C ARG N 26 -33.20 34.59 12.37
N ASP N 27 -32.02 34.77 12.98
CA ASP N 27 -30.89 35.42 12.31
C ASP N 27 -30.61 34.80 10.95
N PHE N 28 -29.95 35.54 10.08
CA PHE N 28 -29.46 35.00 8.82
C PHE N 28 -28.09 35.53 8.44
N THR N 29 -27.46 36.36 9.26
CA THR N 29 -26.12 36.82 8.97
C THR N 29 -25.14 35.64 9.06
N PRO N 30 -24.04 35.68 8.31
CA PRO N 30 -23.12 34.53 8.33
C PRO N 30 -22.69 34.11 9.72
N SER N 31 -22.43 35.08 10.60
CA SER N 31 -22.19 34.73 12.00
C SER N 31 -23.37 33.96 12.56
N GLY N 32 -24.58 34.24 12.08
CA GLY N 32 -25.76 33.51 12.50
C GLY N 32 -25.89 32.16 11.84
N ILE N 33 -25.02 31.83 10.90
CA ILE N 33 -24.90 30.48 10.37
C ILE N 33 -23.79 29.70 11.09
N ALA N 34 -22.71 30.40 11.45
CA ALA N 34 -21.72 29.79 12.32
C ALA N 34 -22.34 29.41 13.66
N GLY N 35 -23.18 30.29 14.20
CA GLY N 35 -23.88 30.00 15.44
C GLY N 35 -24.96 28.97 15.31
N ALA N 36 -25.23 28.48 14.11
CA ALA N 36 -26.09 27.32 13.92
C ALA N 36 -25.29 26.04 13.74
N PHE N 37 -24.24 26.09 12.93
CA PHE N 37 -23.39 24.92 12.76
C PHE N 37 -22.72 24.53 14.07
N GLN N 38 -22.18 25.50 14.79
CA GLN N 38 -21.54 25.15 16.05
C GLN N 38 -22.53 24.57 17.03
N ARG N 39 -23.72 25.16 17.12
CA ARG N 39 -24.72 24.64 18.04
C ARG N 39 -25.12 23.22 17.67
N GLY N 40 -25.31 22.95 16.38
CA GLY N 40 -25.66 21.60 15.96
C GLY N 40 -24.55 20.61 16.26
N TYR N 41 -23.31 20.98 15.94
CA TYR N 41 -22.19 20.09 16.21
C TYR N 41 -22.11 19.77 17.69
N TYR N 42 -22.22 20.78 18.55
CA TYR N 42 -22.11 20.50 19.97
C TYR N 42 -23.32 19.74 20.48
N ARG N 43 -24.49 19.95 19.89
CA ARG N 43 -25.64 19.14 20.26
C ARG N 43 -25.36 17.67 20.03
N TYR N 44 -24.93 17.34 18.81
CA TYR N 44 -24.63 15.94 18.52
C TYR N 44 -23.49 15.43 19.40
N TYR N 45 -22.45 16.23 19.54
CA TYR N 45 -21.28 15.83 20.31
C TYR N 45 -21.67 15.46 21.74
N ASN N 46 -22.39 16.35 22.42
CA ASN N 46 -22.81 16.10 23.79
C ASN N 46 -23.94 15.09 23.87
N LYS N 47 -24.59 14.77 22.77
CA LYS N 47 -25.65 13.78 22.83
C LYS N 47 -25.09 12.36 22.73
N TYR N 48 -24.19 12.12 21.78
CA TYR N 48 -23.74 10.76 21.49
C TYR N 48 -22.27 10.50 21.75
N VAL N 49 -21.44 11.52 21.88
CA VAL N 49 -20.00 11.34 21.94
C VAL N 49 -19.44 11.72 23.30
N ASN N 50 -19.98 12.76 23.94
CA ASN N 50 -19.40 13.29 25.17
C ASN N 50 -20.10 12.70 26.39
N VAL N 51 -20.05 11.37 26.48
CA VAL N 51 -20.69 10.65 27.57
C VAL N 51 -19.73 9.59 28.08
N LYS N 52 -19.74 9.36 29.39
CA LYS N 52 -18.72 8.52 30.01
C LYS N 52 -18.62 7.15 29.33
N LYS N 53 -19.76 6.49 29.11
CA LYS N 53 -19.74 5.16 28.53
C LYS N 53 -20.50 5.13 27.21
N GLY N 54 -20.22 6.07 26.32
CA GLY N 54 -20.86 6.08 25.03
C GLY N 54 -20.46 4.88 24.19
N SER N 55 -21.36 4.50 23.27
CA SER N 55 -21.13 3.36 22.40
C SER N 55 -20.45 3.85 21.11
N ILE N 56 -20.39 2.96 20.11
CA ILE N 56 -19.81 3.34 18.82
C ILE N 56 -20.79 4.09 17.95
N ALA N 57 -22.05 4.18 18.35
CA ALA N 57 -23.00 4.96 17.59
C ALA N 57 -22.55 6.41 17.44
N GLY N 58 -21.71 6.89 18.36
CA GLY N 58 -21.21 8.25 18.24
C GLY N 58 -20.45 8.47 16.97
N LEU N 59 -19.86 7.42 16.41
CA LEU N 59 -19.09 7.51 15.17
C LEU N 59 -19.85 6.95 13.98
N SER N 60 -20.47 5.77 14.13
CA SER N 60 -21.09 5.13 12.99
C SER N 60 -22.06 6.07 12.29
N MET N 61 -22.76 6.92 13.04
CA MET N 61 -23.68 7.84 12.39
C MET N 61 -22.93 8.81 11.48
N VAL N 62 -21.91 9.48 12.00
CA VAL N 62 -21.26 10.51 11.19
C VAL N 62 -20.69 9.90 9.93
N LEU N 63 -20.01 8.76 10.05
CA LEU N 63 -19.55 8.07 8.85
C LEU N 63 -20.72 7.65 7.98
N ALA N 64 -21.78 7.14 8.58
CA ALA N 64 -22.97 6.79 7.81
C ALA N 64 -23.49 8.00 7.04
N ALA N 65 -23.21 9.22 7.54
CA ALA N 65 -23.53 10.39 6.76
C ALA N 65 -22.46 10.67 5.71
N TYR N 66 -21.19 10.60 6.11
CA TYR N 66 -20.11 10.90 5.19
C TYR N 66 -20.08 9.95 4.01
N VAL N 67 -20.71 8.78 4.12
CA VAL N 67 -20.90 7.94 2.95
C VAL N 67 -22.09 8.43 2.14
N PHE N 68 -23.22 8.61 2.80
CA PHE N 68 -24.42 9.13 2.14
C PHE N 68 -24.06 10.31 1.24
N LEU N 69 -23.48 11.36 1.83
CA LEU N 69 -23.08 12.51 1.03
C LEU N 69 -22.23 12.08 -0.14
N ASN N 70 -21.17 11.32 0.12
CA ASN N 70 -20.25 10.97 -0.94
C ASN N 70 -20.91 10.13 -2.01
N TYR N 71 -22.05 9.51 -1.72
CA TYR N 71 -22.82 8.90 -2.78
C TYR N 71 -23.57 9.97 -3.56
N CYS N 72 -24.38 10.76 -2.86
CA CYS N 72 -25.11 11.83 -3.53
C CYS N 72 -24.17 12.69 -4.34
N ARG N 73 -23.00 13.00 -3.78
CA ARG N 73 -21.99 13.76 -4.52
C ARG N 73 -21.68 13.11 -5.85
N SER N 74 -21.63 11.78 -5.88
CA SER N 74 -21.20 11.03 -7.05
C SER N 74 -22.36 10.42 -7.81
N TYR N 75 -23.57 10.95 -7.67
CA TYR N 75 -24.70 10.34 -8.36
C TYR N 75 -24.60 10.55 -9.86
N LYS N 76 -24.35 11.80 -10.30
CA LYS N 76 -24.37 12.09 -11.73
C LYS N 76 -23.42 11.18 -12.48
N GLU N 77 -22.27 10.88 -11.90
CA GLU N 77 -21.28 10.03 -12.54
C GLU N 77 -21.64 8.55 -12.46
N LEU N 78 -22.71 8.19 -11.76
CA LEU N 78 -23.15 6.81 -11.70
C LEU N 78 -24.34 6.52 -12.59
N LYS N 79 -25.16 7.52 -12.89
CA LYS N 79 -26.28 7.29 -13.80
C LYS N 79 -25.79 6.72 -15.13
N HIS N 80 -24.57 7.06 -15.53
CA HIS N 80 -24.07 6.59 -16.82
C HIS N 80 -23.82 5.10 -16.84
N GLU N 81 -23.73 4.46 -15.67
CA GLU N 81 -23.61 3.01 -15.59
C GLU N 81 -24.82 2.40 -14.89
N ARG N 82 -26.00 2.89 -15.24
CA ARG N 82 -27.23 2.27 -14.78
C ARG N 82 -27.26 0.81 -15.23
N LEU N 83 -28.22 0.06 -14.71
CA LEU N 83 -28.33 -1.36 -15.03
C LEU N 83 -29.43 -1.66 -16.03
N ARG N 84 -30.45 -0.83 -16.13
CA ARG N 84 -31.52 -1.06 -17.09
C ARG N 84 -32.08 0.27 -17.57
N LYS N 85 -32.63 0.27 -18.77
CA LYS N 85 -33.04 1.51 -19.39
C LYS N 85 -34.39 2.00 -18.88
N TYR N 86 -35.36 1.09 -18.75
CA TYR N 86 -36.71 1.45 -18.32
C TYR N 86 -36.95 0.93 -16.92
N HIS N 87 -37.26 1.82 -16.00
CA HIS N 87 -37.48 1.46 -14.61
C HIS N 87 -38.64 2.26 -14.03
N THR O 20 -31.76 -23.54 14.23
CA THR O 20 -31.94 -22.17 13.74
C THR O 20 -32.66 -21.34 14.79
N TYR O 21 -32.11 -20.16 15.11
CA TYR O 21 -32.71 -19.25 16.07
C TYR O 21 -33.79 -18.37 15.46
N SER O 22 -34.27 -18.73 14.27
CA SER O 22 -35.40 -18.02 13.67
C SER O 22 -36.74 -18.48 14.24
N LYS O 23 -36.78 -19.65 14.89
CA LYS O 23 -38.05 -20.17 15.37
C LYS O 23 -38.76 -19.18 16.29
N PRO O 24 -38.10 -18.54 17.25
CA PRO O 24 -38.81 -17.59 18.11
C PRO O 24 -38.91 -16.21 17.49
N ARG O 25 -37.95 -15.85 16.63
CA ARG O 25 -37.97 -14.54 16.01
C ARG O 25 -39.15 -14.40 15.06
N LEU O 26 -39.45 -15.44 14.29
CA LEU O 26 -40.61 -15.40 13.42
C LEU O 26 -41.89 -15.26 14.23
N ALA O 27 -41.98 -15.99 15.34
CA ALA O 27 -43.16 -15.85 16.21
C ALA O 27 -43.28 -14.44 16.74
N THR O 28 -42.17 -13.85 17.17
CA THR O 28 -42.20 -12.48 17.67
C THR O 28 -42.69 -11.53 16.59
N PHE O 29 -42.16 -11.66 15.39
CA PHE O 29 -42.59 -10.79 14.30
C PHE O 29 -44.07 -10.96 14.01
N TRP O 30 -44.54 -12.21 13.96
CA TRP O 30 -45.95 -12.45 13.70
C TRP O 30 -46.81 -11.84 14.78
N TYR O 31 -46.36 -11.88 16.03
CA TYR O 31 -47.14 -11.35 17.14
C TYR O 31 -47.53 -9.90 16.89
N TYR O 32 -46.71 -9.15 16.16
CA TYR O 32 -47.04 -7.78 15.82
C TYR O 32 -47.72 -7.66 14.47
N ALA O 33 -47.25 -8.43 13.49
CA ALA O 33 -47.80 -8.34 12.15
C ALA O 33 -49.30 -8.66 12.15
N LYS O 34 -49.68 -9.73 12.85
CA LYS O 34 -51.08 -10.17 12.83
C LYS O 34 -52.00 -9.08 13.36
N VAL O 35 -51.55 -8.36 14.39
CA VAL O 35 -52.40 -7.35 15.02
C VAL O 35 -52.27 -5.98 14.39
N GLU O 36 -51.24 -5.75 13.58
CA GLU O 36 -50.93 -4.40 13.11
C GLU O 36 -51.20 -4.21 11.63
N LEU O 37 -50.59 -5.01 10.76
CA LEU O 37 -50.60 -4.75 9.32
C LEU O 37 -51.54 -5.64 8.53
N VAL O 38 -52.37 -6.45 9.18
CA VAL O 38 -53.23 -7.39 8.47
C VAL O 38 -54.23 -6.58 7.65
N PRO O 39 -54.81 -7.15 6.60
CA PRO O 39 -55.75 -6.39 5.78
C PRO O 39 -56.90 -5.87 6.63
N PRO O 40 -57.40 -4.68 6.33
CA PRO O 40 -58.46 -4.09 7.16
C PRO O 40 -59.78 -4.84 6.99
N THR O 41 -60.63 -4.70 8.01
CA THR O 41 -61.93 -5.34 8.00
C THR O 41 -62.93 -4.50 7.19
N PRO O 42 -63.97 -5.14 6.63
CA PRO O 42 -65.00 -4.36 5.94
C PRO O 42 -65.67 -3.34 6.84
N ALA O 43 -65.92 -3.70 8.11
CA ALA O 43 -66.50 -2.75 9.04
C ALA O 43 -65.54 -1.61 9.36
N GLU O 44 -64.25 -1.82 9.15
CA GLU O 44 -63.25 -0.78 9.40
C GLU O 44 -63.35 0.35 8.39
N ILE O 45 -63.92 0.10 7.21
CA ILE O 45 -63.95 1.12 6.16
C ILE O 45 -64.69 2.38 6.61
N PRO O 46 -65.92 2.30 7.15
CA PRO O 46 -66.64 3.53 7.50
C PRO O 46 -65.83 4.45 8.39
N THR O 47 -65.12 3.90 9.38
CA THR O 47 -64.30 4.74 10.23
C THR O 47 -63.25 5.47 9.42
N ALA O 48 -62.58 4.77 8.52
CA ALA O 48 -61.52 5.39 7.74
C ALA O 48 -62.08 6.51 6.86
N ILE O 49 -63.19 6.26 6.19
CA ILE O 49 -63.74 7.27 5.28
C ILE O 49 -64.21 8.49 6.07
N GLN O 50 -64.87 8.26 7.21
CA GLN O 50 -65.34 9.37 8.01
C GLN O 50 -64.16 10.19 8.54
N SER O 51 -63.10 9.51 8.97
CA SER O 51 -61.90 10.22 9.42
C SER O 51 -61.30 11.02 8.28
N LEU O 52 -61.26 10.44 7.08
CA LEU O 52 -60.70 11.17 5.94
C LEU O 52 -61.51 12.41 5.64
N LYS O 53 -62.83 12.33 5.71
CA LYS O 53 -63.63 13.51 5.43
C LYS O 53 -63.41 14.58 6.50
N LYS O 54 -63.26 14.20 7.76
CA LYS O 54 -62.88 15.21 8.74
C LYS O 54 -61.52 15.81 8.43
N ILE O 55 -60.56 14.99 7.99
CA ILE O 55 -59.23 15.50 7.71
C ILE O 55 -59.29 16.53 6.58
N ILE O 56 -60.03 16.21 5.52
CA ILE O 56 -60.13 17.15 4.40
C ILE O 56 -60.89 18.39 4.83
N ASN O 57 -61.90 18.24 5.68
CA ASN O 57 -62.60 19.41 6.20
C ASN O 57 -61.62 20.34 6.93
N SER O 58 -60.79 19.76 7.79
CA SER O 58 -59.82 20.57 8.53
C SER O 58 -58.84 21.23 7.58
N ALA O 59 -58.35 20.49 6.58
CA ALA O 59 -57.36 21.04 5.67
C ALA O 59 -57.93 22.18 4.85
N LYS O 60 -59.09 21.96 4.23
CA LYS O 60 -59.70 23.00 3.40
C LYS O 60 -60.11 24.20 4.22
N THR O 61 -60.62 23.97 5.43
CA THR O 61 -61.04 25.08 6.28
C THR O 61 -59.87 26.00 6.62
N GLY O 62 -58.64 25.54 6.47
CA GLY O 62 -57.48 26.35 6.79
C GLY O 62 -57.11 26.38 8.25
N SER O 63 -57.76 25.58 9.09
CA SER O 63 -57.48 25.57 10.52
C SER O 63 -56.23 24.79 10.88
N PHE O 64 -55.65 24.03 9.94
CA PHE O 64 -54.47 23.24 10.27
C PHE O 64 -53.34 24.13 10.79
N LYS O 65 -53.32 25.39 10.39
CA LYS O 65 -52.27 26.31 10.82
C LYS O 65 -52.21 26.40 12.35
N GLN O 66 -53.24 25.88 13.03
CA GLN O 66 -53.22 25.72 14.47
C GLN O 66 -52.48 24.46 14.89
N LEU O 67 -51.67 23.90 14.00
CA LEU O 67 -50.83 22.74 14.27
C LEU O 67 -49.38 23.17 14.34
N THR O 68 -48.55 22.37 15.00
CA THR O 68 -47.13 22.65 15.12
C THR O 68 -46.32 21.62 14.34
N VAL O 69 -45.05 21.97 14.14
CA VAL O 69 -44.23 21.30 13.14
C VAL O 69 -44.17 19.80 13.38
N LYS O 70 -44.05 19.38 14.65
CA LYS O 70 -43.80 17.97 14.92
C LYS O 70 -44.91 17.09 14.36
N GLU O 71 -46.17 17.46 14.60
CA GLU O 71 -47.26 16.61 14.13
C GLU O 71 -47.36 16.63 12.61
N ALA O 72 -47.12 17.79 12.00
CA ALA O 72 -47.12 17.85 10.54
C ALA O 72 -46.06 16.93 9.97
N LEU O 73 -44.88 16.94 10.58
CA LEU O 73 -43.78 16.11 10.09
C LEU O 73 -44.06 14.63 10.30
N LEU O 74 -44.66 14.29 11.43
CA LEU O 74 -45.06 12.90 11.67
C LEU O 74 -46.09 12.45 10.65
N ASN O 75 -47.07 13.29 10.36
CA ASN O 75 -48.06 12.96 9.34
C ASN O 75 -47.40 12.81 7.98
N GLY O 76 -46.39 13.65 7.69
CA GLY O 76 -45.68 13.51 6.44
C GLY O 76 -44.93 12.20 6.34
N LEU O 77 -44.29 11.78 7.42
CA LEU O 77 -43.60 10.50 7.41
C LEU O 77 -44.59 9.36 7.22
N VAL O 78 -45.74 9.43 7.87
CA VAL O 78 -46.76 8.40 7.68
C VAL O 78 -47.27 8.40 6.24
N ALA O 79 -47.40 9.59 5.66
CA ALA O 79 -47.82 9.70 4.27
C ALA O 79 -46.81 9.02 3.35
N THR O 80 -45.52 9.27 3.56
CA THR O 80 -44.50 8.58 2.77
C THR O 80 -44.58 7.08 2.99
N GLU O 81 -44.77 6.65 4.23
CA GLU O 81 -44.93 5.23 4.50
C GLU O 81 -46.02 4.62 3.64
N VAL O 82 -47.22 5.20 3.70
CA VAL O 82 -48.32 4.62 2.94
C VAL O 82 -48.03 4.69 1.46
N TRP O 83 -47.55 5.83 0.98
CA TRP O 83 -47.28 5.99 -0.44
C TRP O 83 -46.21 5.03 -0.93
N MET O 84 -45.41 4.49 -0.03
CA MET O 84 -44.29 3.64 -0.44
C MET O 84 -44.71 2.21 -0.73
N TRP O 85 -45.77 1.73 -0.09
CA TRP O 85 -46.24 0.41 -0.47
C TRP O 85 -46.72 0.40 -1.90
N PHE O 86 -46.99 1.56 -2.49
CA PHE O 86 -47.28 1.60 -3.91
C PHE O 86 -46.08 1.14 -4.73
N TYR O 87 -44.89 1.62 -4.37
CA TYR O 87 -43.69 1.12 -5.04
C TYR O 87 -43.47 -0.35 -4.72
N VAL O 88 -43.88 -0.79 -3.55
CA VAL O 88 -43.81 -2.23 -3.25
C VAL O 88 -44.71 -3.01 -4.22
N GLY O 89 -45.93 -2.53 -4.42
CA GLY O 89 -46.80 -3.16 -5.39
C GLY O 89 -46.21 -3.15 -6.78
N GLU O 90 -45.51 -2.07 -7.13
CA GLU O 90 -44.83 -2.01 -8.40
C GLU O 90 -43.75 -3.08 -8.48
N ILE O 91 -43.03 -3.31 -7.39
CA ILE O 91 -42.13 -4.47 -7.32
C ILE O 91 -42.89 -5.74 -7.68
N ILE O 92 -44.05 -5.92 -7.08
CA ILE O 92 -44.80 -7.15 -7.34
C ILE O 92 -45.13 -7.26 -8.83
N GLY O 93 -45.59 -6.17 -9.43
CA GLY O 93 -45.93 -6.19 -10.84
C GLY O 93 -44.72 -6.51 -11.69
N LYS O 94 -43.77 -5.57 -11.77
CA LYS O 94 -42.52 -5.85 -12.47
C LYS O 94 -41.72 -6.83 -11.61
N ARG O 95 -41.88 -8.13 -11.87
CA ARG O 95 -41.31 -9.15 -11.00
C ARG O 95 -39.89 -8.80 -10.55
N GLY O 96 -39.02 -8.48 -11.50
CA GLY O 96 -37.67 -8.09 -11.15
C GLY O 96 -37.68 -6.92 -10.19
N ILE O 97 -36.84 -7.01 -9.16
CA ILE O 97 -36.76 -5.95 -8.16
C ILE O 97 -36.27 -4.64 -8.76
N ILE O 98 -35.78 -4.67 -9.99
CA ILE O 98 -35.37 -3.45 -10.68
C ILE O 98 -36.27 -3.21 -11.89
N LEU P 2 -13.61 38.35 11.43
CA LEU P 2 -12.72 37.19 11.35
C LEU P 2 -11.47 37.38 12.17
N GLN P 3 -11.14 38.63 12.50
CA GLN P 3 -9.93 38.90 13.27
C GLN P 3 -9.88 38.08 14.54
N SER P 4 -11.03 37.81 15.14
CA SER P 4 -11.06 36.92 16.31
C SER P 4 -10.57 35.53 15.94
N LEU P 5 -10.94 35.04 14.75
CA LEU P 5 -10.47 33.74 14.32
C LEU P 5 -8.95 33.71 14.22
N ILE P 6 -8.37 34.71 13.55
CA ILE P 6 -6.93 34.71 13.36
C ILE P 6 -6.22 34.93 14.68
N LYS P 7 -6.83 35.64 15.61
CA LYS P 7 -6.19 35.82 16.92
C LYS P 7 -6.44 34.64 17.85
N LYS P 8 -7.33 33.73 17.48
CA LYS P 8 -7.37 32.44 18.15
C LYS P 8 -6.38 31.46 17.54
N VAL P 9 -6.08 31.62 16.27
CA VAL P 9 -5.17 30.69 15.59
C VAL P 9 -3.71 31.08 15.82
N TRP P 10 -3.33 32.28 15.37
CA TRP P 10 -1.93 32.64 15.27
C TRP P 10 -1.26 32.79 16.63
N ILE P 11 -2.00 32.81 17.73
CA ILE P 11 -1.39 32.98 19.04
C ILE P 11 -0.71 31.69 19.47
N PRO P 12 -1.40 30.55 19.54
CA PRO P 12 -0.69 29.31 19.87
C PRO P 12 0.42 28.99 18.90
N MET P 13 0.22 29.25 17.61
CA MET P 13 1.16 28.86 16.57
C MET P 13 2.21 29.92 16.28
N LYS P 14 2.49 30.81 17.22
CA LYS P 14 3.60 31.73 17.03
C LYS P 14 4.92 31.01 16.87
N PRO P 15 5.30 30.08 17.74
CA PRO P 15 6.67 29.56 17.68
C PRO P 15 6.90 28.65 16.50
N TYR P 16 5.91 27.85 16.12
CA TYR P 16 6.06 27.02 14.94
C TYR P 16 6.24 27.88 13.69
N TYR P 17 5.21 28.67 13.35
CA TYR P 17 5.25 29.41 12.10
C TYR P 17 6.37 30.43 12.07
N THR P 18 6.84 30.89 13.23
CA THR P 18 7.88 31.91 13.25
C THR P 18 9.27 31.32 13.33
N GLN P 19 9.48 30.37 14.24
CA GLN P 19 10.81 29.85 14.52
C GLN P 19 11.01 28.41 14.11
N ALA P 20 10.16 27.49 14.57
CA ALA P 20 10.38 26.08 14.28
C ALA P 20 10.28 25.80 12.80
N TYR P 21 9.21 26.27 12.16
CA TYR P 21 8.96 25.99 10.75
C TYR P 21 9.50 27.06 9.83
N GLN P 22 10.33 27.95 10.33
CA GLN P 22 10.83 29.02 9.47
C GLN P 22 11.57 28.41 8.28
N GLU P 23 11.89 27.13 8.38
CA GLU P 23 12.61 26.42 7.33
C GLU P 23 11.68 25.69 6.38
N ILE P 24 10.65 25.03 6.91
CA ILE P 24 9.71 24.34 6.03
C ILE P 24 9.09 25.29 5.03
N TRP P 25 9.10 26.60 5.33
CA TRP P 25 8.51 27.56 4.41
C TRP P 25 9.40 27.79 3.19
N VAL P 26 10.72 27.71 3.35
CA VAL P 26 11.59 27.74 2.18
C VAL P 26 11.28 26.57 1.28
N GLY P 27 11.13 25.38 1.87
CA GLY P 27 10.72 24.23 1.08
C GLY P 27 9.35 24.42 0.46
N THR P 28 8.46 25.11 1.17
CA THR P 28 7.14 25.39 0.61
C THR P 28 7.25 26.27 -0.62
N GLY P 29 8.09 27.29 -0.56
CA GLY P 29 8.32 28.11 -1.74
C GLY P 29 8.90 27.31 -2.88
N LEU P 30 9.84 26.42 -2.56
CA LEU P 30 10.41 25.57 -3.60
C LEU P 30 9.34 24.69 -4.24
N MET P 31 8.46 24.12 -3.42
CA MET P 31 7.40 23.28 -3.97
C MET P 31 6.43 24.10 -4.80
N ALA P 32 6.13 25.32 -4.37
CA ALA P 32 5.26 26.19 -5.15
C ALA P 32 5.89 26.48 -6.51
N TYR P 33 7.18 26.76 -6.53
CA TYR P 33 7.86 26.97 -7.80
C TYR P 33 7.80 25.71 -8.65
N ILE P 34 7.99 24.55 -8.04
CA ILE P 34 7.99 23.30 -8.80
C ILE P 34 6.64 23.08 -9.45
N VAL P 35 5.56 23.23 -8.67
CA VAL P 35 4.24 23.00 -9.24
C VAL P 35 3.92 24.06 -10.28
N TYR P 36 4.39 25.30 -10.07
CA TYR P 36 4.20 26.32 -11.09
C TYR P 36 4.86 25.91 -12.40
N LYS P 37 6.10 25.40 -12.32
CA LYS P 37 6.77 24.93 -13.52
C LYS P 37 6.00 23.78 -14.16
N ILE P 38 5.50 22.84 -13.36
CA ILE P 38 4.79 21.70 -13.91
C ILE P 38 3.55 22.16 -14.65
N ARG P 39 2.77 23.04 -14.04
CA ARG P 39 1.55 23.45 -14.74
C ARG P 39 1.87 24.36 -15.91
N SER P 40 2.96 25.12 -15.86
CA SER P 40 3.35 25.90 -17.03
C SER P 40 3.68 24.97 -18.19
N ALA P 41 4.41 23.88 -17.91
CA ALA P 41 4.73 22.92 -18.95
C ALA P 41 3.48 22.26 -19.48
N ASP P 42 2.54 21.93 -18.61
CA ASP P 42 1.28 21.33 -19.06
C ASP P 42 0.50 22.31 -19.92
N LYS P 43 0.48 23.58 -19.53
CA LYS P 43 -0.15 24.60 -20.35
C LYS P 43 0.47 24.63 -21.73
N ARG P 44 1.80 24.69 -21.79
CA ARG P 44 2.50 24.69 -23.08
C ARG P 44 2.05 23.50 -23.92
N SER P 45 2.28 22.29 -23.41
CA SER P 45 1.96 21.09 -24.18
C SER P 45 0.48 21.01 -24.52
N LYS P 46 -0.38 21.73 -23.81
CA LYS P 46 -1.77 21.84 -24.22
C LYS P 46 -1.90 22.81 -25.40
N ALA P 47 -1.10 23.87 -25.41
CA ALA P 47 -1.17 24.84 -26.49
C ALA P 47 -0.81 24.21 -27.83
N LEU P 48 -0.02 23.15 -27.82
CA LEU P 48 0.44 22.51 -29.04
C LEU P 48 -0.52 21.42 -29.52
N LYS P 49 -1.67 21.27 -28.88
CA LYS P 49 -2.69 20.34 -29.34
C LYS P 49 -4.07 20.75 -28.83
N THR Q 12 49.69 14.14 5.63
CA THR Q 12 50.35 14.62 4.42
C THR Q 12 49.52 15.73 3.79
N GLY Q 13 49.56 15.86 2.47
CA GLY Q 13 48.80 16.87 1.79
C GLY Q 13 47.46 16.34 1.32
N ILE Q 14 47.33 16.08 0.02
CA ILE Q 14 46.06 15.65 -0.54
C ILE Q 14 45.56 14.40 0.18
N LYS Q 15 46.44 13.42 0.38
CA LYS Q 15 46.02 12.17 0.99
C LYS Q 15 45.53 12.37 2.42
N LYS Q 16 45.85 13.50 3.03
CA LYS Q 16 45.24 13.90 4.30
C LYS Q 16 44.31 15.09 4.16
N TYR Q 17 44.50 15.91 3.14
CA TYR Q 17 43.58 17.01 2.86
C TYR Q 17 42.29 16.50 2.23
N PHE Q 18 42.37 15.42 1.46
CA PHE Q 18 41.22 14.83 0.77
C PHE Q 18 40.87 13.46 1.33
N ASN Q 19 41.31 13.14 2.53
CA ASN Q 19 41.05 11.83 3.09
C ASN Q 19 39.56 11.57 3.15
N SER Q 20 39.17 10.34 2.78
CA SER Q 20 37.77 9.96 2.87
C SER Q 20 37.35 9.70 4.31
N TYR Q 21 38.26 9.19 5.12
CA TYR Q 21 37.91 8.81 6.49
C TYR Q 21 37.72 10.05 7.36
N THR Q 22 38.59 11.05 7.22
CA THR Q 22 38.51 12.24 8.05
C THR Q 22 37.18 12.95 7.81
N LEU Q 23 36.91 14.01 8.56
CA LEU Q 23 35.66 14.73 8.41
C LEU Q 23 35.76 15.79 7.32
N THR Q 24 36.69 16.75 7.48
CA THR Q 24 36.85 17.79 6.48
C THR Q 24 37.17 17.21 5.11
N GLY Q 25 37.92 16.11 5.08
CA GLY Q 25 38.27 15.52 3.80
C GLY Q 25 37.05 15.11 3.00
N ARG Q 26 36.01 14.61 3.69
CA ARG Q 26 34.79 14.24 2.98
C ARG Q 26 34.19 15.45 2.28
N MET Q 27 34.08 16.57 2.99
CA MET Q 27 33.54 17.77 2.38
C MET Q 27 34.41 18.21 1.22
N ASN Q 28 35.73 18.18 1.39
CA ASN Q 28 36.62 18.63 0.33
C ASN Q 28 36.42 17.78 -0.92
N CYS Q 29 36.32 16.47 -0.76
CA CYS Q 29 36.12 15.60 -1.91
C CYS Q 29 34.77 15.86 -2.56
N VAL Q 30 33.73 16.07 -1.76
CA VAL Q 30 32.40 16.32 -2.33
C VAL Q 30 32.41 17.61 -3.14
N LEU Q 31 33.00 18.67 -2.58
CA LEU Q 31 33.09 19.92 -3.32
C LEU Q 31 33.94 19.77 -4.56
N ALA Q 32 35.00 18.97 -4.49
CA ALA Q 32 35.82 18.74 -5.68
C ALA Q 32 35.01 18.07 -6.77
N THR Q 33 34.20 17.07 -6.40
CA THR Q 33 33.37 16.40 -7.39
C THR Q 33 32.36 17.37 -7.99
N TYR Q 34 31.71 18.17 -7.16
CA TYR Q 34 30.74 19.14 -7.68
C TYR Q 34 31.41 20.13 -8.60
N GLY Q 35 32.60 20.61 -8.23
CA GLY Q 35 33.31 21.55 -9.07
C GLY Q 35 33.69 20.94 -10.40
N SER Q 36 34.13 19.69 -10.39
CA SER Q 36 34.45 19.02 -11.64
C SER Q 36 33.21 18.90 -12.52
N ILE Q 37 32.07 18.54 -11.92
CA ILE Q 37 30.84 18.39 -12.70
C ILE Q 37 30.44 19.72 -13.32
N ALA Q 38 30.50 20.80 -12.53
CA ALA Q 38 30.16 22.12 -13.05
C ALA Q 38 31.14 22.54 -14.15
N LEU Q 39 32.43 22.30 -13.92
CA LEU Q 39 33.43 22.56 -14.94
C LEU Q 39 33.04 21.89 -16.25
N ILE Q 40 32.75 20.59 -16.19
CA ILE Q 40 32.48 19.84 -17.41
C ILE Q 40 31.20 20.34 -18.07
N VAL Q 41 30.15 20.58 -17.29
CA VAL Q 41 28.88 20.94 -17.90
C VAL Q 41 28.96 22.31 -18.56
N LEU Q 42 29.60 23.28 -17.90
CA LEU Q 42 29.78 24.58 -18.55
C LEU Q 42 30.75 24.48 -19.73
N TYR Q 43 31.76 23.63 -19.63
CA TYR Q 43 32.70 23.46 -20.72
C TYR Q 43 32.01 22.95 -21.97
N PHE Q 44 31.10 21.99 -21.82
CA PHE Q 44 30.43 21.38 -22.95
C PHE Q 44 29.16 22.10 -23.37
N LYS Q 45 28.61 22.97 -22.52
CA LYS Q 45 27.40 23.70 -22.90
C LYS Q 45 27.67 24.66 -24.05
N LEU Q 46 28.83 25.32 -24.04
CA LEU Q 46 29.14 26.32 -25.05
C LEU Q 46 29.68 25.71 -26.34
N ARG Q 47 30.08 24.45 -26.33
CA ARG Q 47 30.64 23.82 -27.53
C ARG Q 47 29.57 23.73 -28.61
C1 CDL R . -12.22 23.73 20.28
O1 CDL R . -11.34 23.37 19.25
CA2 CDL R . -12.40 25.25 20.30
OA2 CDL R . -12.80 25.69 19.04
PA1 CDL R . -14.32 26.32 18.84
OA3 CDL R . -15.33 25.45 19.53
OA4 CDL R . -14.35 27.71 19.44
OA5 CDL R . -14.67 26.42 17.24
CA3 CDL R . -14.10 27.47 16.51
CA4 CDL R . -13.26 26.90 15.37
OA6 CDL R . -14.02 26.03 14.58
CA5 CDL R . -15.02 26.62 13.79
OA7 CDL R . -15.84 27.32 14.26
C11 CDL R . -15.07 26.34 12.29
C12 CDL R . -16.47 25.89 11.91
C13 CDL R . -17.10 26.85 10.92
C14 CDL R . -18.30 26.18 10.25
C15 CDL R . -17.85 25.48 8.97
C16 CDL R . -18.61 24.16 8.82
C17 CDL R . -18.80 23.81 7.34
C18 CDL R . -19.66 22.56 7.24
C19 CDL R . -20.26 22.44 5.85
C20 CDL R . -21.13 21.18 5.80
C21 CDL R . -21.62 20.94 4.37
C22 CDL R . -22.67 19.83 4.39
CA6 CDL R . -12.11 26.14 16.00
OA8 CDL R . -11.35 25.50 15.01
CA7 CDL R . -10.30 26.28 14.54
OA9 CDL R . -9.21 26.10 14.97
C31 CDL R . -10.56 27.36 13.50
C32 CDL R . -9.30 27.60 12.66
C33 CDL R . -9.70 27.77 11.20
C34 CDL R . -8.63 28.57 10.46
C35 CDL R . -8.96 28.57 8.96
C36 CDL R . -8.53 29.89 8.33
C37 CDL R . -7.03 30.09 8.51
C38 CDL R . -6.53 31.10 7.47
C39 CDL R . -5.00 31.19 7.51
C40 CDL R . -4.54 31.72 8.87
C41 CDL R . -3.05 32.04 8.82
C42 CDL R . -2.51 32.21 10.23
CB2 CDL R . -13.58 23.07 20.06
OB2 CDL R . -13.44 21.68 19.96
PB2 CDL R . -12.91 21.07 18.54
OB3 CDL R . -11.49 21.50 18.32
OB4 CDL R . -12.99 19.56 18.57
OB5 CDL R . -13.85 21.62 17.30
CB3 CDL R . -13.52 21.18 16.00
CB4 CDL R . -13.90 22.27 15.00
OB6 CDL R . -15.14 21.93 14.44
CB5 CDL R . -16.23 22.24 15.27
OB7 CDL R . -16.06 22.56 16.40
C51 CDL R . -17.65 22.17 14.72
C52 CDL R . -17.81 23.19 13.59
C53 CDL R . -17.99 22.46 12.25
C54 CDL R . -19.40 21.87 12.16
C55 CDL R . -19.36 20.68 11.21
C56 CDL R . -20.73 20.53 10.51
C57 CDL R . -21.78 20.04 11.53
C58 CDL R . -23.02 19.59 10.74
C59 CDL R . -24.28 19.63 11.62
C60 CDL R . -25.35 18.71 11.01
C61 CDL R . -25.92 19.32 9.72
C62 CDL R . -26.48 18.21 8.82
C63 CDL R . -25.33 17.61 7.97
C64 CDL R . -25.93 16.82 6.79
C65 CDL R . -26.72 15.61 7.30
C66 CDL R . -26.92 14.61 6.16
C67 CDL R . -27.75 13.42 6.65
CB6 CDL R . -12.84 22.39 13.91
OB8 CDL R . -12.97 21.33 12.99
CB7 CDL R . -13.37 21.70 11.70
OB9 CDL R . -13.02 22.73 11.22
C71 CDL R . -14.27 20.75 10.89
C72 CDL R . -14.65 21.39 9.56
C73 CDL R . -15.16 20.29 8.61
C74 CDL R . -16.09 20.89 7.55
C75 CDL R . -16.36 19.84 6.46
C76 CDL R . -17.22 18.70 7.02
C77 CDL R . -18.29 18.32 6.00
C78 CDL R . -17.82 17.14 5.14
C79 CDL R . -18.58 17.12 3.82
C80 CDL R . -18.44 15.75 3.15
C81 CDL R . -18.68 15.88 1.65
H1 CDL R . -11.85 23.44 21.14
H1O1 CDL R . -10.56 23.33 19.55
HA22 CDL R . -11.56 25.67 20.55
HA21 CDL R . -13.07 25.49 20.96
HA32 CDL R . -14.81 28.05 16.17
HA31 CDL R . -13.53 27.99 17.10
HA4 CDL R . -12.93 27.63 14.83
H112 CDL R . -14.84 27.15 11.81
H111 CDL R . -14.43 25.65 12.07
H122 CDL R . -16.43 25.00 11.52
H121 CDL R . -17.02 25.85 12.71
H132 CDL R . -16.44 27.09 10.25
H131 CDL R . -17.39 27.64 11.39
H142 CDL R . -18.96 26.86 10.03
H141 CDL R . -18.68 25.54 10.85
H152 CDL R . -18.04 26.04 8.20
H151 CDL R . -16.91 25.30 9.00
H162 CDL R . -19.47 24.23 9.25
H161 CDL R . -18.10 23.45 9.25
H172 CDL R . -17.93 23.65 6.94
H171 CDL R . -19.24 24.55 6.89
H182 CDL R . -19.12 21.77 7.44
H181 CDL R . -20.39 22.61 7.90
H192 CDL R . -20.81 23.22 5.66
H191 CDL R . -19.55 22.38 5.20
H202 CDL R . -20.59 20.42 6.09
H201 CDL R . -21.88 21.28 6.39
H212 CDL R . -22.01 21.75 4.03
H211 CDL R . -20.87 20.67 3.81
H222 CDL R . -23.41 20.09 4.95
H221 CDL R . -22.27 19.02 4.73
HA62 CDL R . -11.55 26.75 16.50
HA61 CDL R . -12.47 25.47 16.61
H312 CDL R . -10.81 28.19 13.95
H311 CDL R . -11.28 27.08 12.92
H322 CDL R . -8.86 28.41 12.97
H321 CDL R . -8.70 26.85 12.75
H332 CDL R . -9.79 26.90 10.79
H331 CDL R . -10.54 28.24 11.14
H342 CDL R . -8.61 29.48 10.79
H341 CDL R . -7.75 28.16 10.61
H352 CDL R . -9.90 28.44 8.85
H351 CDL R . -8.47 27.84 8.54
H362 CDL R . -9.01 30.61 8.76
H361 CDL R . -8.74 29.87 7.38
H372 CDL R . -6.57 29.25 8.39
H371 CDL R . -6.86 30.44 9.40
H382 CDL R . -6.80 30.82 6.59
H381 CDL R . -6.90 31.98 7.65
H392 CDL R . -4.70 31.78 6.81
H391 CDL R . -4.62 30.30 7.37
H402 CDL R . -5.03 32.53 9.08
H401 CDL R . -4.70 31.05 9.55
H412 CDL R . -2.58 31.31 8.38
H411 CDL R . -2.91 32.86 8.31
H422 CDL R . -3.25 32.41 10.83
H421 CDL R . -2.08 31.39 10.52
HB22 CDL R . -13.97 23.41 19.24
HB21 CDL R . -14.16 23.28 20.80
HB32 CDL R . -14.02 20.36 15.80
HB31 CDL R . -12.57 21.00 15.96
HB4 CDL R . -13.97 23.11 15.46
H512 CDL R . -18.29 22.37 15.43
H511 CDL R . -17.82 21.27 14.37
H522 CDL R . -18.58 23.75 13.76
H521 CDL R . -17.01 23.74 13.55
H532 CDL R . -17.33 21.75 12.18
H531 CDL R . -17.85 23.09 11.53
H542 CDL R . -20.01 22.55 11.84
H541 CDL R . -19.68 21.57 13.04
H552 CDL R . -19.17 19.86 11.70
H551 CDL R . -18.68 20.81 10.54
H562 CDL R . -21.00 21.39 10.15
H561 CDL R . -20.65 19.89 9.79
H572 CDL R . -21.43 19.30 12.04
H571 CDL R . -22.02 20.77 12.12
H582 CDL R . -23.14 20.18 9.98
H581 CDL R . -22.88 18.68 10.43
H592 CDL R . -24.06 19.32 12.52
H591 CDL R . -24.61 20.54 11.67
H602 CDL R . -24.96 17.85 10.81
H601 CDL R . -26.07 18.59 11.66
H612 CDL R . -26.63 19.94 9.95
H611 CDL R . -25.22 19.81 9.25
H622 CDL R . -26.87 17.52 9.37
H621 CDL R . -27.15 18.58 8.23
H632 CDL R . -24.81 17.02 8.52
H631 CDL R . -24.78 18.32 7.63
H642 CDL R . -26.51 17.39 6.28
H641 CDL R . -25.20 16.51 6.22
H652 CDL R . -27.58 15.90 7.64
H651 CDL R . -26.22 15.19 8.02
H662 CDL R . -26.05 14.29 5.86
H661 CDL R . -27.37 15.04 5.43
H673 CDL R . -27.51 12.63 6.15
H672 CDL R . -27.57 13.27 7.60
H671 CDL R . -28.68 13.62 6.53
HB62 CDL R . -12.94 23.23 13.46
HB61 CDL R . -11.96 22.34 14.32
H712 CDL R . -15.07 20.56 11.40
H711 CDL R . -13.78 19.92 10.72
C1 CDL S . -34.37 15.87 20.12
O1 CDL S . -33.89 17.15 19.80
CA2 CDL S . -33.48 15.27 21.23
OA2 CDL S . -32.52 16.22 21.62
PA1 CDL S . -31.11 16.28 20.79
OA3 CDL S . -31.02 17.58 20.04
OA4 CDL S . -29.96 16.20 21.77
OA5 CDL S . -31.01 15.02 19.74
CA3 CDL S . -31.69 15.14 18.53
CA4 CDL S . -30.71 15.00 17.37
OA6 CDL S . -30.14 13.72 17.41
CA5 CDL S . -29.34 13.42 16.31
OA7 CDL S . -28.31 13.98 16.14
C11 CDL S . -29.78 12.36 15.32
C12 CDL S . -28.80 12.35 14.15
C13 CDL S . -29.26 11.30 13.15
C14 CDL S . -28.20 11.10 12.07
C15 CDL S . -28.47 9.78 11.37
C16 CDL S . -28.03 9.87 9.92
C17 CDL S . -28.37 8.56 9.22
C18 CDL S . -28.52 8.82 7.73
C19 CDL S . -28.78 7.49 7.01
C20 CDL S . -28.32 7.59 5.56
C21 CDL S . -28.18 6.18 4.99
C22 CDL S . -26.72 5.93 4.61
C23 CDL S . -26.61 4.52 4.04
C24 CDL S . -26.11 3.56 5.11
C25 CDL S . -24.59 3.62 5.22
C26 CDL S . -24.07 2.31 5.82
C27 CDL S . -22.68 2.55 6.40
CA6 CDL S . -29.59 16.02 17.51
OA8 CDL S . -29.11 16.32 16.24
CA7 CDL S . -27.87 16.96 16.22
OA9 CDL S . -27.17 16.89 17.18
C31 CDL S . -27.42 17.74 14.99
C32 CDL S . -27.72 16.94 13.73
C33 CDL S . -26.66 15.86 13.52
C34 CDL S . -26.75 15.34 12.08
C35 CDL S . -26.25 13.89 11.99
C36 CDL S . -24.75 13.82 12.29
C37 CDL S . -23.96 14.32 11.09
C38 CDL S . -22.57 14.75 11.54
C39 CDL S . -22.65 16.13 12.21
C40 CDL S . -21.87 16.12 13.53
C41 CDL S . -20.39 15.95 13.23
C42 CDL S . -19.60 16.02 14.53
C43 CDL S . -19.16 14.62 14.95
C44 CDL S . -18.55 14.69 16.35
C45 CDL S . -17.23 13.91 16.38
C46 CDL S . -17.51 12.44 16.12
CB2 CDL S . -35.81 15.95 20.62
OB2 CDL S . -36.67 16.16 19.53
PB2 CDL S . -37.86 15.06 19.22
OB3 CDL S . -38.00 14.11 20.38
OB4 CDL S . -39.18 15.76 19.00
OB5 CDL S . -37.44 14.25 17.85
CB3 CDL S . -36.15 14.48 17.36
CB4 CDL S . -35.89 13.71 16.07
OB6 CDL S . -36.93 12.80 15.84
CB5 CDL S . -38.00 13.32 15.08
OB7 CDL S . -38.92 13.81 15.62
C51 CDL S . -37.96 13.24 13.55
C52 CDL S . -37.78 14.65 12.98
C53 CDL S . -36.82 14.60 11.77
C54 CDL S . -37.29 13.55 10.76
C55 CDL S . -36.73 13.89 9.37
C56 CDL S . -36.29 12.59 8.67
CB6 CDL S . -34.57 12.94 16.21
OB8 CDL S . -33.89 12.93 14.99
CB7 CDL S . -34.07 11.76 14.24
OB9 CDL S . -34.94 11.01 14.52
C71 CDL S . -33.14 11.46 13.06
C72 CDL S . -33.63 10.22 12.31
C73 CDL S . -32.79 10.03 11.04
C74 CDL S . -32.99 8.61 10.51
C75 CDL S . -32.48 8.51 9.06
C76 CDL S . -33.02 7.24 8.42
C77 CDL S . -34.45 7.48 7.92
H1 CDL S . -34.31 15.31 19.35
H1O1 CDL S . -34.55 17.64 19.59
HA22 CDL S . -34.03 15.03 21.99
HA21 CDL S . -33.04 14.48 20.89
HA32 CDL S . -32.13 16.00 18.48
HA31 CDL S . -32.36 14.43 18.46
HA4 CDL S . -31.17 15.12 16.53
H112 CDL S . -29.79 11.49 15.74
H111 CDL S . -30.67 12.56 14.99
H122 CDL S . -27.91 12.12 14.46
H121 CDL S . -28.79 13.22 13.72
H132 CDL S . -29.41 10.45 13.62
H131 CDL S . -30.09 11.58 12.74
H142 CDL S . -27.32 11.09 12.48
H141 CDL S . -28.25 11.83 11.44
H152 CDL S . -29.42 9.59 11.41
H151 CDL S . -27.97 9.07 11.82
H162 CDL S . -27.08 10.02 9.88
H161 CDL S . -28.49 10.60 9.48
H172 CDL S . -27.65 7.92 9.36
H171 CDL S . -29.19 8.20 9.58
H182 CDL S . -27.71 9.22 7.38
H181 CDL S . -29.27 9.42 7.58
H192 CDL S . -28.29 6.79 7.46
H191 CDL S . -29.74 7.30 7.04
H202 CDL S . -28.97 8.09 5.05
H201 CDL S . -27.45 8.04 5.52
H212 CDL S . -28.47 5.53 5.64
H211 CDL S . -28.74 6.11 4.19
H222 CDL S . -26.44 6.57 3.94
H221 CDL S . -26.16 6.00 5.40
H232 CDL S . -27.48 4.23 3.71
H231 CDL S . -25.98 4.52 3.29
H242 CDL S . -26.38 2.65 4.88
H241 CDL S . -26.51 3.80 5.96
H252 CDL S . -24.34 4.37 5.79
H251 CDL S . -24.21 3.74 4.34
H262 CDL S . -24.67 2.03 6.52
H261 CDL S . -24.02 1.64 5.13
H273 CDL S . -22.07 2.78 5.68
H272 CDL S . -22.38 1.74 6.85
H271 CDL S . -22.72 3.29 7.04
HA62 CDL S . -29.93 16.83 17.94
HA61 CDL S . -28.88 15.65 18.05
H312 CDL S . -26.46 17.90 15.04
H311 CDL S . -27.88 18.59 14.96
H322 CDL S . -27.74 17.53 12.97
H321 CDL S . -28.60 16.51 13.82
H332 CDL S . -26.82 15.12 14.14
H331 CDL S . -25.79 16.24 13.67
H342 CDL S . -27.67 15.36 11.79
H341 CDL S . -26.22 15.90 11.50
H352 CDL S . -26.41 13.55 11.10
H351 CDL S . -26.73 13.34 12.63
H362 CDL S . -24.54 14.36 13.07
H361 CDL S . -24.51 12.89 12.47
H372 CDL S . -24.42 15.06 10.68
H371 CDL S . -23.87 13.60 10.45
H382 CDL S . -22.22 14.10 12.18
H381 CDL S . -21.99 14.80 10.78
H392 CDL S . -23.59 16.35 12.39
H391 CDL S . -22.28 16.79 11.62
H402 CDL S . -22.18 15.39 14.08
H401 CDL S . -22.02 16.96 13.99
H412 CDL S . -20.10 16.66 12.63
H411 CDL S . -20.24 15.09 12.80
H422 CDL S . -18.82 16.56 14.39
H421 CDL S . -20.15 16.40 15.23
H432 CDL S . -18.49 14.29 14.32
H431 CDL S . -19.93 14.02 14.95
H442 CDL S . -19.17 14.30 16.99
H441 CDL S . -18.38 15.61 16.58
H452 CDL S . -16.83 14.02 17.26
H451 CDL S . -16.64 14.26 15.70
H462 CDL S . -16.92 11.90 16.67
H461 CDL S . -18.43 12.24 16.34
HB22 CDL S . -36.05 15.12 21.06
HB21 CDL S . -35.89 16.69 21.24
HB32 CDL S . -36.03 15.42 17.21
HB31 CDL S . -35.51 14.18 18.03
HB4 CDL S . -35.83 14.33 15.33
H512 CDL S . -38.79 12.85 13.23
H511 CDL S . -37.22 12.68 13.29
H522 CDL S . -38.64 14.98 12.69
H521 CDL S . -37.42 15.23 13.65
H532 CDL S . -35.93 14.37 12.08
H531 CDL S . -36.80 15.47 11.34
H542 CDL S . -36.99 12.67 11.03
H541 CDL S . -38.27 13.55 10.71
H552 CDL S . -37.40 14.34 8.84
H551 CDL S . -35.96 14.48 9.47
H562 CDL S . -37.03 11.96 8.67
H561 CDL S . -35.53 12.21 9.13
C1 CDL T . -20.52 -2.64 21.12
O1 CDL T . -19.16 -2.94 21.16
CA2 CDL T . -20.72 -1.22 20.59
OA2 CDL T . -20.46 -0.30 21.60
PA1 CDL T . -18.94 -0.23 22.23
OA3 CDL T . -19.01 -0.51 23.71
OA4 CDL T . -18.08 -1.28 21.55
OA5 CDL T . -18.25 1.24 22.00
CA3 CDL T . -17.10 1.51 22.73
CA4 CDL T . -15.93 1.76 21.80
OA6 CDL T . -16.09 3.01 21.22
CA5 CDL T . -15.47 4.05 21.92
OA7 CDL T . -15.45 4.02 23.10
C11 CDL T . -14.82 5.20 21.19
C12 CDL T . -14.32 4.76 19.82
C13 CDL T . -12.84 5.06 19.69
C14 CDL T . -12.50 5.32 18.23
C15 CDL T . -11.04 5.76 18.12
C16 CDL T . -10.94 7.07 17.36
C17 CDL T . -11.07 6.80 15.86
C18 CDL T . -11.06 8.12 15.10
C19 CDL T . -10.40 7.94 13.73
C20 CDL T . -11.34 7.18 12.80
C21 CDL T . -10.87 7.34 11.36
C22 CDL T . -11.98 6.90 10.40
C23 CDL T . -12.20 5.40 10.52
C24 CDL T . -12.99 4.91 9.31
C25 CDL T . -13.23 3.41 9.43
CA6 CDL T . -15.89 0.71 20.70
OA8 CDL T . -14.68 0.85 20.02
CA7 CDL T . -14.64 0.30 18.73
OA9 CDL T . -15.63 -0.10 18.22
C31 CDL T . -13.33 0.22 17.96
C32 CDL T . -13.09 1.55 17.22
C33 CDL T . -11.82 1.44 16.38
C34 CDL T . -11.56 2.76 15.65
C35 CDL T . -10.40 2.59 14.67
C36 CDL T . -9.08 2.68 15.42
C37 CDL T . -7.91 2.30 14.52
C38 CDL T . -6.65 2.20 15.37
C39 CDL T . -5.45 1.80 14.51
C40 CDL T . -4.28 1.43 15.42
C41 CDL T . -3.61 2.69 15.95
C42 CDL T . -2.75 2.33 17.16
C43 CDL T . -1.42 3.08 17.07
CB2 CDL T . -21.21 -3.64 20.19
OB2 CDL T . -22.59 -3.43 20.25
PB2 CDL T . -23.58 -4.64 19.76
OB3 CDL T . -22.77 -5.88 19.48
OB4 CDL T . -24.59 -4.95 20.84
OB5 CDL T . -24.39 -4.20 18.39
CB3 CDL T . -24.17 -2.92 17.84
CB4 CDL T . -23.48 -3.08 16.49
OB6 CDL T . -23.21 -1.81 15.96
CB5 CDL T . -22.39 -1.83 14.82
OB7 CDL T . -22.15 -2.86 14.29
C51 CDL T . -21.80 -0.53 14.25
C52 CDL T . -21.71 -0.70 12.72
C53 CDL T . -21.66 0.66 12.04
C54 CDL T . -21.05 0.50 10.65
C55 CDL T . -21.08 1.85 9.90
C56 CDL T . -19.73 2.11 9.21
C57 CDL T . -18.80 2.92 10.13
C58 CDL T . -18.35 2.05 11.32
C59 CDL T . -17.26 2.81 12.11
C60 CDL T . -16.43 1.82 12.95
C61 CDL T . -15.04 2.41 13.20
C62 CDL T . -14.03 1.28 13.48
C63 CDL T . -12.84 1.42 12.52
C64 CDL T . -11.98 0.14 12.57
C65 CDL T . -10.71 0.33 11.76
C66 CDL T . -9.86 -0.94 11.84
C67 CDL T . -8.39 -0.59 11.62
CB6 CDL T . -24.39 -3.86 15.55
OB8 CDL T . -24.91 -3.00 14.59
CB7 CDL T . -25.31 -3.64 13.40
OB9 CDL T . -25.72 -4.74 13.43
C71 CDL T . -25.24 -2.89 12.06
C72 CDL T . -25.88 -3.73 10.96
C73 CDL T . -25.83 -2.95 9.65
C74 CDL T . -24.96 -1.71 9.83
C75 CDL T . -25.13 -0.77 8.62
C76 CDL T . -25.97 -1.48 7.55
H1 CDL T . -20.89 -2.72 22.01
H1O1 CDL T . -19.04 -3.74 21.43
HA22 CDL T . -21.63 -1.12 20.28
HA21 CDL T . -20.11 -1.08 19.85
HA32 CDL T . -17.26 2.29 23.29
HA31 CDL T . -16.89 0.75 23.31
HA4 CDL T . -15.11 1.73 22.30
H112 CDL T . -14.09 5.54 21.72
H111 CDL T . -15.48 5.92 21.08
H122 CDL T . -14.46 3.80 19.72
H121 CDL T . -14.81 5.23 19.13
H132 CDL T . -12.60 5.84 20.21
H131 CDL T . -12.32 4.30 20.00
H142 CDL T . -13.08 6.02 17.88
H141 CDL T . -12.64 4.51 17.71
H152 CDL T . -10.53 5.07 17.66
H151 CDL T . -10.68 5.87 19.01
H162 CDL T . -10.08 7.48 17.54
H161 CDL T . -11.64 7.67 17.64
H172 CDL T . -11.90 6.34 15.69
H171 CDL T . -10.33 6.25 15.57
H182 CDL T . -10.56 8.77 15.62
H181 CDL T . -11.97 8.43 14.98
H192 CDL T . -9.58 7.43 13.84
H191 CDL T . -10.20 8.80 13.36
H202 CDL T . -12.24 7.54 12.88
H201 CDL T . -11.34 6.24 13.04
H212 CDL T . -10.08 6.80 11.21
H211 CDL T . -10.65 8.28 11.20
H222 CDL T . -12.79 7.38 10.62
H221 CDL T . -11.71 7.11 9.49
H232 CDL T . -12.71 5.21 11.33
H231 CDL T . -11.35 4.95 10.56
H242 CDL T . -13.84 5.38 9.27
H241 CDL T . -12.50 5.10 8.51
H252 CDL T . -13.92 3.24 10.09
H251 CDL T . -12.40 2.97 9.71
HA62 CDL T . -16.64 0.84 20.10
HA61 CDL T . -15.94 -0.18 21.08
H312 CDL T . -12.60 0.06 18.58
H311 CDL T . -13.37 -0.49 17.31
H322 CDL T . -12.98 2.26 17.88
H321 CDL T . -13.85 1.74 16.66
H332 CDL T . -11.06 1.24 16.95
H331 CDL T . -11.92 0.72 15.74
H342 CDL T . -11.33 3.44 16.29
H341 CDL T . -12.35 3.02 15.17
H352 CDL T . -10.44 3.30 14.00
H351 CDL T . -10.46 1.73 14.23
H362 CDL T . -9.10 2.07 16.18
H361 CDL T . -8.95 3.59 15.75
H372 CDL T . -8.09 1.44 14.09
H371 CDL T . -7.80 2.98 13.83
H382 CDL T . -6.47 3.07 15.78
H381 CDL T . -6.78 1.54 16.06
H392 CDL T . -5.69 1.04 13.96
H391 CDL T . -5.19 2.55 13.94
H402 CDL T . -3.64 0.91 14.90
H401 CDL T . -4.61 0.90 16.15
H412 CDL T . -4.28 3.33 16.21
H411 CDL T . -3.06 3.08 15.26
H422 CDL T . -2.59 1.38 17.17
H421 CDL T . -3.22 2.60 17.97
H432 CDL T . -0.88 2.68 16.36
H431 CDL T . -1.58 4.01 16.87
HB22 CDL T . -20.90 -3.50 19.28
HB21 CDL T . -21.00 -4.53 20.47
HB32 CDL T . -25.02 -2.48 17.71
HB31 CDL T . -23.61 -2.40 18.43
HB4 CDL T . -22.65 -3.56 16.61
H512 CDL T . -22.38 0.21 14.47
H511 CDL T . -20.92 -0.39 14.62
H522 CDL T . -22.50 -1.19 12.41
H521 CDL T . -20.91 -1.20 12.50
H532 CDL T . -21.13 1.28 12.57
H531 CDL T . -22.56 1.02 11.97
H542 CDL T . -21.57 -0.14 10.14
H541 CDL T . -20.14 0.18 10.73
H552 CDL T . -21.79 1.83 9.23
H551 CDL T . -21.25 2.56 10.53
H562 CDL T . -19.88 2.62 8.39
H561 CDL T . -19.31 1.27 8.98
H572 CDL T . -19.27 3.70 10.46
H571 CDL T . -18.03 3.20 9.63
H582 CDL T . -17.99 1.22 10.99
H581 CDL T . -19.10 1.88 11.91
H592 CDL T . -16.67 3.26 11.49
H591 CDL T . -17.68 3.45 12.69
H602 CDL T . -16.88 1.67 13.80
H601 CDL T . -16.35 0.98 12.48
H612 CDL T . -15.07 3.00 13.97
H611 CDL T . -14.75 2.91 12.42
H622 CDL T . -13.72 1.35 14.40
H621 CDL T . -14.46 0.43 13.35
H632 CDL T . -13.16 1.54 11.62
H631 CDL T . -12.30 2.18 12.78
H642 CDL T . -11.75 -0.05 13.50
H641 CDL T . -12.50 -0.60 12.22
H652 CDL T . -10.94 0.50 10.83
H651 CDL T . -10.21 1.08 12.10
H662 CDL T . -10.15 -1.56 11.16
H661 CDL T . -9.97 -1.34 12.72
H673 CDL T . -8.04 -0.16 12.40
H672 CDL T . -7.89 -1.40 11.43
H671 CDL T . -8.31 0.01 10.86
HB62 CDL T . -25.11 -4.27 16.06
HB61 CDL T . -23.87 -4.56 15.12
O1 LHG U . -32.91 25.54 15.34
C1 LHG U . -32.99 25.15 16.71
C2 LHG U . -33.69 23.82 16.78
O2 LHG U . -34.64 23.69 15.75
C3 LHG U . -34.44 23.61 18.06
O3 LHG U . -34.61 22.22 18.00
P LHG U . -35.89 21.54 17.28
O4 LHG U . -36.07 20.19 17.86
O5 LHG U . -36.82 22.68 17.03
O6 LHG U . -35.09 21.21 15.87
C4 LHG U . -34.06 20.27 15.86
C5 LHG U . -34.45 19.33 14.72
C6 LHG U . -34.19 19.95 13.37
O7 LHG U . -33.61 18.20 14.85
C7 LHG U . -34.08 17.12 14.19
O9 LHG U . -35.06 17.16 13.46
C8 LHG U . -33.10 16.03 14.22
C9 LHG U . -31.93 16.39 13.34
C10 LHG U . -31.75 15.32 12.31
O8 LHG U . -35.29 19.51 12.55
C23 LHG U . -35.30 19.94 11.27
O10 LHG U . -34.33 20.52 10.83
C24 LHG U . -36.38 19.47 10.30
C11 LHG U . -30.64 15.87 11.47
C12 LHG U . -30.25 14.85 10.45
C13 LHG U . -31.17 15.01 9.27
C14 LHG U . -31.05 13.86 8.31
C15 LHG U . -31.85 12.71 8.89
C16 LHG U . -32.75 12.16 7.81
C17 LHG U . -31.93 11.49 6.72
C18 LHG U . -32.95 11.20 5.63
C19 LHG U . -33.27 12.38 4.75
C20 LHG U . -32.06 12.44 3.84
C25 LHG U . -36.35 20.08 8.92
C26 LHG U . -36.72 19.16 7.76
C27 LHG U . -37.09 20.13 6.66
C28 LHG U . -37.13 19.55 5.27
C29 LHG U . -38.20 18.45 5.32
C30 LHG U . -37.69 17.03 5.47
HO1 LHG U . -33.53 25.08 14.99
HC11 LHG U . -33.46 25.81 17.24
HC12 LHG U . -32.13 25.06 17.13
HC2 LHG U . -33.03 23.11 16.75
H02 LHG U . -35.16 24.34 15.91
HC31 LHG U . -35.28 24.09 18.09
HC32 LHG U . -33.92 23.84 18.86
HC41 LHG U . -33.96 19.82 16.71
HC42 LHG U . -33.23 20.72 15.66
HC5 LHG U . -35.41 19.17 14.81
HC61 LHG U . -33.33 19.64 13.06
HC62 LHG U . -34.08 20.91 13.49
HC81 LHG U . -33.45 15.16 13.98
HC82 LHG U . -32.74 15.94 15.12
HC91 LHG U . -31.13 16.48 13.87
HC92 LHG U . -32.07 17.25 12.93
H101 LHG U . -32.57 15.19 11.79
H102 LHG U . -31.53 14.46 12.71
H241 LHG U . -37.28 19.61 10.67
H242 LHG U . -36.37 18.50 10.20
H111 LHG U . -29.87 16.06 12.03
H112 LHG U . -30.91 16.70 11.05
H121 LHG U . -30.31 13.97 10.86
H122 LHG U . -29.33 15.01 10.17
H131 LHG U . -30.93 15.82 8.81
H132 LHG U . -32.10 15.09 9.54
H141 LHG U . -30.12 13.61 8.24
H142 LHG U . -31.36 14.11 7.43
H151 LHG U . -32.37 13.00 9.65
H152 LHG U . -31.24 12.01 9.20
H161 LHG U . -33.30 12.86 7.45
H162 LHG U . -33.35 11.50 8.21
H171 LHG U . -31.52 10.67 7.03
H172 LHG U . -31.22 12.06 6.39
H181 LHG U . -33.76 10.89 6.05
H182 LHG U . -32.62 10.47 5.09
H191 LHG U . -33.37 13.20 5.24
H192 LHG U . -34.08 12.25 4.24
H251 LHG U . -35.44 20.38 8.75
H252 LHG U . -36.91 20.87 8.95
H261 LHG U . -37.45 18.56 7.99
H262 LHG U . -35.96 18.62 7.50
H271 LHG U . -36.43 20.85 6.67
H272 LHG U . -37.94 20.52 6.86
H281 LHG U . -36.28 19.15 5.05
H282 LHG U . -37.33 20.21 4.59
H291 LHG U . -38.65 18.48 4.46
H292 LHG U . -38.87 18.63 5.98
O1 LHG V . -37.73 11.99 -14.05
C1 LHG V . -36.51 12.60 -14.50
C2 LHG V . -35.39 11.61 -14.38
O2 LHG V . -35.28 10.81 -15.54
C3 LHG V . -35.57 10.64 -13.23
O3 LHG V . -34.26 10.65 -12.71
P LHG V . -33.83 9.70 -11.47
O4 LHG V . -34.47 8.38 -11.69
O5 LHG V . -32.44 10.12 -11.18
O6 LHG V . -34.84 10.43 -10.37
C4 LHG V . -34.67 11.78 -10.02
C5 LHG V . -33.55 11.74 -8.99
C6 LHG V . -32.38 12.60 -9.41
O7 LHG V . -34.08 12.29 -7.80
C7 LHG V . -34.84 11.42 -7.09
O9 LHG V . -35.30 10.40 -7.57
C8 LHG V . -35.22 12.00 -5.79
C9 LHG V . -35.21 10.92 -4.73
C10 LHG V . -34.38 11.38 -3.56
O8 LHG V . -31.37 12.35 -8.42
C23 LHG V . -31.25 13.23 -7.39
O10 LHG V . -31.93 14.24 -7.37
C24 LHG V . -30.30 12.94 -6.22
C11 LHG V . -34.74 10.38 -2.49
C12 LHG V . -33.87 10.64 -1.30
C13 LHG V . -34.13 9.59 -0.24
C14 LHG V . -32.85 9.21 0.45
C15 LHG V . -33.25 8.45 1.70
C16 LHG V . -32.15 7.49 2.05
C17 LHG V . -32.11 7.27 3.54
C18 LHG V . -31.85 5.79 3.70
C19 LHG V . -31.85 5.35 5.15
C20 LHG V . -31.76 3.84 5.07
C21 LHG V . -31.80 3.27 6.46
C22 LHG V . -31.19 1.89 6.43
C25 LHG V . -30.51 11.63 -5.50
C26 LHG V . -29.33 11.10 -4.70
C27 LHG V . -29.93 10.05 -3.79
C28 LHG V . -28.98 9.45 -2.80
C29 LHG V . -29.66 8.19 -2.28
C30 LHG V . -29.06 7.59 -1.02
C31 LHG V . -28.35 6.27 -1.17
C32 LHG V . -27.20 6.05 -0.20
C33 LHG V . -26.97 4.56 -0.10
C34 LHG V . -25.53 4.13 0.11
C35 LHG V . -25.47 2.77 0.78
C36 LHG V . -24.04 2.25 0.69
C37 LHG V . -23.90 1.16 1.71
C38 LHG V . -24.50 -0.18 1.31
HO1 LHG V . -38.30 12.34 -14.56
HC11 LHG V . -36.33 13.41 -14.00
HC12 LHG V . -36.57 12.88 -15.43
HC2 LHG V . -34.56 12.08 -14.18
H02 LHG V . -34.66 10.27 -15.31
HC31 LHG V . -35.84 9.75 -13.52
HC32 LHG V . -36.19 10.93 -12.55
HC41 LHG V . -35.49 12.17 -9.69
HC42 LHG V . -34.41 12.28 -10.81
HC5 LHG V . -33.25 10.82 -8.95
HC61 LHG V . -32.68 13.53 -9.45
HC62 LHG V . -32.17 12.40 -10.33
HC81 LHG V . -36.07 12.46 -5.78
HC82 LHG V . -34.56 12.66 -5.51
HC91 LHG V . -34.84 10.11 -5.10
HC92 LHG V . -36.11 10.71 -4.45
H101 LHG V . -34.60 12.28 -3.31
H102 LHG V . -33.43 11.35 -3.76
H241 LHG V . -30.31 13.65 -5.57
H242 LHG V . -29.37 12.96 -6.52
H111 LHG V . -34.59 9.48 -2.81
H112 LHG V . -35.68 10.46 -2.25
H121 LHG V . -34.06 11.53 -0.98
H122 LHG V . -32.94 10.60 -1.57
H131 LHG V . -34.50 8.79 -0.68
H132 LHG V . -34.76 9.89 0.42
H141 LHG V . -32.37 10.02 0.69
H142 LHG V . -32.28 8.68 -0.13
H151 LHG V . -34.08 7.97 1.53
H152 LHG V . -33.41 9.07 2.42
H161 LHG V . -31.30 7.84 1.73
H162 LHG V . -32.30 6.65 1.59
H171 LHG V . -32.94 7.53 3.96
H172 LHG V . -31.41 7.80 3.97
H181 LHG V . -30.99 5.56 3.30
H182 LHG V . -32.53 5.29 3.23
H191 LHG V . -32.65 5.63 5.63
H192 LHG V . -31.09 5.71 5.64
H201 LHG V . -30.96 3.52 4.62
H202 LHG V . -32.50 3.48 4.55
H211 LHG V . -32.71 3.19 6.80
H212 LHG V . -31.28 3.79 7.08
H221 LHG V . -31.23 1.54 7.34
H222 LHG V . -30.26 1.92 6.16
H223 LHG V . -31.70 1.28 5.86
H251 LHG V . -30.74 10.95 -6.16
H252 LHG V . -31.31 11.75 -4.94
H261 LHG V . -28.88 11.80 -4.20
H262 LHG V . -28.68 10.70 -5.29
H271 LHG V . -30.30 9.35 -4.34
H272 LHG V . -30.68 10.44 -3.29
H281 LHG V . -28.86 10.06 -2.06
H282 LHG V . -28.11 9.26 -3.16
H291 LHG V . -29.55 7.52 -2.97
H292 LHG V . -30.61 8.31 -2.17
H301 LHG V . -29.78 7.49 -0.37
H302 LHG V . -28.46 8.24 -0.63
H311 LHG V . -28.07 6.14 -2.09
H312 LHG V . -29.01 5.58 -0.99
H321 LHG V . -27.37 6.46 0.66
H322 LHG V . -26.40 6.47 -0.57
H331 LHG V . -27.24 4.17 -0.94
H332 LHG V . -27.55 4.18 0.58
H341 LHG V . -25.02 4.77 0.63
H342 LHG V . -25.10 4.05 -0.76
H351 LHG V . -26.07 2.14 0.36
H352 LHG V . -25.75 2.84 1.70
H361 LHG V . -23.42 2.97 0.88
H362 LHG V . -23.86 1.91 -0.19
H371 LHG V . -24.27 1.41 2.57
H372 LHG V . -22.94 1.02 1.84
H381 LHG V . -24.25 -0.82 2.00
H382 LHG V . -24.09 -0.51 0.50
H383 LHG V . -25.46 -0.15 1.22
#